data_8Z0N
#
_entry.id   8Z0N
#
_entity_poly.entity_id   1
_entity_poly.type   'polypeptide(L)'
_entity_poly.pdbx_seq_one_letter_code
;GGGWYYGRITRADAEKLLSNKHEGAFLIRISESSPGDFSLSVKCPDGVQHFKVLRDAQSKFFLWVVKFNSLNELVEYHRT
ASVSRSQDVKLRDM
;
_entity_poly.pdbx_strand_id   A
#
# COMPACT_ATOMS: atom_id res chain seq x y z
N GLY A 1 -8.66 2.05 10.88
CA GLY A 1 -7.65 2.14 9.83
C GLY A 1 -6.46 1.28 10.15
N GLY A 2 -5.45 1.28 9.26
CA GLY A 2 -4.20 0.55 9.45
C GLY A 2 -4.25 -0.93 9.07
N GLY A 3 -5.38 -1.39 8.51
CA GLY A 3 -5.57 -2.75 8.01
C GLY A 3 -4.73 -3.06 6.77
N TRP A 4 -4.14 -2.04 6.17
CA TRP A 4 -3.35 -2.15 4.95
C TRP A 4 -1.87 -2.47 5.15
N TYR A 5 -1.32 -2.43 6.36
CA TYR A 5 0.10 -2.71 6.60
C TYR A 5 0.38 -4.22 6.65
N TYR A 6 1.06 -4.76 5.63
CA TYR A 6 1.51 -6.16 5.58
C TYR A 6 3.03 -6.36 5.70
N GLY A 7 3.89 -5.33 5.64
CA GLY A 7 5.29 -5.45 6.09
C GLY A 7 6.15 -6.31 5.15
N ARG A 8 6.60 -7.47 5.63
CA ARG A 8 7.63 -8.35 5.02
C ARG A 8 7.33 -8.78 3.57
N ILE A 9 6.06 -8.80 3.18
CA ILE A 9 5.54 -9.29 1.89
C ILE A 9 6.35 -8.79 0.68
N THR A 10 6.51 -9.64 -0.33
CA THR A 10 7.15 -9.35 -1.63
C THR A 10 6.11 -9.02 -2.72
N ARG A 11 6.51 -8.49 -3.88
CA ARG A 11 5.65 -8.35 -5.07
C ARG A 11 4.99 -9.68 -5.51
N ALA A 12 5.73 -10.79 -5.59
CA ALA A 12 5.23 -12.09 -6.08
C ALA A 12 4.12 -12.68 -5.19
N ASP A 13 4.26 -12.55 -3.88
CA ASP A 13 3.16 -12.81 -2.94
C ASP A 13 2.01 -11.80 -3.12
N ALA A 14 2.28 -10.49 -3.16
CA ALA A 14 1.26 -9.43 -3.27
C ALA A 14 0.28 -9.65 -4.45
N GLU A 15 0.81 -9.85 -5.66
CA GLU A 15 0.07 -10.18 -6.89
C GLU A 15 -0.80 -11.45 -6.76
N LYS A 16 -0.38 -12.41 -5.92
CA LYS A 16 -1.11 -13.64 -5.59
C LYS A 16 -2.33 -13.35 -4.71
N LEU A 17 -2.11 -12.83 -3.51
CA LEU A 17 -3.16 -12.65 -2.50
C LEU A 17 -4.12 -11.48 -2.75
N LEU A 18 -3.65 -10.38 -3.32
CA LEU A 18 -4.38 -9.12 -3.41
C LEU A 18 -5.50 -9.12 -4.46
N SER A 19 -5.50 -10.10 -5.36
CA SER A 19 -6.63 -10.36 -6.26
C SER A 19 -7.94 -10.74 -5.53
N ASN A 20 -7.86 -11.12 -4.24
CA ASN A 20 -8.99 -11.37 -3.34
C ASN A 20 -9.54 -10.08 -2.70
N LYS A 21 -10.82 -9.74 -2.82
CA LYS A 21 -11.82 -10.27 -3.77
C LYS A 21 -12.56 -9.11 -4.48
N HIS A 22 -11.91 -7.94 -4.55
CA HIS A 22 -12.45 -6.65 -4.98
C HIS A 22 -11.34 -5.79 -5.62
N GLU A 23 -11.67 -5.03 -6.66
CA GLU A 23 -10.84 -3.95 -7.21
C GLU A 23 -10.69 -2.78 -6.21
N GLY A 24 -9.48 -2.21 -6.10
CA GLY A 24 -9.16 -1.08 -5.21
C GLY A 24 -8.63 -1.50 -3.84
N ALA A 25 -8.75 -2.79 -3.49
CA ALA A 25 -8.03 -3.40 -2.38
C ALA A 25 -6.53 -3.12 -2.51
N PHE A 26 -5.86 -2.92 -1.37
CA PHE A 26 -4.48 -2.49 -1.34
C PHE A 26 -3.71 -3.04 -0.13
N LEU A 27 -2.38 -3.10 -0.25
CA LEU A 27 -1.42 -3.42 0.82
C LEU A 27 -0.12 -2.63 0.69
N ILE A 28 0.50 -2.36 1.84
CA ILE A 28 1.77 -1.66 2.02
C ILE A 28 2.82 -2.67 2.50
N ARG A 29 3.98 -2.70 1.84
CA ARG A 29 5.04 -3.70 2.01
C ARG A 29 6.43 -3.11 1.86
N ILE A 30 7.41 -3.77 2.48
CA ILE A 30 8.81 -3.37 2.47
C ILE A 30 9.60 -4.07 1.35
N SER A 31 10.78 -3.54 0.98
CA SER A 31 11.79 -4.25 0.17
C SER A 31 12.62 -5.22 1.04
N GLU A 32 12.16 -6.46 1.22
CA GLU A 32 12.74 -7.46 2.15
C GLU A 32 14.23 -7.76 1.91
N SER A 33 14.69 -7.75 0.66
CA SER A 33 16.11 -7.89 0.30
C SER A 33 17.03 -6.75 0.78
N SER A 34 16.49 -5.57 1.09
CA SER A 34 17.20 -4.39 1.59
C SER A 34 16.19 -3.41 2.22
N PRO A 35 15.95 -3.50 3.54
CA PRO A 35 14.89 -2.75 4.21
C PRO A 35 15.06 -1.22 4.14
N GLY A 36 13.95 -0.49 4.36
CA GLY A 36 13.92 0.97 4.56
C GLY A 36 13.18 1.73 3.44
N ASP A 37 12.96 1.07 2.30
CA ASP A 37 12.05 1.48 1.22
C ASP A 37 10.82 0.56 1.13
N PHE A 38 9.75 1.06 0.53
CA PHE A 38 8.44 0.41 0.57
C PHE A 38 7.73 0.45 -0.79
N SER A 39 6.68 -0.35 -0.90
CA SER A 39 5.75 -0.41 -2.02
C SER A 39 4.32 -0.52 -1.53
N LEU A 40 3.49 0.32 -2.12
CA LEU A 40 2.05 0.12 -2.26
C LEU A 40 1.76 -0.85 -3.41
N SER A 41 0.82 -1.78 -3.21
CA SER A 41 0.22 -2.64 -4.23
C SER A 41 -1.31 -2.52 -4.18
N VAL A 42 -1.99 -2.62 -5.33
CA VAL A 42 -3.43 -2.40 -5.49
C VAL A 42 -4.02 -3.41 -6.46
N LYS A 43 -5.30 -3.76 -6.30
CA LYS A 43 -6.06 -4.61 -7.23
C LYS A 43 -6.67 -3.74 -8.33
N CYS A 44 -6.31 -4.02 -9.57
CA CYS A 44 -6.70 -3.29 -10.79
C CYS A 44 -7.52 -4.22 -11.73
N PRO A 45 -8.04 -3.74 -12.88
CA PRO A 45 -9.01 -4.48 -13.68
C PRO A 45 -8.39 -5.60 -14.53
N ASP A 46 -7.07 -5.57 -14.73
CA ASP A 46 -6.28 -6.59 -15.42
C ASP A 46 -5.49 -7.52 -14.47
N GLY A 47 -5.48 -7.25 -13.16
CA GLY A 47 -4.66 -7.98 -12.19
C GLY A 47 -4.36 -7.19 -10.91
N VAL A 48 -3.08 -7.06 -10.56
CA VAL A 48 -2.54 -6.30 -9.42
C VAL A 48 -1.38 -5.43 -9.90
N GLN A 49 -1.26 -4.22 -9.36
CA GLN A 49 -0.28 -3.20 -9.75
C GLN A 49 0.47 -2.66 -8.53
N HIS A 50 1.65 -2.05 -8.72
CA HIS A 50 2.49 -1.53 -7.65
C HIS A 50 3.06 -0.13 -7.86
N PHE A 51 3.32 0.57 -6.75
CA PHE A 51 3.79 1.94 -6.64
C PHE A 51 4.83 2.08 -5.51
N LYS A 52 6.07 2.41 -5.85
CA LYS A 52 7.14 2.73 -4.89
C LYS A 52 6.75 3.96 -4.03
N VAL A 53 6.97 3.88 -2.73
CA VAL A 53 6.67 4.93 -1.72
C VAL A 53 7.81 4.97 -0.69
N LEU A 54 8.27 6.17 -0.34
CA LEU A 54 9.54 6.38 0.37
C LEU A 54 9.42 7.46 1.45
N ARG A 55 10.48 7.62 2.26
CA ARG A 55 10.75 8.74 3.16
C ARG A 55 12.16 9.28 3.00
N ASP A 56 12.29 10.55 3.34
CA ASP A 56 13.53 11.32 3.34
C ASP A 56 14.17 11.35 4.74
N ALA A 57 15.42 11.81 4.80
CA ALA A 57 16.17 12.01 6.03
C ALA A 57 15.48 13.01 6.99
N GLN A 58 14.53 13.80 6.46
CA GLN A 58 13.66 14.72 7.22
C GLN A 58 12.55 14.01 8.04
N SER A 59 12.44 12.68 7.94
CA SER A 59 11.42 11.80 8.56
C SER A 59 10.00 12.06 8.00
N LYS A 60 9.95 12.47 6.73
CA LYS A 60 8.73 12.75 5.97
C LYS A 60 8.69 11.89 4.72
N PHE A 61 7.53 11.29 4.47
CA PHE A 61 7.26 10.43 3.34
C PHE A 61 6.93 11.21 2.05
N PHE A 62 7.18 10.60 0.89
CA PHE A 62 6.85 11.12 -0.44
C PHE A 62 6.44 10.01 -1.43
N LEU A 63 5.64 10.42 -2.42
CA LEU A 63 5.17 9.63 -3.55
C LEU A 63 5.43 10.41 -4.86
N TRP A 64 4.90 11.64 -4.92
CA TRP A 64 5.21 12.62 -5.95
C TRP A 64 6.44 13.45 -5.55
N VAL A 65 6.57 14.68 -6.07
CA VAL A 65 7.53 15.72 -5.62
C VAL A 65 7.19 16.33 -4.25
N VAL A 66 5.94 16.16 -3.78
CA VAL A 66 5.40 16.72 -2.53
C VAL A 66 5.48 15.71 -1.37
N LYS A 67 5.71 16.22 -0.15
CA LYS A 67 5.93 15.48 1.10
C LYS A 67 4.71 15.49 2.05
N PHE A 68 4.60 14.44 2.84
CA PHE A 68 3.58 14.19 3.87
C PHE A 68 4.18 13.47 5.10
N ASN A 69 3.56 13.66 6.27
CA ASN A 69 4.14 13.32 7.57
C ASN A 69 4.22 11.81 7.81
N SER A 70 3.24 11.05 7.32
CA SER A 70 3.24 9.59 7.25
C SER A 70 2.42 9.14 6.05
N LEU A 71 2.57 7.89 5.65
CA LEU A 71 1.73 7.25 4.63
C LEU A 71 0.25 7.28 5.00
N ASN A 72 -0.12 7.40 6.28
CA ASN A 72 -1.51 7.62 6.67
C ASN A 72 -2.10 8.93 6.11
N GLU A 73 -1.33 10.01 6.02
CA GLU A 73 -1.75 11.28 5.41
C GLU A 73 -1.83 11.25 3.88
N LEU A 74 -1.10 10.34 3.25
CA LEU A 74 -1.35 9.97 1.85
C LEU A 74 -2.67 9.21 1.71
N VAL A 75 -2.77 8.04 2.33
CA VAL A 75 -3.89 7.11 2.12
C VAL A 75 -5.24 7.74 2.47
N GLU A 76 -5.37 8.36 3.65
CA GLU A 76 -6.64 8.91 4.13
C GLU A 76 -7.21 10.05 3.26
N TYR A 77 -6.39 10.73 2.45
CA TYR A 77 -6.80 11.83 1.56
C TYR A 77 -6.72 11.47 0.06
N HIS A 78 -5.83 10.57 -0.36
CA HIS A 78 -5.74 10.07 -1.73
C HIS A 78 -6.93 9.17 -2.11
N ARG A 79 -7.55 8.48 -1.14
CA ARG A 79 -8.60 7.45 -1.35
C ARG A 79 -9.82 7.90 -2.14
N THR A 80 -10.15 9.20 -2.12
CA THR A 80 -11.27 9.80 -2.87
C THR A 80 -10.98 9.93 -4.38
N ALA A 81 -9.74 9.68 -4.85
CA ALA A 81 -9.27 9.81 -6.23
C ALA A 81 -8.52 8.57 -6.72
N SER A 82 -8.40 8.43 -8.04
CA SER A 82 -7.74 7.32 -8.71
C SER A 82 -6.22 7.34 -8.55
N VAL A 83 -5.64 6.15 -8.34
CA VAL A 83 -4.19 5.87 -8.39
C VAL A 83 -3.63 5.95 -9.82
N SER A 84 -4.48 5.81 -10.84
CA SER A 84 -4.15 5.82 -12.27
C SER A 84 -4.49 7.14 -13.00
N ARG A 85 -5.61 7.77 -12.63
CA ARG A 85 -6.28 8.89 -13.34
C ARG A 85 -6.76 8.54 -14.76
N SER A 86 -6.56 7.27 -15.18
CA SER A 86 -7.07 6.67 -16.42
C SER A 86 -7.82 5.35 -16.19
N GLN A 87 -7.92 4.85 -14.95
CA GLN A 87 -8.69 3.68 -14.51
C GLN A 87 -9.41 3.99 -13.17
N ASP A 88 -10.58 3.39 -12.91
CA ASP A 88 -11.44 3.59 -11.72
C ASP A 88 -10.98 2.79 -10.48
N VAL A 89 -9.66 2.67 -10.31
CA VAL A 89 -8.95 2.05 -9.18
C VAL A 89 -8.63 3.10 -8.12
N LYS A 90 -9.29 2.99 -6.96
CA LYS A 90 -9.07 3.83 -5.78
C LYS A 90 -8.90 2.98 -4.53
N LEU A 91 -8.05 3.44 -3.62
CA LEU A 91 -7.70 2.70 -2.41
C LEU A 91 -8.95 2.53 -1.51
N ARG A 92 -9.30 1.30 -1.12
CA ARG A 92 -10.44 0.94 -0.28
C ARG A 92 -10.19 -0.35 0.53
N ASP A 93 -10.62 -0.38 1.78
CA ASP A 93 -10.44 -1.48 2.74
C ASP A 93 -11.68 -1.58 3.66
N MET A 94 -12.21 -2.81 3.85
CA MET A 94 -13.37 -3.15 4.69
C MET A 94 -13.09 -4.30 5.67
N GLY A 1 -9.38 3.09 10.47
CA GLY A 1 -9.16 2.31 9.26
C GLY A 1 -9.23 0.83 9.56
N GLY A 2 -9.36 0.04 8.51
CA GLY A 2 -9.44 -1.41 8.56
C GLY A 2 -8.16 -2.12 9.04
N GLY A 3 -8.32 -3.40 9.36
CA GLY A 3 -7.30 -4.34 9.86
C GLY A 3 -6.20 -4.75 8.87
N TRP A 4 -5.78 -3.84 7.99
CA TRP A 4 -4.91 -4.06 6.84
C TRP A 4 -3.39 -4.10 7.17
N TYR A 5 -3.00 -4.03 8.45
CA TYR A 5 -1.58 -4.05 8.88
C TYR A 5 -1.10 -5.48 9.22
N TYR A 6 -0.46 -6.16 8.27
CA TYR A 6 -0.18 -7.60 8.31
C TYR A 6 1.25 -7.98 8.77
N GLY A 7 2.16 -7.01 8.99
CA GLY A 7 3.54 -7.27 9.41
C GLY A 7 4.43 -7.88 8.32
N ARG A 8 5.35 -8.80 8.69
CA ARG A 8 6.52 -9.21 7.90
C ARG A 8 6.23 -10.17 6.71
N ILE A 9 4.99 -10.16 6.24
CA ILE A 9 4.43 -11.02 5.19
C ILE A 9 5.11 -10.77 3.82
N THR A 10 5.36 -11.84 3.05
CA THR A 10 5.94 -11.82 1.69
C THR A 10 4.88 -11.56 0.61
N ARG A 11 5.30 -11.17 -0.60
CA ARG A 11 4.41 -10.99 -1.76
C ARG A 11 3.60 -12.25 -2.07
N ALA A 12 4.25 -13.42 -2.03
CA ALA A 12 3.65 -14.68 -2.42
C ALA A 12 2.54 -15.14 -1.47
N ASP A 13 2.67 -14.83 -0.16
CA ASP A 13 1.55 -14.96 0.78
C ASP A 13 0.50 -13.86 0.56
N ALA A 14 0.88 -12.57 0.40
CA ALA A 14 -0.06 -11.45 0.24
C ALA A 14 -1.06 -11.66 -0.92
N GLU A 15 -0.57 -11.90 -2.13
CA GLU A 15 -1.37 -12.23 -3.32
C GLU A 15 -2.40 -13.35 -3.07
N LYS A 16 -2.04 -14.39 -2.30
CA LYS A 16 -2.82 -15.59 -1.97
C LYS A 16 -4.05 -15.31 -1.08
N LEU A 17 -3.82 -14.67 0.07
CA LEU A 17 -4.88 -14.29 1.03
C LEU A 17 -5.68 -13.06 0.57
N LEU A 18 -5.12 -12.26 -0.32
CA LEU A 18 -5.73 -11.05 -0.88
C LEU A 18 -6.61 -11.35 -2.10
N SER A 19 -6.30 -12.35 -2.95
CA SER A 19 -7.20 -12.75 -4.04
C SER A 19 -8.53 -13.36 -3.56
N ASN A 20 -8.66 -13.71 -2.28
CA ASN A 20 -9.88 -14.24 -1.67
C ASN A 20 -10.88 -13.15 -1.24
N LYS A 21 -10.39 -11.91 -1.11
CA LYS A 21 -11.14 -10.72 -0.70
C LYS A 21 -11.92 -10.08 -1.85
N HIS A 22 -12.66 -9.02 -1.53
CA HIS A 22 -13.24 -8.10 -2.51
C HIS A 22 -12.19 -7.10 -3.00
N GLU A 23 -12.49 -6.42 -4.11
CA GLU A 23 -11.68 -5.31 -4.63
C GLU A 23 -11.64 -4.15 -3.63
N GLY A 24 -10.45 -3.56 -3.42
CA GLY A 24 -10.21 -2.53 -2.41
C GLY A 24 -9.97 -3.03 -0.99
N ALA A 25 -9.95 -4.35 -0.74
CA ALA A 25 -9.15 -4.88 0.36
C ALA A 25 -7.67 -4.63 0.02
N PHE A 26 -6.87 -4.25 1.02
CA PHE A 26 -5.42 -4.08 0.91
C PHE A 26 -4.69 -4.78 2.05
N LEU A 27 -3.35 -4.88 1.98
CA LEU A 27 -2.52 -5.00 3.17
C LEU A 27 -1.14 -4.36 3.01
N ILE A 28 -0.74 -3.69 4.09
CA ILE A 28 0.59 -3.15 4.39
C ILE A 28 1.47 -4.27 4.94
N ARG A 29 2.67 -4.40 4.42
CA ARG A 29 3.69 -5.39 4.78
C ARG A 29 5.11 -4.79 4.81
N ILE A 30 6.03 -5.42 5.54
CA ILE A 30 7.45 -5.03 5.68
C ILE A 30 8.38 -6.21 5.34
N SER A 31 9.61 -5.92 4.94
CA SER A 31 10.68 -6.91 4.79
C SER A 31 11.24 -7.35 6.16
N GLU A 32 11.34 -8.65 6.37
CA GLU A 32 12.04 -9.26 7.52
C GLU A 32 13.58 -9.13 7.39
N SER A 33 14.13 -9.34 6.19
CA SER A 33 15.57 -9.31 5.92
C SER A 33 16.14 -7.89 5.80
N SER A 34 15.33 -6.93 5.36
CA SER A 34 15.68 -5.53 5.22
C SER A 34 14.59 -4.63 5.86
N PRO A 35 14.44 -4.60 7.21
CA PRO A 35 13.46 -3.73 7.87
C PRO A 35 13.59 -2.24 7.46
N GLY A 36 12.48 -1.49 7.48
CA GLY A 36 12.39 -0.14 6.89
C GLY A 36 11.98 -0.12 5.40
N ASP A 37 12.05 -1.27 4.70
CA ASP A 37 11.42 -1.49 3.39
C ASP A 37 9.97 -1.99 3.52
N PHE A 38 9.02 -1.25 2.95
CA PHE A 38 7.58 -1.50 3.06
C PHE A 38 6.88 -1.49 1.69
N SER A 39 5.70 -2.11 1.65
CA SER A 39 4.83 -2.19 0.49
C SER A 39 3.35 -2.26 0.90
N LEU A 40 2.48 -1.63 0.12
CA LEU A 40 1.03 -1.75 0.15
C LEU A 40 0.64 -2.65 -1.04
N SER A 41 -0.24 -3.63 -0.81
CA SER A 41 -0.83 -4.46 -1.88
C SER A 41 -2.35 -4.34 -1.82
N VAL A 42 -3.02 -4.45 -2.96
CA VAL A 42 -4.49 -4.29 -3.18
C VAL A 42 -5.02 -5.39 -4.08
N LYS A 43 -6.28 -5.80 -3.89
CA LYS A 43 -7.03 -6.57 -4.89
C LYS A 43 -7.74 -5.64 -5.88
N CYS A 44 -7.52 -5.90 -7.16
CA CYS A 44 -8.22 -5.33 -8.31
C CYS A 44 -9.02 -6.41 -9.06
N PRO A 45 -9.83 -6.05 -10.07
CA PRO A 45 -10.69 -7.02 -10.77
C PRO A 45 -9.92 -8.03 -11.63
N ASP A 46 -8.71 -7.69 -12.07
CA ASP A 46 -7.78 -8.53 -12.84
C ASP A 46 -6.81 -9.36 -11.99
N GLY A 47 -6.64 -9.07 -10.70
CA GLY A 47 -5.64 -9.69 -9.83
C GLY A 47 -5.27 -8.77 -8.65
N VAL A 48 -4.23 -9.13 -7.92
CA VAL A 48 -3.57 -8.35 -6.86
C VAL A 48 -2.39 -7.53 -7.41
N GLN A 49 -2.35 -6.26 -7.03
CA GLN A 49 -1.46 -5.22 -7.51
C GLN A 49 -0.75 -4.55 -6.31
N HIS A 50 0.40 -3.94 -6.56
CA HIS A 50 1.36 -3.56 -5.54
C HIS A 50 1.90 -2.13 -5.72
N PHE A 51 2.22 -1.47 -4.59
CA PHE A 51 2.76 -0.11 -4.49
C PHE A 51 3.88 -0.06 -3.43
N LYS A 52 5.12 0.25 -3.78
CA LYS A 52 6.18 0.52 -2.79
C LYS A 52 5.83 1.82 -2.02
N VAL A 53 5.85 1.75 -0.69
CA VAL A 53 5.57 2.86 0.25
C VAL A 53 6.83 3.12 1.08
N LEU A 54 7.40 4.32 0.91
CA LEU A 54 8.80 4.63 1.28
C LEU A 54 8.87 5.98 2.00
N ARG A 55 10.03 6.32 2.56
CA ARG A 55 10.20 7.45 3.50
C ARG A 55 11.18 8.51 2.99
N ASP A 56 10.77 9.76 3.16
CA ASP A 56 11.51 11.00 2.88
C ASP A 56 12.65 11.20 3.89
N ALA A 57 13.57 12.13 3.64
CA ALA A 57 14.69 12.50 4.52
C ALA A 57 14.27 12.75 5.97
N GLN A 58 13.02 13.20 6.21
CA GLN A 58 12.44 13.44 7.54
C GLN A 58 11.98 12.15 8.27
N SER A 59 12.21 10.98 7.65
CA SER A 59 11.69 9.66 8.03
C SER A 59 10.16 9.62 8.15
N LYS A 60 9.50 10.31 7.20
CA LYS A 60 8.05 10.34 6.99
C LYS A 60 7.70 9.61 5.71
N PHE A 61 6.85 8.60 5.82
CA PHE A 61 6.44 7.74 4.72
C PHE A 61 5.44 8.47 3.81
N PHE A 62 5.46 8.12 2.53
CA PHE A 62 4.62 8.70 1.49
C PHE A 62 4.22 7.64 0.45
N LEU A 63 3.12 7.95 -0.23
CA LEU A 63 2.56 7.24 -1.39
C LEU A 63 1.84 8.25 -2.28
N TRP A 64 0.88 8.97 -1.70
CA TRP A 64 0.24 10.11 -2.34
C TRP A 64 1.06 11.40 -2.15
N VAL A 65 0.41 12.55 -2.30
CA VAL A 65 1.00 13.90 -2.21
C VAL A 65 1.38 14.30 -0.78
N VAL A 66 0.66 13.79 0.21
CA VAL A 66 0.89 14.06 1.65
C VAL A 66 1.72 12.93 2.29
N LYS A 67 2.62 13.28 3.23
CA LYS A 67 3.52 12.42 4.01
C LYS A 67 3.22 12.41 5.52
N PHE A 68 3.45 11.26 6.16
CA PHE A 68 3.09 10.98 7.56
C PHE A 68 4.22 10.21 8.27
N ASN A 69 4.33 10.31 9.59
CA ASN A 69 5.38 9.65 10.38
C ASN A 69 5.16 8.11 10.52
N SER A 70 4.01 7.60 10.06
CA SER A 70 3.70 6.18 10.05
C SER A 70 2.72 5.76 8.93
N LEU A 71 2.78 4.48 8.51
CA LEU A 71 1.86 3.87 7.55
C LEU A 71 0.42 3.82 8.09
N ASN A 72 0.23 3.68 9.41
CA ASN A 72 -1.09 3.74 10.08
C ASN A 72 -1.79 5.08 9.87
N GLU A 73 -1.05 6.18 10.01
CA GLU A 73 -1.50 7.53 9.72
C GLU A 73 -1.73 7.77 8.22
N LEU A 74 -0.84 7.28 7.35
CA LEU A 74 -0.99 7.39 5.89
C LEU A 74 -2.25 6.69 5.37
N VAL A 75 -2.55 5.49 5.89
CA VAL A 75 -3.74 4.69 5.56
C VAL A 75 -5.02 5.34 6.10
N GLU A 76 -5.00 5.82 7.33
CA GLU A 76 -6.15 6.50 7.96
C GLU A 76 -6.53 7.81 7.24
N TYR A 77 -5.60 8.51 6.59
CA TYR A 77 -5.92 9.62 5.68
C TYR A 77 -6.38 9.14 4.30
N HIS A 78 -5.62 8.25 3.64
CA HIS A 78 -5.76 8.00 2.19
C HIS A 78 -6.98 7.15 1.81
N ARG A 79 -7.65 6.53 2.78
CA ARG A 79 -9.01 5.94 2.67
C ARG A 79 -10.10 6.95 2.27
N THR A 80 -9.75 8.24 2.23
CA THR A 80 -10.58 9.34 1.72
C THR A 80 -10.57 9.39 0.18
N ALA A 81 -9.57 8.80 -0.48
CA ALA A 81 -9.37 8.90 -1.92
C ALA A 81 -9.04 7.56 -2.63
N SER A 82 -8.97 7.57 -3.97
CA SER A 82 -8.49 6.47 -4.81
C SER A 82 -6.96 6.34 -4.82
N VAL A 83 -6.46 5.15 -5.11
CA VAL A 83 -5.03 4.79 -5.23
C VAL A 83 -4.46 4.90 -6.65
N SER A 84 -5.28 5.35 -7.59
CA SER A 84 -4.89 5.75 -8.95
C SER A 84 -5.94 6.65 -9.61
N ARG A 85 -5.50 7.64 -10.40
CA ARG A 85 -6.34 8.69 -10.98
C ARG A 85 -7.37 8.17 -12.00
N SER A 86 -7.07 7.03 -12.61
CA SER A 86 -7.94 6.37 -13.62
C SER A 86 -8.77 5.20 -13.06
N GLN A 87 -8.80 4.99 -11.74
CA GLN A 87 -9.34 3.80 -11.09
C GLN A 87 -10.26 4.15 -9.91
N ASP A 88 -11.26 3.31 -9.59
CA ASP A 88 -12.23 3.58 -8.53
C ASP A 88 -11.87 2.90 -7.18
N VAL A 89 -10.69 2.28 -7.08
CA VAL A 89 -10.25 1.45 -5.94
C VAL A 89 -9.71 2.28 -4.75
N LYS A 90 -10.30 2.07 -3.57
CA LYS A 90 -9.95 2.72 -2.29
C LYS A 90 -10.01 1.80 -1.08
N LEU A 91 -9.32 2.16 0.00
CA LEU A 91 -9.22 1.38 1.24
C LEU A 91 -10.60 1.20 1.91
N ARG A 92 -11.08 -0.05 1.97
CA ARG A 92 -12.30 -0.47 2.68
C ARG A 92 -12.13 -0.40 4.22
N ASP A 93 -13.24 -0.45 4.97
CA ASP A 93 -13.30 -0.30 6.43
C ASP A 93 -13.70 -1.61 7.15
N MET A 94 -13.29 -2.75 6.59
CA MET A 94 -13.62 -4.10 7.12
C MET A 94 -12.93 -4.38 8.46
N GLY A 1 -7.35 -8.64 13.57
CA GLY A 1 -7.25 -7.27 14.08
C GLY A 1 -6.14 -6.54 13.37
N GLY A 2 -6.05 -5.22 13.53
CA GLY A 2 -5.02 -4.39 12.91
C GLY A 2 -5.41 -3.85 11.53
N GLY A 3 -4.72 -2.80 11.08
CA GLY A 3 -5.02 -2.12 9.83
C GLY A 3 -4.33 -2.79 8.63
N TRP A 4 -4.12 -2.01 7.56
CA TRP A 4 -3.53 -2.47 6.30
C TRP A 4 -2.08 -2.98 6.38
N TYR A 5 -1.39 -2.80 7.50
CA TYR A 5 -0.01 -3.28 7.68
C TYR A 5 0.06 -4.81 7.79
N TYR A 6 0.79 -5.44 6.86
CA TYR A 6 1.00 -6.89 6.74
C TYR A 6 2.40 -7.36 7.19
N GLY A 7 3.30 -6.45 7.56
CA GLY A 7 4.64 -6.78 8.02
C GLY A 7 5.61 -7.09 6.89
N ARG A 8 6.53 -8.03 7.16
CA ARG A 8 7.73 -8.40 6.38
C ARG A 8 7.47 -9.06 5.02
N ILE A 9 6.21 -9.08 4.61
CA ILE A 9 5.64 -9.74 3.44
C ILE A 9 6.29 -9.28 2.12
N THR A 10 6.65 -10.22 1.24
CA THR A 10 7.15 -9.99 -0.13
C THR A 10 6.04 -9.73 -1.17
N ARG A 11 6.39 -9.23 -2.36
CA ARG A 11 5.52 -9.05 -3.53
C ARG A 11 4.81 -10.35 -3.94
N ALA A 12 5.55 -11.44 -4.10
CA ALA A 12 5.01 -12.71 -4.56
C ALA A 12 3.90 -13.27 -3.66
N ASP A 13 4.08 -13.17 -2.35
CA ASP A 13 3.00 -13.42 -1.41
C ASP A 13 1.87 -12.43 -1.61
N ALA A 14 2.17 -11.14 -1.65
CA ALA A 14 1.18 -10.07 -1.70
C ALA A 14 0.19 -10.25 -2.85
N GLU A 15 0.67 -10.46 -4.09
CA GLU A 15 -0.17 -10.62 -5.29
C GLU A 15 -1.10 -11.84 -5.19
N LYS A 16 -0.63 -12.91 -4.52
CA LYS A 16 -1.39 -14.14 -4.23
C LYS A 16 -2.57 -13.91 -3.27
N LEU A 17 -2.32 -13.36 -2.07
CA LEU A 17 -3.37 -13.08 -1.06
C LEU A 17 -4.25 -11.87 -1.38
N LEU A 18 -3.79 -10.95 -2.23
CA LEU A 18 -4.49 -9.71 -2.56
C LEU A 18 -5.34 -9.83 -3.83
N SER A 19 -4.92 -10.57 -4.87
CA SER A 19 -5.74 -10.75 -6.08
C SER A 19 -7.05 -11.49 -5.79
N ASN A 20 -7.13 -12.25 -4.70
CA ASN A 20 -8.36 -12.89 -4.21
C ASN A 20 -9.43 -11.92 -3.63
N LYS A 21 -9.06 -10.68 -3.30
CA LYS A 21 -9.91 -9.68 -2.58
C LYS A 21 -10.70 -8.75 -3.52
N HIS A 22 -11.52 -7.88 -2.91
CA HIS A 22 -12.25 -6.77 -3.57
C HIS A 22 -11.30 -5.73 -4.18
N GLU A 23 -11.69 -5.06 -5.26
CA GLU A 23 -10.89 -4.00 -5.89
C GLU A 23 -10.75 -2.83 -4.91
N GLY A 24 -9.55 -2.28 -4.71
CA GLY A 24 -9.30 -1.29 -3.66
C GLY A 24 -9.13 -1.84 -2.24
N ALA A 25 -8.99 -3.17 -2.09
CA ALA A 25 -8.24 -3.71 -0.98
C ALA A 25 -6.74 -3.40 -1.19
N PHE A 26 -6.02 -3.07 -0.13
CA PHE A 26 -4.58 -2.79 -0.14
C PHE A 26 -3.85 -3.49 1.03
N LEU A 27 -2.52 -3.43 1.01
CA LEU A 27 -1.64 -3.77 2.14
C LEU A 27 -0.32 -3.00 2.11
N ILE A 28 0.18 -2.66 3.28
CA ILE A 28 1.47 -2.03 3.52
C ILE A 28 2.47 -3.09 4.04
N ARG A 29 3.68 -3.14 3.48
CA ARG A 29 4.73 -4.14 3.77
C ARG A 29 6.16 -3.59 3.67
N ILE A 30 7.06 -4.14 4.48
CA ILE A 30 8.50 -3.85 4.54
C ILE A 30 9.26 -5.03 3.92
N SER A 31 10.30 -4.77 3.12
CA SER A 31 11.17 -5.82 2.57
C SER A 31 11.98 -6.54 3.66
N GLU A 32 11.82 -7.86 3.79
CA GLU A 32 12.66 -8.71 4.65
C GLU A 32 14.10 -8.86 4.13
N SER A 33 14.30 -8.72 2.82
CA SER A 33 15.62 -8.82 2.17
C SER A 33 16.43 -7.54 2.27
N SER A 34 15.78 -6.38 2.36
CA SER A 34 16.44 -5.11 2.56
C SER A 34 15.59 -4.15 3.42
N PRO A 35 15.59 -4.31 4.76
CA PRO A 35 14.77 -3.48 5.63
C PRO A 35 15.03 -1.98 5.57
N GLY A 36 13.98 -1.24 5.92
CA GLY A 36 13.88 0.23 5.91
C GLY A 36 13.22 0.84 4.68
N ASP A 37 12.93 0.01 3.67
CA ASP A 37 12.17 0.34 2.47
C ASP A 37 10.84 -0.41 2.49
N PHE A 38 9.80 0.30 2.04
CA PHE A 38 8.39 -0.02 2.27
C PHE A 38 7.56 0.14 0.99
N SER A 39 6.54 -0.70 0.84
CA SER A 39 5.68 -0.81 -0.35
C SER A 39 4.22 -0.94 0.05
N LEU A 40 3.37 -0.23 -0.68
CA LEU A 40 1.93 -0.38 -0.72
C LEU A 40 1.56 -1.23 -1.95
N SER A 41 0.64 -2.17 -1.80
CA SER A 41 0.05 -2.93 -2.91
C SER A 41 -1.46 -2.86 -2.90
N VAL A 42 -2.09 -2.97 -4.08
CA VAL A 42 -3.56 -2.87 -4.26
C VAL A 42 -4.09 -3.90 -5.26
N LYS A 43 -5.33 -4.36 -5.06
CA LYS A 43 -6.08 -5.15 -6.07
C LYS A 43 -6.75 -4.22 -7.11
N CYS A 44 -6.50 -4.50 -8.38
CA CYS A 44 -7.01 -3.86 -9.59
C CYS A 44 -7.91 -4.84 -10.40
N PRO A 45 -8.71 -4.36 -11.38
CA PRO A 45 -9.56 -5.22 -12.22
C PRO A 45 -8.73 -6.15 -13.12
N ASP A 46 -7.52 -5.70 -13.50
CA ASP A 46 -6.59 -6.47 -14.34
C ASP A 46 -5.54 -7.27 -13.53
N GLY A 47 -5.43 -7.04 -12.21
CA GLY A 47 -4.49 -7.81 -11.37
C GLY A 47 -4.22 -7.24 -9.97
N VAL A 48 -2.99 -7.32 -9.50
CA VAL A 48 -2.48 -6.59 -8.33
C VAL A 48 -1.35 -5.68 -8.82
N GLN A 49 -1.30 -4.47 -8.26
CA GLN A 49 -0.42 -3.35 -8.64
C GLN A 49 0.34 -2.84 -7.41
N HIS A 50 1.40 -2.05 -7.66
CA HIS A 50 2.42 -1.68 -6.69
C HIS A 50 2.62 -0.16 -6.63
N PHE A 51 2.82 0.34 -5.41
CA PHE A 51 3.30 1.69 -5.15
C PHE A 51 4.40 1.65 -4.07
N LYS A 52 5.63 1.95 -4.43
CA LYS A 52 6.70 2.24 -3.47
C LYS A 52 6.26 3.42 -2.57
N VAL A 53 6.48 3.32 -1.27
CA VAL A 53 6.13 4.34 -0.25
C VAL A 53 7.36 4.62 0.61
N LEU A 54 8.36 5.19 -0.06
CA LEU A 54 9.69 5.49 0.47
C LEU A 54 9.68 6.73 1.40
N ARG A 55 10.82 6.97 2.05
CA ARG A 55 11.05 8.11 2.96
C ARG A 55 12.25 8.93 2.49
N ASP A 56 12.14 10.24 2.70
CA ASP A 56 13.16 11.27 2.39
C ASP A 56 14.05 11.59 3.63
N ALA A 57 15.12 12.36 3.45
CA ALA A 57 16.11 12.78 4.46
C ALA A 57 15.50 13.61 5.61
N GLN A 58 14.27 14.10 5.43
CA GLN A 58 13.45 14.73 6.47
C GLN A 58 12.77 13.72 7.43
N SER A 59 12.97 12.40 7.26
CA SER A 59 12.23 11.30 7.91
C SER A 59 10.72 11.39 7.66
N LYS A 60 10.34 11.72 6.42
CA LYS A 60 8.94 11.83 5.99
C LYS A 60 8.68 10.89 4.80
N PHE A 61 7.62 10.11 4.90
CA PHE A 61 7.14 9.19 3.88
C PHE A 61 6.41 9.90 2.74
N PHE A 62 6.58 9.41 1.51
CA PHE A 62 5.99 9.96 0.31
C PHE A 62 5.55 8.88 -0.69
N LEU A 63 4.70 9.28 -1.64
CA LEU A 63 4.24 8.46 -2.77
C LEU A 63 4.26 9.29 -4.06
N TRP A 64 3.54 10.41 -4.06
CA TRP A 64 3.78 11.50 -5.00
C TRP A 64 4.56 12.66 -4.33
N VAL A 65 4.27 13.91 -4.68
CA VAL A 65 4.89 15.12 -4.08
C VAL A 65 4.43 15.38 -2.63
N VAL A 66 3.31 14.78 -2.23
CA VAL A 66 2.79 14.77 -0.85
C VAL A 66 3.67 14.00 0.14
N LYS A 67 3.81 14.55 1.35
CA LYS A 67 4.65 14.02 2.44
C LYS A 67 3.88 13.82 3.77
N PHE A 68 4.29 12.81 4.54
CA PHE A 68 3.68 12.37 5.79
C PHE A 68 4.71 11.87 6.84
N ASN A 69 4.44 11.99 8.14
CA ASN A 69 5.32 11.54 9.24
C ASN A 69 5.29 10.02 9.51
N SER A 70 4.27 9.33 9.01
CA SER A 70 4.07 7.89 9.16
C SER A 70 3.26 7.33 7.98
N LEU A 71 3.43 6.05 7.64
CA LEU A 71 2.69 5.37 6.59
C LEU A 71 1.18 5.33 6.89
N ASN A 72 0.79 5.30 8.16
CA ASN A 72 -0.62 5.38 8.54
C ASN A 72 -1.26 6.73 8.13
N GLU A 73 -0.53 7.83 8.21
CA GLU A 73 -0.99 9.16 7.76
C GLU A 73 -0.97 9.32 6.23
N LEU A 74 -0.06 8.62 5.55
CA LEU A 74 -0.02 8.51 4.09
C LEU A 74 -1.29 7.80 3.58
N VAL A 75 -1.57 6.63 4.16
CA VAL A 75 -2.76 5.78 3.96
C VAL A 75 -4.06 6.53 4.19
N GLU A 76 -4.18 7.20 5.33
CA GLU A 76 -5.38 7.98 5.69
C GLU A 76 -5.68 9.10 4.68
N TYR A 77 -4.65 9.72 4.09
CA TYR A 77 -4.85 10.66 2.98
C TYR A 77 -5.35 9.99 1.69
N HIS A 78 -4.82 8.82 1.31
CA HIS A 78 -5.20 8.11 0.09
C HIS A 78 -6.56 7.37 0.19
N ARG A 79 -7.34 7.59 1.27
CA ARG A 79 -8.73 7.11 1.41
C ARG A 79 -9.80 8.05 0.83
N THR A 80 -9.55 9.35 0.73
CA THR A 80 -10.55 10.38 0.28
C THR A 80 -10.54 10.67 -1.24
N ALA A 81 -9.58 10.10 -1.96
CA ALA A 81 -9.31 10.27 -3.39
C ALA A 81 -8.64 9.01 -3.96
N SER A 82 -8.79 8.79 -5.26
CA SER A 82 -8.25 7.62 -5.96
C SER A 82 -6.72 7.61 -6.08
N VAL A 83 -6.13 6.40 -6.11
CA VAL A 83 -4.68 6.16 -6.17
C VAL A 83 -4.16 6.15 -7.61
N SER A 84 -5.01 6.59 -8.55
CA SER A 84 -4.79 6.76 -9.97
C SER A 84 -5.60 7.97 -10.47
N ARG A 85 -5.18 8.58 -11.58
CA ARG A 85 -5.97 9.51 -12.40
C ARG A 85 -6.88 8.82 -13.43
N SER A 86 -6.62 7.55 -13.76
CA SER A 86 -7.28 6.72 -14.79
C SER A 86 -8.30 5.70 -14.26
N GLN A 87 -8.08 5.19 -13.04
CA GLN A 87 -8.92 4.24 -12.31
C GLN A 87 -9.44 4.87 -10.99
N ASP A 88 -10.63 4.48 -10.54
CA ASP A 88 -11.33 5.10 -9.40
C ASP A 88 -11.03 4.38 -8.06
N VAL A 89 -9.97 3.55 -8.04
CA VAL A 89 -9.58 2.72 -6.90
C VAL A 89 -9.16 3.60 -5.71
N LYS A 90 -9.74 3.34 -4.53
CA LYS A 90 -9.44 3.95 -3.22
C LYS A 90 -9.44 2.94 -2.07
N LEU A 91 -8.76 3.29 -0.97
CA LEU A 91 -8.54 2.45 0.21
C LEU A 91 -9.83 2.14 1.00
N ARG A 92 -10.26 0.88 0.86
CA ARG A 92 -11.31 0.19 1.64
C ARG A 92 -10.81 -0.34 2.98
N ASP A 93 -11.74 -0.67 3.86
CA ASP A 93 -11.54 -1.25 5.20
C ASP A 93 -12.66 -2.27 5.47
N MET A 94 -12.30 -3.52 5.77
CA MET A 94 -13.17 -4.68 6.05
C MET A 94 -12.44 -5.68 6.98
N GLY A 1 -5.04 -9.82 14.24
CA GLY A 1 -5.73 -8.72 13.56
C GLY A 1 -4.81 -7.53 13.44
N GLY A 2 -5.04 -6.72 12.41
CA GLY A 2 -4.38 -5.46 12.10
C GLY A 2 -4.95 -4.77 10.84
N GLY A 3 -4.37 -3.63 10.49
CA GLY A 3 -4.73 -2.75 9.37
C GLY A 3 -4.15 -3.12 8.00
N TRP A 4 -4.18 -2.20 7.04
CA TRP A 4 -3.71 -2.46 5.67
C TRP A 4 -2.17 -2.66 5.56
N TYR A 5 -1.36 -2.23 6.55
CA TYR A 5 0.09 -2.48 6.61
C TYR A 5 0.40 -3.91 7.07
N TYR A 6 1.12 -4.67 6.24
CA TYR A 6 1.51 -6.09 6.46
C TYR A 6 3.00 -6.25 6.80
N GLY A 7 3.80 -5.18 6.75
CA GLY A 7 5.24 -5.25 6.97
C GLY A 7 5.92 -6.13 5.93
N ARG A 8 6.57 -7.20 6.41
CA ARG A 8 7.35 -8.15 5.61
C ARG A 8 6.44 -9.10 4.82
N ILE A 9 6.06 -8.63 3.65
CA ILE A 9 5.35 -9.34 2.59
C ILE A 9 5.98 -8.92 1.25
N THR A 10 6.23 -9.90 0.38
CA THR A 10 6.74 -9.72 -0.98
C THR A 10 5.61 -9.56 -2.01
N ARG A 11 5.91 -9.07 -3.22
CA ARG A 11 4.95 -9.00 -4.34
C ARG A 11 4.23 -10.32 -4.61
N ALA A 12 4.93 -11.46 -4.66
CA ALA A 12 4.33 -12.77 -4.98
C ALA A 12 3.30 -13.26 -3.95
N ASP A 13 3.56 -13.03 -2.66
CA ASP A 13 2.59 -13.27 -1.58
C ASP A 13 1.40 -12.32 -1.69
N ALA A 14 1.67 -11.02 -1.90
CA ALA A 14 0.66 -9.97 -2.04
C ALA A 14 -0.33 -10.28 -3.17
N GLU A 15 0.15 -10.57 -4.38
CA GLU A 15 -0.66 -10.96 -5.54
C GLU A 15 -1.60 -12.15 -5.25
N LYS A 16 -1.14 -13.13 -4.45
CA LYS A 16 -1.84 -14.37 -4.09
C LYS A 16 -3.09 -14.09 -3.25
N LEU A 17 -2.90 -13.52 -2.04
CA LEU A 17 -3.96 -13.14 -1.10
C LEU A 17 -4.87 -11.99 -1.56
N LEU A 18 -4.36 -11.11 -2.41
CA LEU A 18 -5.09 -9.94 -2.86
C LEU A 18 -6.00 -10.20 -4.07
N SER A 19 -5.80 -11.29 -4.83
CA SER A 19 -6.62 -11.65 -6.02
C SER A 19 -7.97 -12.30 -5.65
N ASN A 20 -8.47 -12.03 -4.44
CA ASN A 20 -9.74 -12.52 -3.93
C ASN A 20 -10.95 -11.76 -4.50
N LYS A 21 -12.12 -12.06 -3.94
CA LYS A 21 -13.45 -11.67 -4.43
C LYS A 21 -13.85 -10.24 -4.04
N HIS A 22 -12.91 -9.31 -4.18
CA HIS A 22 -13.09 -7.87 -3.95
C HIS A 22 -12.60 -7.04 -5.13
N GLU A 23 -12.75 -5.74 -5.04
CA GLU A 23 -12.18 -4.73 -5.94
C GLU A 23 -11.73 -3.50 -5.12
N GLY A 24 -10.55 -2.95 -5.45
CA GLY A 24 -9.95 -1.80 -4.75
C GLY A 24 -9.33 -2.12 -3.38
N ALA A 25 -9.37 -3.38 -2.96
CA ALA A 25 -8.61 -3.86 -1.80
C ALA A 25 -7.11 -3.67 -2.03
N PHE A 26 -6.37 -3.40 -0.96
CA PHE A 26 -4.95 -3.03 -1.01
C PHE A 26 -4.22 -3.44 0.28
N LEU A 27 -2.90 -3.53 0.18
CA LEU A 27 -1.99 -3.68 1.32
C LEU A 27 -0.69 -2.89 1.10
N ILE A 28 -0.03 -2.55 2.21
CA ILE A 28 1.26 -1.84 2.27
C ILE A 28 2.33 -2.78 2.84
N ARG A 29 3.47 -2.94 2.14
CA ARG A 29 4.54 -3.88 2.46
C ARG A 29 5.94 -3.36 2.10
N ILE A 30 6.97 -3.93 2.72
CA ILE A 30 8.39 -3.53 2.55
C ILE A 30 9.10 -4.43 1.53
N SER A 31 10.19 -3.94 0.96
CA SER A 31 11.21 -4.74 0.27
C SER A 31 12.17 -5.26 1.33
N GLU A 32 12.12 -6.56 1.65
CA GLU A 32 13.05 -7.14 2.62
C GLU A 32 14.51 -7.16 2.10
N SER A 33 14.71 -7.29 0.79
CA SER A 33 16.01 -7.12 0.11
C SER A 33 16.55 -5.69 0.13
N SER A 34 15.67 -4.68 0.08
CA SER A 34 16.03 -3.27 0.18
C SER A 34 15.28 -2.56 1.32
N PRO A 35 15.69 -2.78 2.59
CA PRO A 35 14.93 -2.35 3.76
C PRO A 35 14.87 -0.82 3.91
N GLY A 36 13.70 -0.35 4.32
CA GLY A 36 13.36 1.07 4.36
C GLY A 36 12.60 1.50 3.11
N ASP A 37 12.44 0.60 2.14
CA ASP A 37 11.69 0.85 0.91
C ASP A 37 10.36 0.08 0.90
N PHE A 38 9.28 0.77 0.53
CA PHE A 38 7.91 0.30 0.66
C PHE A 38 7.10 0.46 -0.63
N SER A 39 6.07 -0.37 -0.74
CA SER A 39 5.14 -0.44 -1.87
C SER A 39 3.72 -0.77 -1.42
N LEU A 40 2.77 -0.11 -2.07
CA LEU A 40 1.36 -0.47 -2.12
C LEU A 40 1.16 -1.61 -3.16
N SER A 41 0.25 -2.53 -2.88
CA SER A 41 -0.38 -3.46 -3.86
C SER A 41 -1.90 -3.30 -3.82
N VAL A 42 -2.60 -3.32 -4.96
CA VAL A 42 -4.06 -3.13 -5.07
C VAL A 42 -4.69 -4.17 -6.01
N LYS A 43 -5.93 -4.57 -5.74
CA LYS A 43 -6.78 -5.38 -6.63
C LYS A 43 -7.43 -4.52 -7.73
N CYS A 44 -7.27 -4.97 -8.97
CA CYS A 44 -7.70 -4.39 -10.25
C CYS A 44 -8.71 -5.35 -10.95
N PRO A 45 -9.37 -4.95 -12.06
CA PRO A 45 -10.38 -5.77 -12.75
C PRO A 45 -9.80 -7.10 -13.25
N ASP A 46 -8.60 -7.06 -13.82
CA ASP A 46 -7.94 -8.21 -14.45
C ASP A 46 -6.78 -8.85 -13.64
N GLY A 47 -6.47 -8.33 -12.45
CA GLY A 47 -5.41 -8.86 -11.59
C GLY A 47 -5.07 -7.95 -10.43
N VAL A 48 -3.82 -8.01 -9.98
CA VAL A 48 -3.25 -7.19 -8.90
C VAL A 48 -2.05 -6.39 -9.46
N GLN A 49 -1.92 -5.12 -9.08
CA GLN A 49 -0.83 -4.20 -9.51
C GLN A 49 -0.15 -3.52 -8.31
N HIS A 50 1.11 -3.09 -8.47
CA HIS A 50 1.89 -2.46 -7.39
C HIS A 50 2.40 -1.07 -7.75
N PHE A 51 2.61 -0.27 -6.70
CA PHE A 51 2.97 1.12 -6.75
C PHE A 51 3.91 1.47 -5.57
N LYS A 52 5.19 1.74 -5.83
CA LYS A 52 6.15 2.21 -4.81
C LYS A 52 5.62 3.47 -4.11
N VAL A 53 5.76 3.57 -2.79
CA VAL A 53 5.45 4.77 -1.97
C VAL A 53 6.75 5.24 -1.27
N LEU A 54 7.07 6.55 -1.32
CA LEU A 54 8.40 7.08 -1.02
C LEU A 54 8.42 7.90 0.30
N ARG A 55 9.61 8.22 0.81
CA ARG A 55 9.90 9.00 2.02
C ARG A 55 11.18 9.84 1.94
N ASP A 56 11.16 11.01 2.55
CA ASP A 56 12.34 11.85 2.79
C ASP A 56 13.26 11.27 3.88
N ALA A 57 14.50 11.76 3.98
CA ALA A 57 15.49 11.31 4.97
C ALA A 57 15.04 11.58 6.43
N GLN A 58 14.04 12.45 6.61
CA GLN A 58 13.34 12.73 7.89
C GLN A 58 12.22 11.70 8.24
N SER A 59 12.04 10.66 7.42
CA SER A 59 10.97 9.64 7.45
C SER A 59 9.54 10.22 7.33
N LYS A 60 9.40 11.29 6.53
CA LYS A 60 8.12 11.86 6.09
C LYS A 60 7.78 11.28 4.71
N PHE A 61 6.65 10.61 4.59
CA PHE A 61 6.20 9.88 3.39
C PHE A 61 5.49 10.80 2.37
N PHE A 62 5.66 10.54 1.08
CA PHE A 62 5.12 11.32 -0.03
C PHE A 62 4.78 10.45 -1.25
N LEU A 63 3.95 11.00 -2.14
CA LEU A 63 3.67 10.43 -3.49
C LEU A 63 4.27 11.30 -4.59
N TRP A 64 3.62 12.42 -4.90
CA TRP A 64 4.03 13.39 -5.92
C TRP A 64 4.80 14.56 -5.30
N VAL A 65 4.15 15.32 -4.40
CA VAL A 65 4.66 16.57 -3.78
C VAL A 65 4.23 16.67 -2.30
N VAL A 66 2.93 16.53 -2.00
CA VAL A 66 2.39 16.50 -0.61
C VAL A 66 3.00 15.42 0.28
N LYS A 67 3.09 15.71 1.60
CA LYS A 67 3.86 14.97 2.61
C LYS A 67 3.04 14.63 3.87
N PHE A 68 3.39 13.51 4.51
CA PHE A 68 2.70 12.82 5.61
C PHE A 68 3.70 12.23 6.63
N ASN A 69 3.32 12.10 7.90
CA ASN A 69 4.17 11.55 8.97
C ASN A 69 4.15 10.01 9.06
N SER A 70 3.26 9.35 8.30
CA SER A 70 3.05 7.89 8.29
C SER A 70 2.52 7.41 6.93
N LEU A 71 2.77 6.15 6.60
CA LEU A 71 2.07 5.38 5.57
C LEU A 71 0.55 5.32 5.81
N ASN A 72 0.09 5.36 7.07
CA ASN A 72 -1.33 5.39 7.41
C ASN A 72 -1.98 6.74 7.05
N GLU A 73 -1.29 7.85 7.31
CA GLU A 73 -1.72 9.20 6.89
C GLU A 73 -1.69 9.37 5.35
N LEU A 74 -0.64 8.85 4.69
CA LEU A 74 -0.52 8.74 3.22
C LEU A 74 -1.68 7.95 2.60
N VAL A 75 -1.95 6.74 3.09
CA VAL A 75 -3.14 5.96 2.77
C VAL A 75 -4.44 6.78 2.96
N GLU A 76 -4.58 7.45 4.10
CA GLU A 76 -5.80 8.16 4.49
C GLU A 76 -6.14 9.34 3.57
N TYR A 77 -5.10 9.99 3.04
CA TYR A 77 -5.20 10.88 1.88
C TYR A 77 -5.50 10.15 0.55
N HIS A 78 -4.66 9.19 0.12
CA HIS A 78 -4.63 8.60 -1.25
C HIS A 78 -5.95 7.93 -1.67
N ARG A 79 -6.74 7.40 -0.72
CA ARG A 79 -8.11 6.88 -0.95
C ARG A 79 -9.10 7.90 -1.55
N THR A 80 -8.81 9.21 -1.52
CA THR A 80 -9.66 10.27 -2.13
C THR A 80 -9.41 10.46 -3.63
N ALA A 81 -8.48 9.69 -4.20
CA ALA A 81 -8.06 9.68 -5.59
C ALA A 81 -7.83 8.23 -6.06
N SER A 82 -7.46 8.07 -7.32
CA SER A 82 -7.09 6.81 -7.95
C SER A 82 -5.60 6.44 -7.72
N VAL A 83 -5.25 5.15 -7.85
CA VAL A 83 -3.88 4.58 -7.70
C VAL A 83 -2.91 5.05 -8.80
N SER A 84 -3.47 5.54 -9.91
CA SER A 84 -2.77 6.06 -11.06
C SER A 84 -3.61 7.09 -11.80
N ARG A 85 -2.95 7.97 -12.55
CA ARG A 85 -3.55 8.97 -13.46
C ARG A 85 -4.32 8.33 -14.61
N SER A 86 -4.00 7.07 -14.92
CA SER A 86 -4.59 6.31 -16.03
C SER A 86 -5.31 5.04 -15.58
N GLN A 87 -5.87 5.03 -14.36
CA GLN A 87 -6.67 3.91 -13.83
C GLN A 87 -7.87 4.43 -13.04
N ASP A 88 -8.98 3.71 -13.13
CA ASP A 88 -10.20 3.95 -12.36
C ASP A 88 -10.17 3.33 -10.94
N VAL A 89 -9.18 2.48 -10.64
CA VAL A 89 -8.97 1.80 -9.34
C VAL A 89 -8.63 2.80 -8.21
N LYS A 90 -9.24 2.64 -7.03
CA LYS A 90 -8.98 3.41 -5.79
C LYS A 90 -8.90 2.52 -4.55
N LEU A 91 -8.23 3.00 -3.50
CA LEU A 91 -8.06 2.28 -2.23
C LEU A 91 -9.41 2.15 -1.51
N ARG A 92 -9.84 0.93 -1.22
CA ARG A 92 -11.06 0.53 -0.49
C ARG A 92 -10.74 -0.48 0.63
N ASP A 93 -11.54 -0.42 1.68
CA ASP A 93 -11.49 -1.27 2.86
C ASP A 93 -12.91 -1.50 3.41
N MET A 94 -13.05 -2.48 4.31
CA MET A 94 -14.28 -2.87 5.02
C MET A 94 -14.85 -1.79 5.96
N GLY A 1 -8.44 -8.90 16.17
CA GLY A 1 -7.33 -8.89 15.21
C GLY A 1 -6.59 -7.56 15.22
N GLY A 2 -5.53 -7.48 14.42
CA GLY A 2 -4.61 -6.34 14.34
C GLY A 2 -4.93 -5.29 13.26
N GLY A 3 -6.19 -5.23 12.79
CA GLY A 3 -6.62 -4.42 11.64
C GLY A 3 -5.83 -4.69 10.35
N TRP A 4 -5.44 -3.64 9.63
CA TRP A 4 -4.67 -3.76 8.39
C TRP A 4 -3.24 -4.27 8.58
N TYR A 5 -2.67 -4.27 9.79
CA TYR A 5 -1.32 -4.76 10.02
C TYR A 5 -1.23 -6.30 10.13
N TYR A 6 -0.70 -6.94 9.09
CA TYR A 6 -0.52 -8.40 8.95
C TYR A 6 0.92 -8.88 9.26
N GLY A 7 1.85 -7.98 9.62
CA GLY A 7 3.25 -8.31 9.95
C GLY A 7 4.10 -8.91 8.82
N ARG A 8 4.94 -9.90 9.13
CA ARG A 8 6.03 -10.44 8.29
C ARG A 8 5.58 -11.17 7.00
N ILE A 9 4.30 -11.08 6.66
CA ILE A 9 3.66 -11.69 5.49
C ILE A 9 4.36 -11.25 4.19
N THR A 10 4.47 -12.16 3.23
CA THR A 10 5.08 -11.91 1.91
C THR A 10 4.03 -11.51 0.85
N ARG A 11 4.45 -11.00 -0.32
CA ARG A 11 3.64 -10.74 -1.52
C ARG A 11 2.87 -11.98 -1.99
N ALA A 12 3.55 -13.11 -2.10
CA ALA A 12 2.96 -14.34 -2.62
C ALA A 12 1.79 -14.87 -1.76
N ASP A 13 1.91 -14.79 -0.43
CA ASP A 13 0.79 -15.02 0.49
C ASP A 13 -0.25 -13.91 0.36
N ALA A 14 0.12 -12.62 0.35
CA ALA A 14 -0.84 -11.52 0.23
C ALA A 14 -1.80 -11.68 -0.97
N GLU A 15 -1.26 -12.03 -2.14
CA GLU A 15 -2.03 -12.29 -3.36
C GLU A 15 -2.93 -13.54 -3.25
N LYS A 16 -2.59 -14.47 -2.36
CA LYS A 16 -3.38 -15.64 -1.99
C LYS A 16 -4.60 -15.25 -1.15
N LEU A 17 -4.36 -14.80 0.08
CA LEU A 17 -5.38 -14.55 1.09
C LEU A 17 -6.28 -13.35 0.79
N LEU A 18 -5.79 -12.32 0.09
CA LEU A 18 -6.55 -11.08 -0.13
C LEU A 18 -7.54 -11.22 -1.29
N SER A 19 -7.23 -12.10 -2.24
CA SER A 19 -8.11 -12.44 -3.36
C SER A 19 -9.46 -13.03 -2.91
N ASN A 20 -9.47 -13.65 -1.73
CA ASN A 20 -10.65 -14.18 -1.04
C ASN A 20 -11.70 -13.09 -0.65
N LYS A 21 -11.30 -11.82 -0.56
CA LYS A 21 -12.10 -10.71 0.01
C LYS A 21 -12.88 -9.93 -1.07
N HIS A 22 -13.48 -8.80 -0.66
CA HIS A 22 -14.08 -7.81 -1.56
C HIS A 22 -13.07 -6.71 -1.93
N GLU A 23 -13.37 -5.91 -2.96
CA GLU A 23 -12.48 -4.87 -3.45
C GLU A 23 -12.36 -3.75 -2.41
N GLY A 24 -11.15 -3.22 -2.17
CA GLY A 24 -10.93 -2.25 -1.09
C GLY A 24 -10.76 -2.88 0.30
N ALA A 25 -10.66 -4.21 0.39
CA ALA A 25 -9.85 -4.86 1.43
C ALA A 25 -8.35 -4.65 1.14
N PHE A 26 -7.57 -4.40 2.19
CA PHE A 26 -6.12 -4.16 2.17
C PHE A 26 -5.38 -4.92 3.28
N LEU A 27 -4.04 -4.90 3.22
CA LEU A 27 -3.13 -5.27 4.30
C LEU A 27 -1.80 -4.52 4.14
N ILE A 28 -1.20 -4.20 5.28
CA ILE A 28 0.15 -3.64 5.46
C ILE A 28 1.05 -4.77 5.96
N ARG A 29 2.16 -5.01 5.27
CA ARG A 29 3.15 -6.06 5.55
C ARG A 29 4.58 -5.50 5.57
N ILE A 30 5.48 -6.14 6.33
CA ILE A 30 6.90 -5.77 6.48
C ILE A 30 7.80 -6.83 5.83
N SER A 31 8.95 -6.41 5.31
CA SER A 31 10.07 -7.28 4.97
C SER A 31 10.88 -7.67 6.21
N GLU A 32 10.64 -8.84 6.79
CA GLU A 32 11.36 -9.36 7.98
C GLU A 32 12.88 -9.58 7.74
N SER A 33 13.30 -9.76 6.48
CA SER A 33 14.70 -9.80 6.07
C SER A 33 15.30 -8.40 5.84
N SER A 34 14.52 -7.32 5.84
CA SER A 34 14.98 -5.93 5.64
C SER A 34 14.09 -4.92 6.41
N PRO A 35 14.09 -4.96 7.76
CA PRO A 35 13.13 -4.26 8.61
C PRO A 35 13.15 -2.72 8.45
N GLY A 36 11.98 -2.09 8.49
CA GLY A 36 11.79 -0.67 8.12
C GLY A 36 11.30 -0.48 6.66
N ASP A 37 11.34 -1.54 5.84
CA ASP A 37 10.72 -1.57 4.50
C ASP A 37 9.31 -2.20 4.57
N PHE A 38 8.28 -1.52 4.06
CA PHE A 38 6.88 -1.94 4.17
C PHE A 38 6.17 -1.88 2.80
N SER A 39 5.06 -2.58 2.70
CA SER A 39 4.13 -2.53 1.56
C SER A 39 2.66 -2.56 2.00
N LEU A 40 1.82 -1.76 1.35
CA LEU A 40 0.36 -1.90 1.30
C LEU A 40 -0.05 -2.75 0.07
N SER A 41 -0.85 -3.80 0.27
CA SER A 41 -1.53 -4.57 -0.79
C SER A 41 -3.05 -4.43 -0.68
N VAL A 42 -3.78 -4.45 -1.80
CA VAL A 42 -5.23 -4.24 -1.95
C VAL A 42 -5.83 -5.23 -2.96
N LYS A 43 -7.10 -5.60 -2.80
CA LYS A 43 -7.88 -6.27 -3.85
C LYS A 43 -8.51 -5.21 -4.78
N CYS A 44 -8.04 -5.13 -6.01
CA CYS A 44 -8.72 -4.47 -7.14
C CYS A 44 -9.74 -5.44 -7.81
N PRO A 45 -10.52 -5.00 -8.82
CA PRO A 45 -11.54 -5.84 -9.49
C PRO A 45 -11.01 -6.96 -10.39
N ASP A 46 -9.83 -6.79 -11.00
CA ASP A 46 -9.16 -7.77 -11.86
C ASP A 46 -8.11 -8.62 -11.12
N GLY A 47 -7.68 -8.24 -9.90
CA GLY A 47 -6.77 -9.01 -9.07
C GLY A 47 -6.26 -8.26 -7.82
N VAL A 48 -5.35 -8.86 -7.05
CA VAL A 48 -4.62 -8.20 -5.95
C VAL A 48 -3.42 -7.39 -6.49
N GLN A 49 -3.33 -6.13 -6.04
CA GLN A 49 -2.35 -5.10 -6.37
C GLN A 49 -1.50 -4.74 -5.13
N HIS A 50 -0.32 -4.14 -5.35
CA HIS A 50 0.65 -3.73 -4.33
C HIS A 50 1.17 -2.30 -4.58
N PHE A 51 1.55 -1.67 -3.47
CA PHE A 51 2.19 -0.35 -3.34
C PHE A 51 3.33 -0.43 -2.30
N LYS A 52 4.52 0.11 -2.60
CA LYS A 52 5.55 0.39 -1.59
C LYS A 52 5.03 1.47 -0.63
N VAL A 53 5.39 1.41 0.65
CA VAL A 53 5.07 2.45 1.64
C VAL A 53 6.24 2.67 2.58
N LEU A 54 6.73 3.91 2.60
CA LEU A 54 8.09 4.27 3.00
C LEU A 54 8.08 5.58 3.83
N ARG A 55 9.19 5.87 4.50
CA ARG A 55 9.46 7.13 5.20
C ARG A 55 10.73 7.79 4.67
N ASP A 56 10.66 9.10 4.56
CA ASP A 56 11.76 10.02 4.31
C ASP A 56 12.81 10.00 5.46
N ALA A 57 14.00 10.56 5.24
CA ALA A 57 15.05 10.74 6.26
C ALA A 57 14.57 11.59 7.45
N GLN A 58 13.51 12.40 7.27
CA GLN A 58 12.89 13.19 8.34
C GLN A 58 11.96 12.36 9.25
N SER A 59 11.85 11.06 8.98
CA SER A 59 10.97 10.06 9.59
C SER A 59 9.48 10.42 9.53
N LYS A 60 9.05 10.79 8.32
CA LYS A 60 7.67 11.01 7.92
C LYS A 60 7.34 10.09 6.73
N PHE A 61 6.23 9.39 6.85
CA PHE A 61 5.75 8.37 5.93
C PHE A 61 4.95 8.94 4.76
N PHE A 62 4.97 8.22 3.63
CA PHE A 62 4.34 8.58 2.38
C PHE A 62 4.04 7.32 1.54
N LEU A 63 2.95 7.40 0.80
CA LEU A 63 2.49 6.45 -0.21
C LEU A 63 2.87 6.97 -1.62
N TRP A 64 2.33 8.12 -2.08
CA TRP A 64 2.72 8.79 -3.33
C TRP A 64 3.51 10.08 -3.07
N VAL A 65 2.95 11.02 -2.32
CA VAL A 65 3.58 12.32 -2.06
C VAL A 65 3.19 12.94 -0.72
N VAL A 66 1.95 12.73 -0.28
CA VAL A 66 1.40 13.31 0.94
C VAL A 66 2.11 12.73 2.17
N LYS A 67 2.44 13.54 3.17
CA LYS A 67 3.27 13.20 4.33
C LYS A 67 2.42 12.94 5.59
N PHE A 68 2.89 12.01 6.43
CA PHE A 68 2.25 11.51 7.67
C PHE A 68 3.29 11.13 8.73
N ASN A 69 2.96 11.19 10.02
CA ASN A 69 3.89 10.88 11.12
C ASN A 69 4.10 9.38 11.36
N SER A 70 3.19 8.55 10.84
CA SER A 70 3.25 7.08 10.92
C SER A 70 2.47 6.39 9.80
N LEU A 71 2.60 5.06 9.71
CA LEU A 71 1.76 4.20 8.87
C LEU A 71 0.30 4.17 9.33
N ASN A 72 0.05 4.15 10.65
CA ASN A 72 -1.29 4.23 11.25
C ASN A 72 -2.07 5.50 10.82
N GLU A 73 -1.42 6.67 10.86
CA GLU A 73 -1.97 7.96 10.39
C GLU A 73 -2.18 7.97 8.87
N LEU A 74 -1.25 7.40 8.11
CA LEU A 74 -1.35 7.23 6.66
C LEU A 74 -2.58 6.39 6.27
N VAL A 75 -2.72 5.20 6.85
CA VAL A 75 -3.86 4.29 6.68
C VAL A 75 -5.21 4.93 7.07
N GLU A 76 -5.30 5.52 8.26
CA GLU A 76 -6.50 6.19 8.79
C GLU A 76 -7.00 7.34 7.90
N TYR A 77 -6.09 8.10 7.28
CA TYR A 77 -6.44 9.14 6.33
C TYR A 77 -7.01 8.57 5.00
N HIS A 78 -6.50 7.42 4.56
CA HIS A 78 -6.91 6.69 3.34
C HIS A 78 -8.19 5.83 3.51
N ARG A 79 -8.86 5.89 4.67
CA ARG A 79 -10.23 5.38 4.84
C ARG A 79 -11.30 6.25 4.17
N THR A 80 -11.00 7.52 3.90
CA THR A 80 -11.93 8.48 3.29
C THR A 80 -11.41 9.02 1.97
N ALA A 81 -10.27 8.54 1.47
CA ALA A 81 -9.67 8.99 0.21
C ALA A 81 -9.21 7.79 -0.66
N SER A 82 -9.36 7.92 -1.98
CA SER A 82 -8.95 6.89 -2.96
C SER A 82 -7.45 6.69 -2.92
N VAL A 83 -6.99 5.45 -3.06
CA VAL A 83 -5.56 5.06 -2.96
C VAL A 83 -4.80 5.11 -4.29
N SER A 84 -5.47 5.33 -5.42
CA SER A 84 -4.90 5.17 -6.77
C SER A 84 -5.49 6.17 -7.78
N ARG A 85 -4.71 6.53 -8.80
CA ARG A 85 -5.15 7.30 -9.97
C ARG A 85 -6.13 6.50 -10.84
N SER A 86 -5.98 5.16 -10.85
CA SER A 86 -6.73 4.20 -11.67
C SER A 86 -7.78 3.35 -10.93
N GLN A 87 -7.89 3.45 -9.60
CA GLN A 87 -8.87 2.72 -8.80
C GLN A 87 -9.40 3.59 -7.66
N ASP A 88 -10.71 3.55 -7.42
CA ASP A 88 -11.42 4.36 -6.43
C ASP A 88 -11.67 3.59 -5.11
N VAL A 89 -10.85 2.58 -4.84
CA VAL A 89 -10.86 1.81 -3.59
C VAL A 89 -10.28 2.63 -2.42
N LYS A 90 -10.73 2.36 -1.18
CA LYS A 90 -10.36 3.03 0.09
C LYS A 90 -10.38 2.07 1.29
N LEU A 91 -9.65 2.37 2.36
CA LEU A 91 -9.30 1.42 3.43
C LEU A 91 -10.56 0.87 4.15
N ARG A 92 -10.87 -0.40 3.88
CA ARG A 92 -11.88 -1.26 4.52
C ARG A 92 -11.23 -2.61 4.87
N ASP A 93 -11.91 -3.37 5.73
CA ASP A 93 -11.53 -4.72 6.16
C ASP A 93 -12.79 -5.58 6.46
N MET A 94 -12.60 -6.90 6.59
CA MET A 94 -13.65 -7.95 6.66
C MET A 94 -13.36 -8.95 7.79
N GLY A 1 -3.23 -7.68 10.52
CA GLY A 1 -2.42 -6.56 10.03
C GLY A 1 -3.25 -5.28 10.06
N GLY A 2 -2.82 -4.25 9.30
CA GLY A 2 -3.53 -2.99 9.10
C GLY A 2 -4.62 -3.03 8.00
N GLY A 3 -5.40 -1.95 7.85
CA GLY A 3 -6.40 -1.77 6.78
C GLY A 3 -5.78 -1.75 5.36
N TRP A 4 -4.48 -1.41 5.29
CA TRP A 4 -3.61 -1.48 4.10
C TRP A 4 -2.20 -2.06 4.38
N TYR A 5 -1.58 -1.86 5.55
CA TYR A 5 -0.20 -2.31 5.85
C TYR A 5 -0.06 -3.84 6.04
N TYR A 6 0.80 -4.49 5.23
CA TYR A 6 1.15 -5.92 5.25
C TYR A 6 2.64 -6.20 5.56
N GLY A 7 3.48 -5.16 5.69
CA GLY A 7 4.91 -5.25 6.08
C GLY A 7 5.77 -6.11 5.14
N ARG A 8 6.45 -7.13 5.67
CA ARG A 8 7.28 -8.05 4.88
C ARG A 8 6.39 -8.99 4.06
N ILE A 9 6.02 -8.51 2.87
CA ILE A 9 5.31 -9.22 1.81
C ILE A 9 5.93 -8.88 0.45
N THR A 10 5.93 -9.89 -0.41
CA THR A 10 6.34 -9.83 -1.82
C THR A 10 5.15 -9.71 -2.78
N ARG A 11 5.43 -9.33 -4.04
CA ARG A 11 4.43 -9.25 -5.12
C ARG A 11 3.70 -10.60 -5.34
N ALA A 12 4.37 -11.74 -5.29
CA ALA A 12 3.79 -13.07 -5.50
C ALA A 12 2.72 -13.44 -4.46
N ASP A 13 3.00 -13.13 -3.19
CA ASP A 13 2.01 -13.22 -2.11
C ASP A 13 0.89 -12.21 -2.27
N ALA A 14 1.20 -10.96 -2.67
CA ALA A 14 0.22 -9.91 -2.89
C ALA A 14 -0.81 -10.31 -3.94
N GLU A 15 -0.38 -10.70 -5.15
CA GLU A 15 -1.19 -11.27 -6.22
C GLU A 15 -2.20 -12.32 -5.70
N LYS A 16 -1.76 -13.26 -4.86
CA LYS A 16 -2.56 -14.39 -4.39
C LYS A 16 -3.82 -13.96 -3.63
N LEU A 17 -3.62 -13.13 -2.59
CA LEU A 17 -4.69 -12.56 -1.75
C LEU A 17 -5.45 -11.40 -2.42
N LEU A 18 -4.75 -10.57 -3.19
CA LEU A 18 -5.27 -9.30 -3.69
C LEU A 18 -6.14 -9.47 -4.95
N SER A 19 -5.81 -10.43 -5.83
CA SER A 19 -6.59 -10.76 -7.04
C SER A 19 -8.03 -11.19 -6.71
N ASN A 20 -8.21 -11.78 -5.53
CA ASN A 20 -9.49 -12.23 -4.97
C ASN A 20 -10.40 -11.11 -4.44
N LYS A 21 -9.89 -9.88 -4.28
CA LYS A 21 -10.64 -8.70 -3.84
C LYS A 21 -11.43 -8.00 -4.97
N HIS A 22 -12.12 -6.91 -4.61
CA HIS A 22 -12.73 -5.96 -5.55
C HIS A 22 -11.70 -5.01 -6.18
N GLU A 23 -12.14 -4.28 -7.20
CA GLU A 23 -11.31 -3.30 -7.90
C GLU A 23 -10.98 -2.12 -6.98
N GLY A 24 -9.72 -1.70 -7.02
CA GLY A 24 -9.25 -0.61 -6.17
C GLY A 24 -9.07 -1.00 -4.70
N ALA A 25 -9.05 -2.30 -4.35
CA ALA A 25 -8.38 -2.76 -3.15
C ALA A 25 -6.86 -2.58 -3.28
N PHE A 26 -6.17 -2.27 -2.18
CA PHE A 26 -4.71 -2.07 -2.11
C PHE A 26 -4.07 -2.66 -0.83
N LEU A 27 -2.74 -2.74 -0.82
CA LEU A 27 -1.88 -3.03 0.33
C LEU A 27 -0.49 -2.37 0.20
N ILE A 28 0.13 -2.04 1.34
CA ILE A 28 1.51 -1.53 1.47
C ILE A 28 2.44 -2.63 1.98
N ARG A 29 3.59 -2.79 1.32
CA ARG A 29 4.64 -3.76 1.64
C ARG A 29 6.06 -3.18 1.46
N ILE A 30 7.04 -3.74 2.17
CA ILE A 30 8.43 -3.26 2.25
C ILE A 30 9.33 -4.02 1.27
N SER A 31 10.29 -3.36 0.64
CA SER A 31 11.38 -4.03 -0.06
C SER A 31 12.28 -4.74 0.94
N GLU A 32 12.29 -6.07 0.98
CA GLU A 32 13.23 -6.83 1.80
C GLU A 32 14.70 -6.66 1.37
N SER A 33 14.96 -6.39 0.09
CA SER A 33 16.29 -6.19 -0.51
C SER A 33 16.90 -4.80 -0.20
N SER A 34 16.06 -3.83 0.15
CA SER A 34 16.42 -2.43 0.44
C SER A 34 15.48 -1.82 1.50
N PRO A 35 15.56 -2.25 2.78
CA PRO A 35 14.66 -1.80 3.83
C PRO A 35 14.73 -0.28 4.01
N GLY A 36 13.54 0.32 4.17
CA GLY A 36 13.26 1.76 4.15
C GLY A 36 12.55 2.22 2.88
N ASP A 37 12.66 1.41 1.81
CA ASP A 37 11.89 1.56 0.58
C ASP A 37 10.63 0.69 0.60
N PHE A 38 9.56 1.18 -0.04
CA PHE A 38 8.25 0.56 0.03
C PHE A 38 7.52 0.50 -1.32
N SER A 39 6.49 -0.34 -1.35
CA SER A 39 5.59 -0.57 -2.46
C SER A 39 4.12 -0.52 -2.01
N LEU A 40 3.28 0.10 -2.84
CA LEU A 40 1.81 0.09 -2.83
C LEU A 40 1.37 -0.83 -3.98
N SER A 41 0.65 -1.91 -3.68
CA SER A 41 0.08 -2.85 -4.66
C SER A 41 -1.46 -2.82 -4.68
N VAL A 42 -2.08 -3.04 -5.85
CA VAL A 42 -3.50 -2.78 -6.15
C VAL A 42 -4.14 -3.85 -7.05
N LYS A 43 -5.44 -4.09 -6.84
CA LYS A 43 -6.32 -4.87 -7.71
C LYS A 43 -6.89 -4.01 -8.85
N CYS A 44 -6.49 -4.36 -10.08
CA CYS A 44 -6.99 -3.80 -11.35
C CYS A 44 -7.62 -4.89 -12.24
N PRO A 45 -8.37 -4.52 -13.31
CA PRO A 45 -9.15 -5.50 -14.05
C PRO A 45 -8.27 -6.36 -14.97
N ASP A 46 -7.14 -5.84 -15.42
CA ASP A 46 -6.14 -6.57 -16.19
C ASP A 46 -5.23 -7.48 -15.33
N GLY A 47 -5.24 -7.33 -14.00
CA GLY A 47 -4.40 -8.06 -13.04
C GLY A 47 -4.04 -7.21 -11.81
N VAL A 48 -3.26 -7.77 -10.88
CA VAL A 48 -2.65 -7.05 -9.75
C VAL A 48 -1.34 -6.38 -10.20
N GLN A 49 -1.14 -5.12 -9.80
CA GLN A 49 0.00 -4.26 -10.18
C GLN A 49 0.54 -3.41 -9.01
N HIS A 50 1.76 -2.86 -9.08
CA HIS A 50 2.42 -2.09 -8.00
C HIS A 50 2.85 -0.67 -8.42
N PHE A 51 3.09 0.17 -7.41
CA PHE A 51 3.67 1.51 -7.47
C PHE A 51 4.70 1.65 -6.33
N LYS A 52 5.95 2.05 -6.61
CA LYS A 52 6.94 2.43 -5.58
C LYS A 52 6.39 3.60 -4.76
N VAL A 53 6.64 3.59 -3.45
CA VAL A 53 6.25 4.65 -2.52
C VAL A 53 7.40 4.93 -1.56
N LEU A 54 7.71 6.22 -1.36
CA LEU A 54 8.97 6.68 -0.77
C LEU A 54 8.78 7.82 0.25
N ARG A 55 9.85 8.10 0.99
CA ARG A 55 9.97 9.24 1.92
C ARG A 55 11.14 10.15 1.54
N ASP A 56 10.98 11.45 1.75
CA ASP A 56 11.96 12.48 1.37
C ASP A 56 13.05 12.66 2.47
N ALA A 57 14.03 13.53 2.22
CA ALA A 57 15.00 14.06 3.17
C ALA A 57 14.32 14.83 4.34
N GLN A 58 13.05 15.22 4.16
CA GLN A 58 12.15 15.80 5.18
C GLN A 58 11.65 14.78 6.21
N SER A 59 11.95 13.48 6.01
CA SER A 59 11.45 12.33 6.80
C SER A 59 9.92 12.23 6.77
N LYS A 60 9.37 12.48 5.58
CA LYS A 60 7.95 12.57 5.25
C LYS A 60 7.68 11.76 3.98
N PHE A 61 6.62 10.97 3.98
CA PHE A 61 6.22 10.09 2.90
C PHE A 61 5.45 10.87 1.81
N PHE A 62 5.66 10.49 0.55
CA PHE A 62 5.01 11.02 -0.65
C PHE A 62 4.76 9.95 -1.75
N LEU A 63 3.68 10.13 -2.50
CA LEU A 63 3.22 9.27 -3.60
C LEU A 63 2.86 10.13 -4.82
N TRP A 64 1.94 11.08 -4.64
CA TRP A 64 1.78 12.28 -5.44
C TRP A 64 2.75 13.37 -4.95
N VAL A 65 2.49 14.64 -5.25
CA VAL A 65 3.32 15.78 -4.83
C VAL A 65 3.23 16.12 -3.33
N VAL A 66 2.21 15.65 -2.62
CA VAL A 66 1.98 16.01 -1.21
C VAL A 66 2.79 15.12 -0.23
N LYS A 67 3.45 15.74 0.75
CA LYS A 67 4.15 15.10 1.88
C LYS A 67 3.29 14.97 3.15
N PHE A 68 3.44 13.83 3.81
CA PHE A 68 2.78 13.46 5.07
C PHE A 68 3.79 12.80 6.03
N ASN A 69 3.61 12.92 7.35
CA ASN A 69 4.58 12.42 8.34
C ASN A 69 4.64 10.87 8.40
N SER A 70 3.67 10.16 7.82
CA SER A 70 3.59 8.70 7.76
C SER A 70 2.85 8.25 6.49
N LEU A 71 3.17 7.06 5.97
CA LEU A 71 2.38 6.42 4.91
C LEU A 71 0.94 6.10 5.37
N ASN A 72 0.70 5.89 6.68
CA ASN A 72 -0.64 5.68 7.22
C ASN A 72 -1.51 6.95 7.02
N GLU A 73 -0.92 8.14 7.22
CA GLU A 73 -1.56 9.45 7.02
C GLU A 73 -1.75 9.80 5.53
N LEU A 74 -0.77 9.44 4.70
CA LEU A 74 -0.87 9.52 3.25
C LEU A 74 -2.04 8.70 2.70
N VAL A 75 -2.05 7.38 2.91
CA VAL A 75 -3.09 6.45 2.44
C VAL A 75 -4.49 6.88 2.89
N GLU A 76 -4.63 7.31 4.15
CA GLU A 76 -5.91 7.78 4.72
C GLU A 76 -6.42 9.06 4.04
N TYR A 77 -5.51 9.92 3.57
CA TYR A 77 -5.84 11.12 2.82
C TYR A 77 -6.13 10.86 1.33
N HIS A 78 -5.33 10.01 0.70
CA HIS A 78 -5.19 9.90 -0.75
C HIS A 78 -6.35 9.19 -1.46
N ARG A 79 -7.30 8.59 -0.72
CA ARG A 79 -8.56 8.07 -1.30
C ARG A 79 -9.38 9.09 -2.10
N THR A 80 -9.13 10.40 -1.97
CA THR A 80 -9.88 11.43 -2.71
C THR A 80 -9.43 11.60 -4.17
N ALA A 81 -8.42 10.84 -4.61
CA ALA A 81 -7.85 10.86 -5.96
C ALA A 81 -7.53 9.43 -6.46
N SER A 82 -7.65 9.18 -7.76
CA SER A 82 -7.30 7.90 -8.40
C SER A 82 -5.78 7.78 -8.63
N VAL A 83 -5.25 6.55 -8.59
CA VAL A 83 -3.82 6.21 -8.74
C VAL A 83 -3.37 6.01 -10.19
N SER A 84 -4.26 6.28 -11.13
CA SER A 84 -4.04 6.35 -12.58
C SER A 84 -4.88 7.48 -13.18
N ARG A 85 -4.45 8.03 -14.33
CA ARG A 85 -5.20 8.99 -15.15
C ARG A 85 -6.25 8.31 -16.06
N SER A 86 -6.24 6.97 -16.17
CA SER A 86 -7.05 6.19 -17.12
C SER A 86 -7.91 5.09 -16.47
N GLN A 87 -8.06 5.09 -15.14
CA GLN A 87 -8.84 4.11 -14.36
C GLN A 87 -9.43 4.70 -13.06
N ASP A 88 -10.55 4.16 -12.58
CA ASP A 88 -11.32 4.65 -11.40
C ASP A 88 -10.95 3.95 -10.07
N VAL A 89 -9.74 3.39 -10.03
CA VAL A 89 -9.12 2.81 -8.83
C VAL A 89 -8.55 3.90 -7.89
N LYS A 90 -9.08 3.96 -6.66
CA LYS A 90 -8.65 4.81 -5.53
C LYS A 90 -8.73 4.06 -4.20
N LEU A 91 -7.94 4.45 -3.20
CA LEU A 91 -7.68 3.61 -2.02
C LEU A 91 -8.97 3.13 -1.29
N ARG A 92 -9.19 1.81 -1.31
CA ARG A 92 -10.32 1.10 -0.66
C ARG A 92 -9.83 -0.10 0.14
N ASP A 93 -10.58 -0.45 1.19
CA ASP A 93 -10.26 -1.53 2.13
C ASP A 93 -11.28 -2.69 2.21
N MET A 94 -12.07 -2.89 1.14
CA MET A 94 -13.12 -3.91 1.00
C MET A 94 -12.60 -5.16 0.29
N GLY A 1 -9.78 1.39 9.47
CA GLY A 1 -8.46 2.07 9.41
C GLY A 1 -7.38 1.20 10.01
N GLY A 2 -6.19 1.21 9.40
CA GLY A 2 -5.03 0.47 9.87
C GLY A 2 -4.92 -0.97 9.35
N GLY A 3 -5.99 -1.56 8.79
CA GLY A 3 -6.03 -2.91 8.23
C GLY A 3 -5.19 -3.09 6.95
N TRP A 4 -4.78 -1.99 6.32
CA TRP A 4 -3.96 -1.97 5.10
C TRP A 4 -2.51 -2.42 5.31
N TYR A 5 -2.00 -2.45 6.54
CA TYR A 5 -0.62 -2.78 6.83
C TYR A 5 -0.43 -4.29 7.02
N TYR A 6 0.34 -4.88 6.11
CA TYR A 6 0.69 -6.31 6.06
C TYR A 6 2.19 -6.55 6.33
N GLY A 7 3.03 -5.51 6.50
CA GLY A 7 4.41 -5.72 6.98
C GLY A 7 5.29 -6.55 6.03
N ARG A 8 5.93 -7.63 6.51
CA ARG A 8 6.74 -8.53 5.67
C ARG A 8 5.83 -9.55 5.00
N ILE A 9 5.46 -9.24 3.76
CA ILE A 9 4.78 -10.10 2.79
C ILE A 9 5.36 -9.89 1.39
N THR A 10 5.66 -10.99 0.70
CA THR A 10 6.11 -11.03 -0.70
C THR A 10 4.99 -10.74 -1.72
N ARG A 11 5.31 -10.46 -2.99
CA ARG A 11 4.31 -10.23 -4.06
C ARG A 11 3.43 -11.43 -4.36
N ALA A 12 3.97 -12.64 -4.38
CA ALA A 12 3.18 -13.85 -4.65
C ALA A 12 2.10 -14.13 -3.59
N ASP A 13 2.34 -13.77 -2.33
CA ASP A 13 1.33 -13.81 -1.26
C ASP A 13 0.34 -12.66 -1.43
N ALA A 14 0.84 -11.46 -1.77
CA ALA A 14 0.06 -10.24 -1.99
C ALA A 14 -0.99 -10.43 -3.07
N GLU A 15 -0.57 -10.88 -4.26
CA GLU A 15 -1.47 -11.22 -5.36
C GLU A 15 -2.56 -12.23 -4.93
N LYS A 16 -2.23 -13.23 -4.10
CA LYS A 16 -3.12 -14.33 -3.73
C LYS A 16 -4.33 -13.87 -2.91
N LEU A 17 -4.05 -13.25 -1.76
CA LEU A 17 -5.04 -12.62 -0.87
C LEU A 17 -5.75 -11.40 -1.49
N LEU A 18 -5.13 -10.68 -2.41
CA LEU A 18 -5.67 -9.42 -2.93
C LEU A 18 -6.60 -9.62 -4.14
N SER A 19 -6.35 -10.64 -4.97
CA SER A 19 -7.26 -11.06 -6.04
C SER A 19 -8.62 -11.56 -5.50
N ASN A 20 -8.65 -12.01 -4.23
CA ASN A 20 -9.85 -12.44 -3.51
C ASN A 20 -10.81 -11.28 -3.08
N LYS A 21 -10.37 -10.03 -3.23
CA LYS A 21 -11.07 -8.80 -2.85
C LYS A 21 -11.80 -8.14 -4.04
N HIS A 22 -12.48 -7.02 -3.78
CA HIS A 22 -12.97 -6.08 -4.78
C HIS A 22 -11.87 -5.10 -5.22
N GLU A 23 -12.12 -4.38 -6.30
CA GLU A 23 -11.19 -3.38 -6.82
C GLU A 23 -11.05 -2.25 -5.81
N GLY A 24 -9.84 -1.71 -5.64
CA GLY A 24 -9.55 -0.68 -4.65
C GLY A 24 -9.42 -1.20 -3.21
N ALA A 25 -9.40 -2.51 -2.99
CA ALA A 25 -8.72 -3.07 -1.83
C ALA A 25 -7.20 -2.92 -2.01
N PHE A 26 -6.46 -2.73 -0.92
CA PHE A 26 -5.01 -2.55 -0.96
C PHE A 26 -4.32 -3.31 0.18
N LEU A 27 -3.01 -3.50 0.04
CA LEU A 27 -2.10 -3.71 1.15
C LEU A 27 -0.78 -2.96 0.99
N ILE A 28 -0.13 -2.71 2.12
CA ILE A 28 1.18 -2.07 2.28
C ILE A 28 2.16 -3.09 2.89
N ARG A 29 3.37 -3.19 2.30
CA ARG A 29 4.37 -4.24 2.56
C ARG A 29 5.81 -3.79 2.31
N ILE A 30 6.73 -4.30 3.11
CA ILE A 30 8.15 -3.94 3.13
C ILE A 30 8.98 -4.80 2.16
N SER A 31 10.13 -4.27 1.73
CA SER A 31 11.18 -5.05 1.08
C SER A 31 12.09 -5.69 2.13
N GLU A 32 12.28 -7.00 2.05
CA GLU A 32 13.28 -7.73 2.83
C GLU A 32 14.71 -7.57 2.28
N SER A 33 14.83 -7.31 0.97
CA SER A 33 16.11 -6.99 0.34
C SER A 33 16.60 -5.56 0.61
N SER A 34 15.70 -4.60 0.82
CA SER A 34 16.09 -3.23 1.21
C SER A 34 15.15 -2.65 2.28
N PRO A 35 15.28 -3.05 3.55
CA PRO A 35 14.38 -2.63 4.63
C PRO A 35 14.37 -1.10 4.80
N GLY A 36 13.22 -0.56 5.24
CA GLY A 36 12.90 0.88 5.30
C GLY A 36 12.22 1.44 4.05
N ASP A 37 12.22 0.66 2.98
CA ASP A 37 11.53 0.94 1.72
C ASP A 37 10.32 0.01 1.51
N PHE A 38 9.18 0.55 1.07
CA PHE A 38 7.91 -0.17 1.06
C PHE A 38 7.25 -0.13 -0.34
N SER A 39 6.28 -1.01 -0.54
CA SER A 39 5.41 -1.09 -1.71
C SER A 39 3.96 -1.30 -1.27
N LEU A 40 3.11 -0.55 -1.95
CA LEU A 40 1.68 -0.72 -2.04
C LEU A 40 1.32 -1.74 -3.15
N SER A 41 0.31 -2.57 -2.90
CA SER A 41 -0.35 -3.44 -3.88
C SER A 41 -1.86 -3.20 -3.86
N VAL A 42 -2.49 -3.15 -5.05
CA VAL A 42 -3.92 -2.81 -5.29
C VAL A 42 -4.54 -3.79 -6.28
N LYS A 43 -5.84 -4.10 -6.12
CA LYS A 43 -6.63 -4.78 -7.14
C LYS A 43 -7.25 -3.74 -8.09
N CYS A 44 -6.98 -3.91 -9.37
CA CYS A 44 -7.58 -3.19 -10.50
C CYS A 44 -8.32 -4.18 -11.44
N PRO A 45 -9.07 -3.72 -12.47
CA PRO A 45 -9.94 -4.61 -13.24
C PRO A 45 -9.16 -5.60 -14.12
N ASP A 46 -7.91 -5.29 -14.47
CA ASP A 46 -7.04 -6.20 -15.24
C ASP A 46 -6.28 -7.22 -14.35
N GLY A 47 -6.12 -6.93 -13.05
CA GLY A 47 -5.39 -7.76 -12.06
C GLY A 47 -4.90 -7.01 -10.83
N VAL A 48 -3.92 -7.59 -10.12
CA VAL A 48 -3.21 -6.89 -9.04
C VAL A 48 -1.96 -6.20 -9.60
N GLN A 49 -1.75 -4.97 -9.15
CA GLN A 49 -0.67 -4.05 -9.53
C GLN A 49 -0.01 -3.47 -8.27
N HIS A 50 1.15 -2.84 -8.44
CA HIS A 50 1.99 -2.30 -7.36
C HIS A 50 2.57 -0.89 -7.62
N PHE A 51 2.81 -0.14 -6.54
CA PHE A 51 3.47 1.16 -6.50
C PHE A 51 4.46 1.22 -5.33
N LYS A 52 5.71 1.62 -5.56
CA LYS A 52 6.64 1.94 -4.48
C LYS A 52 6.16 3.16 -3.72
N VAL A 53 6.30 3.10 -2.39
CA VAL A 53 5.91 4.14 -1.45
C VAL A 53 7.02 4.34 -0.42
N LEU A 54 7.53 5.56 -0.34
CA LEU A 54 8.86 5.88 0.15
C LEU A 54 8.82 7.14 1.03
N ARG A 55 9.94 7.49 1.67
CA ARG A 55 10.08 8.66 2.54
C ARG A 55 11.19 9.58 2.04
N ASP A 56 10.92 10.87 2.11
CA ASP A 56 11.86 11.96 1.82
C ASP A 56 12.99 12.02 2.87
N ALA A 57 14.01 12.86 2.66
CA ALA A 57 15.17 13.03 3.55
C ALA A 57 14.79 13.54 4.95
N GLN A 58 13.63 14.18 5.05
CA GLN A 58 12.98 14.61 6.29
C GLN A 58 12.18 13.47 6.97
N SER A 59 12.21 12.24 6.44
CA SER A 59 11.49 11.02 6.87
C SER A 59 9.97 11.15 6.79
N LYS A 60 9.52 11.97 5.84
CA LYS A 60 8.11 12.21 5.49
C LYS A 60 7.72 11.31 4.33
N PHE A 61 6.71 10.48 4.54
CA PHE A 61 6.23 9.48 3.60
C PHE A 61 5.35 10.12 2.52
N PHE A 62 5.42 9.63 1.28
CA PHE A 62 4.65 10.15 0.13
C PHE A 62 4.31 9.06 -0.90
N LEU A 63 3.37 9.38 -1.80
CA LEU A 63 3.09 8.64 -3.04
C LEU A 63 2.86 9.64 -4.18
N TRP A 64 1.98 10.60 -3.90
CA TRP A 64 1.63 11.72 -4.77
C TRP A 64 2.53 12.93 -4.44
N VAL A 65 2.14 14.15 -4.83
CA VAL A 65 2.84 15.39 -4.45
C VAL A 65 2.70 15.69 -2.94
N VAL A 66 1.62 15.23 -2.29
CA VAL A 66 1.34 15.45 -0.86
C VAL A 66 2.11 14.42 0.00
N LYS A 67 2.64 14.84 1.15
CA LYS A 67 3.41 14.01 2.09
C LYS A 67 2.94 14.17 3.55
N PHE A 68 3.29 13.19 4.39
CA PHE A 68 2.91 13.15 5.81
C PHE A 68 4.03 12.57 6.69
N ASN A 69 3.91 12.70 8.01
CA ASN A 69 4.87 12.15 8.98
C ASN A 69 4.81 10.61 9.08
N SER A 70 3.75 9.97 8.57
CA SER A 70 3.58 8.51 8.56
C SER A 70 2.90 8.08 7.27
N LEU A 71 3.27 6.88 6.78
CA LEU A 71 2.56 6.27 5.66
C LEU A 71 1.08 6.04 5.96
N ASN A 72 0.70 5.87 7.23
CA ASN A 72 -0.70 5.69 7.65
C ASN A 72 -1.54 6.96 7.45
N GLU A 73 -0.94 8.15 7.59
CA GLU A 73 -1.59 9.43 7.27
C GLU A 73 -1.73 9.64 5.75
N LEU A 74 -0.69 9.31 4.98
CA LEU A 74 -0.67 9.30 3.50
C LEU A 74 -1.76 8.36 2.94
N VAL A 75 -1.83 7.14 3.47
CA VAL A 75 -2.81 6.10 3.11
C VAL A 75 -4.21 6.52 3.55
N GLU A 76 -4.37 7.16 4.71
CA GLU A 76 -5.64 7.77 5.12
C GLU A 76 -6.14 8.81 4.09
N TYR A 77 -5.23 9.61 3.49
CA TYR A 77 -5.56 10.59 2.46
C TYR A 77 -5.94 9.95 1.10
N HIS A 78 -5.26 8.90 0.67
CA HIS A 78 -5.55 8.16 -0.57
C HIS A 78 -6.81 7.26 -0.51
N ARG A 79 -7.60 7.39 0.57
CA ARG A 79 -9.02 6.98 0.61
C ARG A 79 -9.90 7.88 -0.24
N THR A 80 -9.62 9.20 -0.21
CA THR A 80 -10.40 10.27 -0.86
C THR A 80 -9.89 10.59 -2.28
N ALA A 81 -8.57 10.55 -2.51
CA ALA A 81 -7.96 10.77 -3.84
C ALA A 81 -7.48 9.46 -4.52
N SER A 82 -7.59 9.36 -5.85
CA SER A 82 -7.06 8.22 -6.63
C SER A 82 -5.56 8.00 -6.46
N VAL A 83 -5.11 6.74 -6.55
CA VAL A 83 -3.68 6.37 -6.48
C VAL A 83 -2.91 6.46 -7.81
N SER A 84 -3.59 6.77 -8.92
CA SER A 84 -2.94 7.20 -10.17
C SER A 84 -3.82 8.18 -10.95
N ARG A 85 -3.22 9.16 -11.67
CA ARG A 85 -3.88 10.21 -12.47
C ARG A 85 -4.87 9.61 -13.49
N SER A 86 -4.55 8.46 -14.07
CA SER A 86 -5.37 7.82 -15.12
C SER A 86 -6.47 6.87 -14.62
N GLN A 87 -6.58 6.66 -13.30
CA GLN A 87 -7.39 5.61 -12.67
C GLN A 87 -8.41 6.14 -11.65
N ASP A 88 -9.38 5.28 -11.29
CA ASP A 88 -10.47 5.58 -10.33
C ASP A 88 -10.40 4.76 -9.02
N VAL A 89 -9.41 3.88 -8.86
CA VAL A 89 -9.14 3.13 -7.63
C VAL A 89 -8.59 4.03 -6.50
N LYS A 90 -9.16 3.87 -5.31
CA LYS A 90 -8.87 4.59 -4.05
C LYS A 90 -9.13 3.68 -2.84
N LEU A 91 -8.47 3.91 -1.71
CA LEU A 91 -8.43 3.00 -0.56
C LEU A 91 -9.80 2.85 0.13
N ARG A 92 -10.35 1.63 0.07
CA ARG A 92 -11.39 1.15 0.98
C ARG A 92 -10.95 1.29 2.44
N ASP A 93 -11.92 1.38 3.33
CA ASP A 93 -11.70 1.50 4.79
C ASP A 93 -11.52 0.09 5.40
N MET A 94 -10.25 -0.28 5.63
CA MET A 94 -9.80 -1.62 6.02
C MET A 94 -9.33 -1.73 7.47
N GLY A 1 -7.97 -4.04 17.72
CA GLY A 1 -7.27 -5.27 17.39
C GLY A 1 -7.34 -5.53 15.89
N GLY A 2 -6.23 -5.86 15.23
CA GLY A 2 -6.14 -6.14 13.80
C GLY A 2 -6.10 -4.88 12.95
N GLY A 3 -5.92 -5.07 11.65
CA GLY A 3 -5.68 -3.99 10.70
C GLY A 3 -4.97 -4.45 9.43
N TRP A 4 -4.59 -3.50 8.58
CA TRP A 4 -3.87 -3.74 7.31
C TRP A 4 -2.42 -4.18 7.51
N TYR A 5 -1.79 -3.92 8.65
CA TYR A 5 -0.41 -4.31 8.87
C TYR A 5 -0.27 -5.83 9.09
N TYR A 6 0.51 -6.50 8.24
CA TYR A 6 0.90 -7.93 8.32
C TYR A 6 2.37 -8.19 8.68
N GLY A 7 3.20 -7.15 8.89
CA GLY A 7 4.62 -7.33 9.23
C GLY A 7 5.41 -8.11 8.17
N ARG A 8 6.15 -9.15 8.57
CA ARG A 8 6.99 -9.99 7.70
C ARG A 8 6.20 -11.10 7.02
N ILE A 9 5.45 -10.67 6.02
CA ILE A 9 4.86 -11.43 4.92
C ILE A 9 5.57 -11.07 3.61
N THR A 10 5.83 -12.06 2.75
CA THR A 10 6.34 -11.92 1.38
C THR A 10 5.24 -11.58 0.34
N ARG A 11 5.59 -11.17 -0.90
CA ARG A 11 4.68 -11.01 -2.06
C ARG A 11 3.94 -12.28 -2.43
N ALA A 12 4.65 -13.40 -2.51
CA ALA A 12 4.08 -14.68 -2.90
C ALA A 12 2.94 -15.11 -1.95
N ASP A 13 3.10 -14.88 -0.64
CA ASP A 13 2.01 -15.06 0.34
C ASP A 13 0.97 -13.93 0.26
N ALA A 14 1.35 -12.64 0.17
CA ALA A 14 0.42 -11.51 -0.01
C ALA A 14 -0.62 -11.79 -1.13
N GLU A 15 -0.19 -12.18 -2.33
CA GLU A 15 -1.07 -12.51 -3.47
C GLU A 15 -2.00 -13.72 -3.26
N LYS A 16 -1.53 -14.72 -2.51
CA LYS A 16 -2.22 -15.96 -2.17
C LYS A 16 -3.45 -15.68 -1.31
N LEU A 17 -3.29 -14.94 -0.21
CA LEU A 17 -4.37 -14.48 0.65
C LEU A 17 -5.22 -13.33 0.08
N LEU A 18 -4.63 -12.40 -0.68
CA LEU A 18 -5.31 -11.16 -1.09
C LEU A 18 -6.17 -11.28 -2.36
N SER A 19 -5.84 -12.23 -3.24
CA SER A 19 -6.68 -12.63 -4.39
C SER A 19 -8.01 -13.28 -3.97
N ASN A 20 -8.07 -13.83 -2.75
CA ASN A 20 -9.26 -14.43 -2.13
C ASN A 20 -10.28 -13.40 -1.55
N LYS A 21 -9.99 -12.09 -1.68
CA LYS A 21 -10.77 -10.98 -1.12
C LYS A 21 -11.48 -10.15 -2.19
N HIS A 22 -12.29 -9.21 -1.72
CA HIS A 22 -12.96 -8.20 -2.53
C HIS A 22 -12.01 -7.05 -2.90
N GLU A 23 -12.33 -6.31 -3.96
CA GLU A 23 -11.53 -5.18 -4.41
C GLU A 23 -11.48 -4.07 -3.35
N GLY A 24 -10.30 -3.49 -3.24
CA GLY A 24 -9.95 -2.51 -2.20
C GLY A 24 -9.67 -3.12 -0.83
N ALA A 25 -9.52 -4.45 -0.71
CA ALA A 25 -8.74 -5.03 0.39
C ALA A 25 -7.24 -4.76 0.15
N PHE A 26 -6.50 -4.50 1.24
CA PHE A 26 -5.07 -4.25 1.27
C PHE A 26 -4.41 -5.02 2.43
N LEU A 27 -3.09 -5.10 2.34
CA LEU A 27 -2.17 -5.28 3.45
C LEU A 27 -0.86 -4.53 3.21
N ILE A 28 -0.23 -4.14 4.31
CA ILE A 28 1.11 -3.55 4.41
C ILE A 28 2.08 -4.61 4.94
N ARG A 29 3.32 -4.64 4.40
CA ARG A 29 4.35 -5.64 4.72
C ARG A 29 5.77 -5.09 4.57
N ILE A 30 6.70 -5.53 5.43
CA ILE A 30 8.11 -5.09 5.49
C ILE A 30 9.02 -5.85 4.50
N SER A 31 10.11 -5.23 4.06
CA SER A 31 11.24 -5.92 3.44
C SER A 31 12.17 -6.50 4.50
N GLU A 32 12.42 -7.81 4.44
CA GLU A 32 13.40 -8.52 5.26
C GLU A 32 14.85 -8.20 4.85
N SER A 33 15.13 -8.05 3.55
CA SER A 33 16.44 -7.63 3.04
C SER A 33 16.83 -6.20 3.45
N SER A 34 15.84 -5.35 3.75
CA SER A 34 16.03 -3.93 4.11
C SER A 34 15.05 -3.46 5.18
N PRO A 35 15.23 -3.84 6.47
CA PRO A 35 14.25 -3.52 7.49
C PRO A 35 14.01 -2.01 7.61
N GLY A 36 12.76 -1.65 7.89
CA GLY A 36 12.30 -0.27 7.95
C GLY A 36 11.76 0.29 6.61
N ASP A 37 11.96 -0.43 5.50
CA ASP A 37 11.32 -0.18 4.22
C ASP A 37 10.13 -1.15 4.04
N PHE A 38 9.00 -0.63 3.56
CA PHE A 38 7.71 -1.32 3.50
C PHE A 38 7.10 -1.28 2.08
N SER A 39 6.13 -2.16 1.84
CA SER A 39 5.25 -2.22 0.67
C SER A 39 3.80 -2.43 1.05
N LEU A 40 2.93 -1.65 0.42
CA LEU A 40 1.51 -1.86 0.29
C LEU A 40 1.24 -2.86 -0.85
N SER A 41 0.17 -3.62 -0.70
CA SER A 41 -0.44 -4.50 -1.71
C SER A 41 -1.96 -4.36 -1.65
N VAL A 42 -2.65 -4.39 -2.79
CA VAL A 42 -4.10 -4.21 -2.95
C VAL A 42 -4.70 -5.21 -3.95
N LYS A 43 -5.94 -5.61 -3.70
CA LYS A 43 -6.82 -6.36 -4.60
C LYS A 43 -7.49 -5.44 -5.62
N CYS A 44 -7.25 -5.79 -6.87
CA CYS A 44 -7.81 -5.21 -8.08
C CYS A 44 -8.83 -6.19 -8.68
N PRO A 45 -9.62 -5.77 -9.67
CA PRO A 45 -10.63 -6.63 -10.28
C PRO A 45 -10.02 -7.74 -11.15
N ASP A 46 -8.80 -7.52 -11.67
CA ASP A 46 -8.07 -8.47 -12.52
C ASP A 46 -6.89 -9.20 -11.84
N GLY A 47 -6.49 -8.80 -10.62
CA GLY A 47 -5.43 -9.46 -9.86
C GLY A 47 -5.05 -8.72 -8.57
N VAL A 48 -3.81 -8.85 -8.12
CA VAL A 48 -3.23 -8.13 -6.96
C VAL A 48 -2.07 -7.28 -7.46
N GLN A 49 -1.91 -6.08 -6.89
CA GLN A 49 -0.86 -5.13 -7.25
C GLN A 49 -0.20 -4.45 -6.04
N HIS A 50 1.09 -4.13 -6.17
CA HIS A 50 1.93 -3.61 -5.10
C HIS A 50 2.46 -2.20 -5.36
N PHE A 51 2.64 -1.46 -4.27
CA PHE A 51 3.26 -0.14 -4.22
C PHE A 51 4.20 0.01 -3.01
N LYS A 52 5.39 0.57 -3.21
CA LYS A 52 6.38 0.81 -2.16
C LYS A 52 5.96 1.99 -1.28
N VAL A 53 6.18 1.86 0.03
CA VAL A 53 5.82 2.84 1.07
C VAL A 53 7.10 3.21 1.83
N LEU A 54 7.51 4.47 1.73
CA LEU A 54 8.84 4.94 2.09
C LEU A 54 8.83 5.83 3.34
N ARG A 55 10.01 6.07 3.92
CA ARG A 55 10.21 7.02 5.03
C ARG A 55 11.29 8.05 4.71
N ASP A 56 11.00 9.31 5.04
CA ASP A 56 11.91 10.46 4.92
C ASP A 56 13.05 10.41 5.96
N ALA A 57 14.03 11.29 5.79
CA ALA A 57 15.11 11.51 6.76
C ALA A 57 14.58 11.98 8.15
N GLN A 58 13.38 12.55 8.18
CA GLN A 58 12.63 12.96 9.38
C GLN A 58 11.90 11.78 10.10
N SER A 59 12.06 10.54 9.60
CA SER A 59 11.23 9.37 9.95
C SER A 59 9.72 9.62 9.74
N LYS A 60 9.33 10.30 8.65
CA LYS A 60 7.94 10.56 8.23
C LYS A 60 7.60 9.69 7.00
N PHE A 61 6.49 8.96 7.00
CA PHE A 61 6.10 7.97 5.99
C PHE A 61 5.28 8.60 4.87
N PHE A 62 5.51 8.16 3.64
CA PHE A 62 4.88 8.64 2.43
C PHE A 62 4.73 7.51 1.38
N LEU A 63 3.62 7.53 0.65
CA LEU A 63 3.30 6.60 -0.44
C LEU A 63 3.85 7.12 -1.78
N TRP A 64 3.39 8.29 -2.24
CA TRP A 64 3.87 8.95 -3.47
C TRP A 64 4.74 10.19 -3.22
N VAL A 65 4.26 11.14 -2.40
CA VAL A 65 4.89 12.46 -2.16
C VAL A 65 4.76 12.88 -0.70
N VAL A 66 3.51 13.04 -0.21
CA VAL A 66 3.17 13.72 1.07
C VAL A 66 3.42 12.90 2.35
N LYS A 67 3.98 13.55 3.39
CA LYS A 67 4.53 12.96 4.62
C LYS A 67 3.50 12.96 5.77
N PHE A 68 3.57 11.90 6.57
CA PHE A 68 2.85 11.68 7.83
C PHE A 68 3.78 11.02 8.87
N ASN A 69 3.51 11.13 10.16
CA ASN A 69 4.38 10.66 11.25
C ASN A 69 4.49 9.14 11.36
N SER A 70 3.58 8.36 10.77
CA SER A 70 3.62 6.90 10.72
C SER A 70 2.88 6.39 9.46
N LEU A 71 3.21 5.20 8.94
CA LEU A 71 2.41 4.55 7.89
C LEU A 71 0.94 4.33 8.33
N ASN A 72 0.65 4.25 9.64
CA ASN A 72 -0.71 4.26 10.19
C ASN A 72 -1.48 5.56 9.87
N GLU A 73 -0.88 6.73 10.11
CA GLU A 73 -1.46 8.04 9.80
C GLU A 73 -1.56 8.30 8.28
N LEU A 74 -0.58 7.83 7.50
CA LEU A 74 -0.62 7.84 6.03
C LEU A 74 -1.87 7.10 5.50
N VAL A 75 -2.10 5.88 5.97
CA VAL A 75 -3.23 5.00 5.56
C VAL A 75 -4.58 5.57 6.04
N GLU A 76 -4.62 6.08 7.26
CA GLU A 76 -5.79 6.73 7.88
C GLU A 76 -6.25 8.02 7.16
N TYR A 77 -5.34 8.69 6.45
CA TYR A 77 -5.66 9.77 5.50
C TYR A 77 -6.12 9.21 4.14
N HIS A 78 -5.27 8.40 3.52
CA HIS A 78 -5.41 7.97 2.13
C HIS A 78 -6.59 7.04 1.87
N ARG A 79 -7.20 6.43 2.89
CA ARG A 79 -8.48 5.70 2.78
C ARG A 79 -9.64 6.53 2.21
N THR A 80 -9.50 7.87 2.22
CA THR A 80 -10.42 8.83 1.57
C THR A 80 -10.22 9.00 0.04
N ALA A 81 -9.27 8.30 -0.58
CA ALA A 81 -8.79 8.53 -1.94
C ALA A 81 -8.38 7.21 -2.64
N SER A 82 -8.25 7.27 -3.96
CA SER A 82 -7.87 6.15 -4.79
C SER A 82 -6.35 5.91 -4.78
N VAL A 83 -5.90 4.65 -4.86
CA VAL A 83 -4.50 4.24 -5.16
C VAL A 83 -4.25 3.95 -6.65
N SER A 84 -5.25 4.11 -7.52
CA SER A 84 -5.14 3.94 -8.97
C SER A 84 -5.30 5.26 -9.75
N ARG A 85 -4.61 5.37 -10.89
CA ARG A 85 -4.79 6.43 -11.90
C ARG A 85 -6.02 6.18 -12.80
N SER A 86 -6.51 4.95 -12.85
CA SER A 86 -7.58 4.48 -13.74
C SER A 86 -8.77 3.81 -13.04
N GLN A 87 -8.73 3.61 -11.73
CA GLN A 87 -9.84 3.05 -10.93
C GLN A 87 -10.06 3.88 -9.65
N ASP A 88 -11.15 3.61 -8.93
CA ASP A 88 -11.53 4.25 -7.66
C ASP A 88 -11.21 3.35 -6.44
N VAL A 89 -10.26 2.41 -6.59
CA VAL A 89 -9.87 1.46 -5.54
C VAL A 89 -9.32 2.20 -4.31
N LYS A 90 -9.93 1.99 -3.14
CA LYS A 90 -9.59 2.64 -1.86
C LYS A 90 -9.66 1.67 -0.70
N LEU A 91 -8.91 1.97 0.37
CA LEU A 91 -8.82 1.12 1.57
C LEU A 91 -10.18 0.89 2.25
N ARG A 92 -10.62 -0.37 2.19
CA ARG A 92 -11.64 -1.01 3.03
C ARG A 92 -11.09 -1.36 4.42
N ASP A 93 -11.89 -1.13 5.46
CA ASP A 93 -11.53 -1.29 6.88
C ASP A 93 -11.98 -2.63 7.51
N MET A 94 -11.90 -2.73 8.85
CA MET A 94 -12.08 -3.95 9.66
C MET A 94 -12.92 -3.71 10.93
N GLY A 1 -11.05 -8.24 10.51
CA GLY A 1 -9.81 -9.00 10.68
C GLY A 1 -8.86 -8.30 11.65
N GLY A 2 -7.55 -8.40 11.39
CA GLY A 2 -6.40 -7.89 12.16
C GLY A 2 -6.00 -6.43 11.85
N GLY A 3 -6.89 -5.67 11.21
CA GLY A 3 -6.61 -4.34 10.67
C GLY A 3 -5.67 -4.37 9.47
N TRP A 4 -5.06 -3.22 9.13
CA TRP A 4 -4.25 -3.06 7.92
C TRP A 4 -2.80 -3.51 8.06
N TYR A 5 -2.24 -3.57 9.26
CA TYR A 5 -0.83 -3.92 9.45
C TYR A 5 -0.60 -5.42 9.56
N TYR A 6 0.30 -5.96 8.74
CA TYR A 6 0.68 -7.38 8.68
C TYR A 6 2.19 -7.65 8.89
N GLY A 7 3.03 -6.61 9.00
CA GLY A 7 4.45 -6.78 9.35
C GLY A 7 5.31 -7.48 8.30
N ARG A 8 6.17 -8.42 8.70
CA ARG A 8 7.28 -9.08 7.97
C ARG A 8 6.90 -9.86 6.69
N ILE A 9 5.61 -9.82 6.32
CA ILE A 9 4.98 -10.61 5.24
C ILE A 9 5.60 -10.31 3.87
N THR A 10 5.64 -11.33 3.01
CA THR A 10 6.12 -11.33 1.61
C THR A 10 4.94 -11.19 0.61
N ARG A 11 5.21 -11.00 -0.67
CA ARG A 11 4.23 -10.93 -1.78
C ARG A 11 3.46 -12.23 -1.90
N ALA A 12 4.14 -13.35 -1.77
CA ALA A 12 3.57 -14.69 -1.91
C ALA A 12 2.58 -15.00 -0.78
N ASP A 13 2.85 -14.58 0.46
CA ASP A 13 1.87 -14.62 1.56
C ASP A 13 0.80 -13.52 1.42
N ALA A 14 1.10 -12.37 0.82
CA ALA A 14 0.15 -11.29 0.57
C ALA A 14 -0.96 -11.69 -0.41
N GLU A 15 -0.65 -12.11 -1.64
CA GLU A 15 -1.65 -12.56 -2.62
C GLU A 15 -2.52 -13.71 -2.07
N LYS A 16 -1.98 -14.52 -1.15
CA LYS A 16 -2.62 -15.70 -0.52
C LYS A 16 -3.84 -15.34 0.33
N LEU A 17 -3.75 -14.27 1.11
CA LEU A 17 -4.80 -13.75 2.00
C LEU A 17 -5.62 -12.62 1.37
N LEU A 18 -4.99 -11.88 0.45
CA LEU A 18 -5.48 -10.60 -0.06
C LEU A 18 -6.55 -10.78 -1.15
N SER A 19 -6.36 -11.78 -2.03
CA SER A 19 -7.17 -11.96 -3.23
C SER A 19 -8.48 -12.75 -2.97
N ASN A 20 -8.87 -12.96 -1.71
CA ASN A 20 -9.96 -13.88 -1.34
C ASN A 20 -11.32 -13.18 -1.25
N LYS A 21 -12.10 -13.28 -2.33
CA LYS A 21 -13.52 -12.91 -2.49
C LYS A 21 -13.88 -11.48 -2.05
N HIS A 22 -12.95 -10.55 -2.26
CA HIS A 22 -13.03 -9.17 -1.81
C HIS A 22 -12.24 -8.24 -2.75
N GLU A 23 -12.45 -6.94 -2.65
CA GLU A 23 -11.66 -5.92 -3.34
C GLU A 23 -11.64 -4.60 -2.57
N GLY A 24 -10.48 -3.95 -2.53
CA GLY A 24 -10.18 -2.89 -1.57
C GLY A 24 -9.86 -3.37 -0.16
N ALA A 25 -9.56 -4.66 0.01
CA ALA A 25 -8.69 -5.10 1.09
C ALA A 25 -7.24 -4.72 0.76
N PHE A 26 -6.46 -4.36 1.79
CA PHE A 26 -5.05 -4.04 1.68
C PHE A 26 -4.28 -4.77 2.80
N LEU A 27 -2.95 -4.66 2.74
CA LEU A 27 -2.07 -4.82 3.89
C LEU A 27 -0.83 -3.92 3.78
N ILE A 28 -0.41 -3.38 4.92
CA ILE A 28 0.88 -2.72 5.17
C ILE A 28 1.91 -3.77 5.60
N ARG A 29 3.07 -3.81 4.93
CA ARG A 29 4.14 -4.79 5.16
C ARG A 29 5.52 -4.17 5.18
N ILE A 30 6.44 -4.80 5.91
CA ILE A 30 7.86 -4.45 6.00
C ILE A 30 8.74 -5.55 5.38
N SER A 31 9.78 -5.12 4.68
CA SER A 31 10.76 -5.97 4.02
C SER A 31 11.64 -6.69 5.05
N GLU A 32 11.44 -7.97 5.27
CA GLU A 32 12.15 -8.78 6.28
C GLU A 32 13.64 -8.98 5.99
N SER A 33 14.00 -9.05 4.70
CA SER A 33 15.39 -9.17 4.23
C SER A 33 16.23 -7.91 4.45
N SER A 34 15.61 -6.74 4.62
CA SER A 34 16.25 -5.45 4.88
C SER A 34 15.24 -4.46 5.48
N PRO A 35 15.02 -4.53 6.81
CA PRO A 35 14.02 -3.72 7.51
C PRO A 35 14.18 -2.19 7.32
N GLY A 36 13.08 -1.44 7.45
CA GLY A 36 12.98 0.00 7.19
C GLY A 36 12.47 0.36 5.79
N ASP A 37 12.36 -0.62 4.88
CA ASP A 37 11.67 -0.49 3.59
C ASP A 37 10.26 -1.13 3.67
N PHE A 38 9.21 -0.32 3.50
CA PHE A 38 7.82 -0.74 3.63
C PHE A 38 7.08 -0.79 2.28
N SER A 39 5.92 -1.44 2.26
CA SER A 39 5.02 -1.40 1.12
C SER A 39 3.56 -1.48 1.59
N LEU A 40 2.66 -0.98 0.76
CA LEU A 40 1.23 -1.19 0.82
C LEU A 40 0.84 -2.05 -0.38
N SER A 41 0.08 -3.11 -0.15
CA SER A 41 -0.52 -3.91 -1.22
C SER A 41 -2.04 -3.80 -1.18
N VAL A 42 -2.73 -3.99 -2.31
CA VAL A 42 -4.20 -3.96 -2.44
C VAL A 42 -4.70 -5.03 -3.43
N LYS A 43 -5.88 -5.60 -3.19
CA LYS A 43 -6.66 -6.33 -4.20
C LYS A 43 -7.45 -5.36 -5.10
N CYS A 44 -7.08 -5.28 -6.38
CA CYS A 44 -7.71 -4.47 -7.43
C CYS A 44 -8.40 -5.35 -8.52
N PRO A 45 -9.06 -4.77 -9.54
CA PRO A 45 -9.92 -5.52 -10.48
C PRO A 45 -9.12 -6.26 -11.58
N ASP A 46 -7.85 -5.91 -11.79
CA ASP A 46 -6.88 -6.63 -12.65
C ASP A 46 -6.07 -7.70 -11.89
N GLY A 47 -5.97 -7.60 -10.57
CA GLY A 47 -5.21 -8.52 -9.71
C GLY A 47 -4.81 -7.85 -8.40
N VAL A 48 -3.72 -8.30 -7.77
CA VAL A 48 -3.10 -7.58 -6.64
C VAL A 48 -2.12 -6.55 -7.20
N GLN A 49 -2.16 -5.35 -6.64
CA GLN A 49 -1.32 -4.20 -6.96
C GLN A 49 -0.46 -3.85 -5.73
N HIS A 50 0.75 -3.29 -5.89
CA HIS A 50 1.63 -2.86 -4.81
C HIS A 50 2.10 -1.40 -4.94
N PHE A 51 2.43 -0.81 -3.79
CA PHE A 51 2.88 0.56 -3.60
C PHE A 51 4.13 0.56 -2.68
N LYS A 52 5.24 1.15 -3.11
CA LYS A 52 6.51 1.29 -2.37
C LYS A 52 6.37 2.46 -1.42
N VAL A 53 6.19 2.17 -0.12
CA VAL A 53 5.98 3.16 0.93
C VAL A 53 7.31 3.35 1.70
N LEU A 54 7.81 4.57 1.75
CA LEU A 54 9.19 4.93 2.12
C LEU A 54 9.20 5.89 3.32
N ARG A 55 10.32 5.98 4.03
CA ARG A 55 10.53 6.92 5.14
C ARG A 55 11.78 7.76 4.97
N ASP A 56 11.66 9.03 5.36
CA ASP A 56 12.80 9.92 5.61
C ASP A 56 13.59 9.50 6.86
N ALA A 57 14.82 10.00 7.03
CA ALA A 57 15.59 9.88 8.27
C ALA A 57 14.91 10.59 9.46
N GLN A 58 14.04 11.56 9.18
CA GLN A 58 13.19 12.23 10.19
C GLN A 58 12.07 11.31 10.74
N SER A 59 11.95 10.09 10.20
CA SER A 59 10.89 9.10 10.43
C SER A 59 9.51 9.61 10.04
N LYS A 60 9.45 10.23 8.86
CA LYS A 60 8.23 10.71 8.21
C LYS A 60 8.03 9.92 6.93
N PHE A 61 6.84 9.35 6.75
CA PHE A 61 6.49 8.38 5.72
C PHE A 61 5.82 9.04 4.51
N PHE A 62 6.09 8.53 3.30
CA PHE A 62 5.51 8.99 2.04
C PHE A 62 5.35 7.84 1.05
N LEU A 63 4.41 8.01 0.11
CA LEU A 63 4.31 7.14 -1.06
C LEU A 63 4.88 7.83 -2.31
N TRP A 64 4.35 9.00 -2.71
CA TRP A 64 4.76 9.65 -3.96
C TRP A 64 5.60 10.91 -3.72
N VAL A 65 5.05 11.90 -3.01
CA VAL A 65 5.69 13.19 -2.71
C VAL A 65 5.33 13.61 -1.27
N VAL A 66 4.03 13.62 -0.98
CA VAL A 66 3.46 14.08 0.31
C VAL A 66 3.89 13.19 1.46
N LYS A 67 4.23 13.82 2.59
CA LYS A 67 4.78 13.22 3.81
C LYS A 67 3.81 13.29 5.00
N PHE A 68 3.85 12.24 5.82
CA PHE A 68 3.04 11.99 7.01
C PHE A 68 3.93 11.57 8.20
N ASN A 69 3.47 11.76 9.42
CA ASN A 69 4.20 11.46 10.66
C ASN A 69 4.22 9.97 11.04
N SER A 70 3.28 9.19 10.51
CA SER A 70 3.14 7.75 10.74
C SER A 70 2.54 7.04 9.51
N LEU A 71 2.76 5.73 9.38
CA LEU A 71 2.06 4.87 8.41
C LEU A 71 0.52 4.90 8.57
N ASN A 72 0.00 4.99 9.80
CA ASN A 72 -1.43 5.15 10.05
C ASN A 72 -1.98 6.49 9.53
N GLU A 73 -1.20 7.57 9.56
CA GLU A 73 -1.62 8.86 8.98
C GLU A 73 -1.62 8.85 7.45
N LEU A 74 -0.64 8.16 6.83
CA LEU A 74 -0.64 7.79 5.40
C LEU A 74 -1.83 6.90 4.99
N VAL A 75 -2.11 5.84 5.75
CA VAL A 75 -3.29 4.96 5.59
C VAL A 75 -4.60 5.74 5.64
N GLU A 76 -4.80 6.64 6.60
CA GLU A 76 -6.01 7.47 6.66
C GLU A 76 -6.19 8.40 5.44
N TYR A 77 -5.12 8.93 4.85
CA TYR A 77 -5.21 9.67 3.59
C TYR A 77 -5.70 8.77 2.42
N HIS A 78 -5.11 7.59 2.24
CA HIS A 78 -5.53 6.48 1.35
C HIS A 78 -6.90 5.86 1.69
N ARG A 79 -7.40 6.04 2.91
CA ARG A 79 -8.80 5.78 3.29
C ARG A 79 -9.74 6.96 3.00
N THR A 80 -9.28 8.21 3.00
CA THR A 80 -10.08 9.43 2.76
C THR A 80 -10.29 9.70 1.27
N ALA A 81 -9.34 9.30 0.43
CA ALA A 81 -9.38 9.39 -1.03
C ALA A 81 -8.83 8.12 -1.69
N SER A 82 -9.36 7.75 -2.86
CA SER A 82 -9.02 6.48 -3.52
C SER A 82 -7.56 6.40 -3.98
N VAL A 83 -7.03 5.17 -4.04
CA VAL A 83 -5.58 4.93 -4.11
C VAL A 83 -5.01 4.89 -5.53
N SER A 84 -5.88 4.92 -6.52
CA SER A 84 -5.52 4.85 -7.94
C SER A 84 -6.42 5.74 -8.80
N ARG A 85 -5.86 6.27 -9.90
CA ARG A 85 -6.60 7.01 -10.94
C ARG A 85 -7.37 6.08 -11.91
N SER A 86 -7.06 4.78 -11.91
CA SER A 86 -7.73 3.74 -12.71
C SER A 86 -8.78 2.92 -11.95
N GLN A 87 -8.70 2.78 -10.62
CA GLN A 87 -9.72 2.13 -9.80
C GLN A 87 -9.87 2.84 -8.43
N ASP A 88 -11.10 3.07 -7.99
CA ASP A 88 -11.49 3.85 -6.81
C ASP A 88 -11.54 3.02 -5.52
N VAL A 89 -10.67 2.02 -5.39
CA VAL A 89 -10.52 1.26 -4.15
C VAL A 89 -9.99 2.17 -3.01
N LYS A 90 -10.44 1.91 -1.78
CA LYS A 90 -10.00 2.52 -0.51
C LYS A 90 -10.03 1.48 0.63
N LEU A 91 -9.25 1.66 1.70
CA LEU A 91 -9.09 0.63 2.73
C LEU A 91 -10.41 0.23 3.43
N ARG A 92 -10.78 -1.05 3.24
CA ARG A 92 -12.04 -1.71 3.64
C ARG A 92 -11.79 -3.15 4.12
N ASP A 93 -12.46 -3.59 5.18
CA ASP A 93 -12.25 -4.85 5.91
C ASP A 93 -13.60 -5.49 6.26
N MET A 94 -14.63 -5.18 5.45
CA MET A 94 -16.01 -5.68 5.58
C MET A 94 -16.70 -5.95 4.24
N GLY A 1 -3.59 1.29 15.70
CA GLY A 1 -3.29 0.79 14.35
C GLY A 1 -4.52 0.13 13.72
N GLY A 2 -4.33 -0.86 12.87
CA GLY A 2 -5.38 -1.72 12.29
C GLY A 2 -4.85 -3.05 11.71
N GLY A 3 -5.75 -3.85 11.12
CA GLY A 3 -5.48 -5.19 10.58
C GLY A 3 -4.61 -5.24 9.32
N TRP A 4 -4.19 -4.09 8.76
CA TRP A 4 -3.26 -4.04 7.63
C TRP A 4 -1.84 -4.57 7.91
N TYR A 5 -1.30 -4.48 9.14
CA TYR A 5 0.09 -4.93 9.40
C TYR A 5 0.27 -6.45 9.45
N TYR A 6 1.09 -6.99 8.54
CA TYR A 6 1.43 -8.41 8.38
C TYR A 6 2.91 -8.73 8.73
N GLY A 7 3.72 -7.75 9.13
CA GLY A 7 5.08 -7.98 9.62
C GLY A 7 6.07 -8.53 8.57
N ARG A 8 6.87 -9.55 8.92
CA ARG A 8 7.99 -10.15 8.14
C ARG A 8 7.61 -10.89 6.84
N ILE A 9 6.33 -10.89 6.49
CA ILE A 9 5.74 -11.53 5.30
C ILE A 9 6.40 -11.07 3.98
N THR A 10 6.51 -11.96 2.99
CA THR A 10 7.09 -11.73 1.67
C THR A 10 6.04 -11.36 0.61
N ARG A 11 6.47 -10.91 -0.57
CA ARG A 11 5.62 -10.72 -1.76
C ARG A 11 4.92 -12.00 -2.20
N ALA A 12 5.65 -13.11 -2.31
CA ALA A 12 5.10 -14.36 -2.81
C ALA A 12 3.98 -14.96 -1.92
N ASP A 13 4.06 -14.81 -0.59
CA ASP A 13 2.92 -15.05 0.31
C ASP A 13 1.82 -14.00 0.13
N ALA A 14 2.16 -12.70 0.15
CA ALA A 14 1.19 -11.60 0.05
C ALA A 14 0.23 -11.78 -1.16
N GLU A 15 0.80 -12.00 -2.35
CA GLU A 15 0.11 -12.29 -3.60
C GLU A 15 -0.91 -13.46 -3.45
N LYS A 16 -0.55 -14.52 -2.71
CA LYS A 16 -1.37 -15.71 -2.45
C LYS A 16 -2.62 -15.35 -1.63
N LEU A 17 -2.40 -14.92 -0.38
CA LEU A 17 -3.44 -14.67 0.62
C LEU A 17 -4.32 -13.46 0.30
N LEU A 18 -3.77 -12.40 -0.29
CA LEU A 18 -4.50 -11.15 -0.55
C LEU A 18 -5.51 -11.31 -1.71
N SER A 19 -5.22 -12.17 -2.69
CA SER A 19 -6.14 -12.49 -3.79
C SER A 19 -7.44 -13.15 -3.29
N ASN A 20 -7.39 -13.74 -2.09
CA ASN A 20 -8.51 -14.35 -1.38
C ASN A 20 -9.45 -13.34 -0.69
N LYS A 21 -9.14 -12.05 -0.70
CA LYS A 21 -9.90 -10.98 -0.04
C LYS A 21 -10.79 -10.26 -1.05
N HIS A 22 -11.46 -9.22 -0.60
CA HIS A 22 -12.13 -8.23 -1.45
C HIS A 22 -11.13 -7.22 -2.07
N GLU A 23 -11.61 -6.44 -3.03
CA GLU A 23 -10.82 -5.43 -3.75
C GLU A 23 -10.63 -4.17 -2.86
N GLY A 24 -9.42 -3.62 -2.78
CA GLY A 24 -9.09 -2.58 -1.80
C GLY A 24 -8.93 -3.08 -0.36
N ALA A 25 -8.80 -4.40 -0.14
CA ALA A 25 -8.03 -4.94 0.97
C ALA A 25 -6.53 -4.67 0.73
N PHE A 26 -5.76 -4.28 1.75
CA PHE A 26 -4.32 -4.06 1.71
C PHE A 26 -3.59 -4.80 2.84
N LEU A 27 -2.28 -4.94 2.68
CA LEU A 27 -1.35 -5.30 3.75
C LEU A 27 -0.01 -4.55 3.66
N ILE A 28 0.55 -4.19 4.82
CA ILE A 28 1.89 -3.65 5.04
C ILE A 28 2.81 -4.78 5.55
N ARG A 29 3.98 -4.93 4.94
CA ARG A 29 5.03 -5.92 5.29
C ARG A 29 6.42 -5.27 5.25
N ILE A 30 7.33 -5.79 6.07
CA ILE A 30 8.75 -5.39 6.17
C ILE A 30 9.63 -6.35 5.34
N SER A 31 10.72 -5.83 4.79
CA SER A 31 11.87 -6.61 4.30
C SER A 31 12.73 -7.04 5.51
N GLU A 32 12.38 -8.16 6.15
CA GLU A 32 12.97 -8.60 7.43
C GLU A 32 14.49 -8.88 7.34
N SER A 33 14.98 -9.24 6.16
CA SER A 33 16.39 -9.40 5.81
C SER A 33 17.16 -8.09 5.54
N SER A 34 16.45 -6.97 5.42
CA SER A 34 16.94 -5.61 5.12
C SER A 34 16.04 -4.60 5.87
N PRO A 35 16.02 -4.64 7.23
CA PRO A 35 15.03 -3.95 8.07
C PRO A 35 15.07 -2.43 7.89
N GLY A 36 13.93 -1.77 8.11
CA GLY A 36 13.75 -0.33 7.89
C GLY A 36 13.11 0.00 6.53
N ASP A 37 13.04 -0.99 5.63
CA ASP A 37 12.41 -0.91 4.31
C ASP A 37 11.14 -1.77 4.25
N PHE A 38 10.03 -1.18 3.81
CA PHE A 38 8.69 -1.78 3.79
C PHE A 38 8.01 -1.69 2.42
N SER A 39 6.99 -2.53 2.22
CA SER A 39 6.15 -2.60 1.03
C SER A 39 4.66 -2.72 1.39
N LEU A 40 3.83 -2.04 0.60
CA LEU A 40 2.37 -2.13 0.61
C LEU A 40 1.94 -3.06 -0.53
N SER A 41 0.97 -3.93 -0.26
CA SER A 41 0.25 -4.73 -1.25
C SER A 41 -1.27 -4.43 -1.18
N VAL A 42 -1.96 -4.50 -2.31
CA VAL A 42 -3.41 -4.29 -2.47
C VAL A 42 -4.00 -5.32 -3.44
N LYS A 43 -5.24 -5.75 -3.23
CA LYS A 43 -6.02 -6.48 -4.23
C LYS A 43 -6.77 -5.53 -5.19
N CYS A 44 -6.54 -5.71 -6.49
CA CYS A 44 -7.21 -5.09 -7.64
C CYS A 44 -8.16 -6.10 -8.32
N PRO A 45 -8.95 -5.73 -9.35
CA PRO A 45 -9.95 -6.62 -9.92
C PRO A 45 -9.37 -7.84 -10.66
N ASP A 46 -8.16 -7.68 -11.19
CA ASP A 46 -7.42 -8.63 -12.04
C ASP A 46 -6.24 -9.33 -11.33
N GLY A 47 -5.74 -8.78 -10.22
CA GLY A 47 -4.62 -9.36 -9.49
C GLY A 47 -4.28 -8.64 -8.17
N VAL A 48 -3.05 -8.79 -7.69
CA VAL A 48 -2.46 -8.10 -6.53
C VAL A 48 -1.28 -7.26 -7.02
N GLN A 49 -1.25 -6.03 -6.51
CA GLN A 49 -0.38 -4.94 -6.94
C GLN A 49 0.46 -4.47 -5.75
N HIS A 50 1.63 -3.90 -6.04
CA HIS A 50 2.61 -3.52 -5.03
C HIS A 50 3.11 -2.09 -5.18
N PHE A 51 3.41 -1.47 -4.03
CA PHE A 51 4.06 -0.17 -3.90
C PHE A 51 5.09 -0.20 -2.76
N LYS A 52 6.30 0.29 -3.00
CA LYS A 52 7.31 0.49 -1.94
C LYS A 52 7.00 1.72 -1.07
N VAL A 53 7.24 1.60 0.23
CA VAL A 53 6.94 2.62 1.24
C VAL A 53 8.12 2.78 2.20
N LEU A 54 8.82 3.89 2.07
CA LEU A 54 10.16 4.07 2.61
C LEU A 54 10.24 5.40 3.37
N ARG A 55 11.37 5.66 4.03
CA ARG A 55 11.54 6.80 4.92
C ARG A 55 12.72 7.68 4.51
N ASP A 56 12.55 8.96 4.78
CA ASP A 56 13.61 9.95 4.77
C ASP A 56 14.64 9.78 5.91
N ALA A 57 15.70 10.59 5.89
CA ALA A 57 16.78 10.66 6.89
C ALA A 57 16.27 11.03 8.30
N GLN A 58 15.07 11.62 8.35
CA GLN A 58 14.32 11.92 9.58
C GLN A 58 13.66 10.68 10.23
N SER A 59 13.79 9.51 9.59
CA SER A 59 13.03 8.27 9.85
C SER A 59 11.53 8.48 9.92
N LYS A 60 11.00 9.21 8.93
CA LYS A 60 9.56 9.41 8.69
C LYS A 60 9.19 8.96 7.29
N PHE A 61 8.15 8.13 7.20
CA PHE A 61 7.71 7.36 6.03
C PHE A 61 6.80 8.16 5.08
N PHE A 62 6.98 7.97 3.77
CA PHE A 62 6.35 8.69 2.65
C PHE A 62 5.95 7.70 1.54
N LEU A 63 4.94 8.06 0.73
CA LEU A 63 4.44 7.25 -0.40
C LEU A 63 4.35 8.05 -1.70
N TRP A 64 3.27 8.81 -1.89
CA TRP A 64 3.05 9.70 -3.04
C TRP A 64 3.34 11.18 -2.79
N VAL A 65 2.71 11.80 -1.78
CA VAL A 65 2.72 13.27 -1.60
C VAL A 65 2.85 13.73 -0.14
N VAL A 66 2.66 12.82 0.80
CA VAL A 66 2.56 13.16 2.23
C VAL A 66 3.41 12.22 3.09
N LYS A 67 3.88 12.71 4.24
CA LYS A 67 4.84 12.05 5.13
C LYS A 67 4.33 11.95 6.58
N PHE A 68 4.59 10.82 7.25
CA PHE A 68 4.17 10.48 8.62
C PHE A 68 5.21 9.68 9.43
N ASN A 69 5.06 9.61 10.76
CA ASN A 69 6.02 8.99 11.68
C ASN A 69 6.08 7.45 11.56
N SER A 70 5.05 6.83 10.99
CA SER A 70 4.92 5.40 10.78
C SER A 70 4.08 5.08 9.55
N LEU A 71 4.26 3.90 8.96
CA LEU A 71 3.42 3.32 7.89
C LEU A 71 1.93 3.34 8.29
N ASN A 72 1.68 3.00 9.56
CA ASN A 72 0.35 2.98 10.17
C ASN A 72 -0.31 4.36 10.16
N GLU A 73 0.47 5.41 10.49
CA GLU A 73 -0.02 6.79 10.42
C GLU A 73 -0.22 7.26 8.97
N LEU A 74 0.61 6.77 8.04
CA LEU A 74 0.44 7.00 6.60
C LEU A 74 -0.83 6.36 6.02
N VAL A 75 -1.11 5.09 6.35
CA VAL A 75 -2.32 4.35 5.98
C VAL A 75 -3.58 5.04 6.52
N GLU A 76 -3.54 5.56 7.74
CA GLU A 76 -4.68 6.21 8.42
C GLU A 76 -5.16 7.46 7.69
N TYR A 77 -4.26 8.09 6.93
CA TYR A 77 -4.53 9.25 6.10
C TYR A 77 -4.77 8.90 4.62
N HIS A 78 -3.90 8.08 4.01
CA HIS A 78 -3.87 7.76 2.57
C HIS A 78 -5.19 7.13 2.07
N ARG A 79 -5.98 6.52 2.95
CA ARG A 79 -7.36 6.06 2.70
C ARG A 79 -8.31 7.13 2.16
N THR A 80 -8.02 8.42 2.34
CA THR A 80 -8.74 9.58 1.76
C THR A 80 -8.81 9.57 0.23
N ALA A 81 -7.92 8.87 -0.46
CA ALA A 81 -7.86 8.82 -1.92
C ALA A 81 -7.69 7.40 -2.49
N SER A 82 -7.96 7.24 -3.79
CA SER A 82 -7.69 6.00 -4.52
C SER A 82 -6.20 5.84 -4.83
N VAL A 83 -5.75 4.60 -4.83
CA VAL A 83 -4.36 4.20 -5.10
C VAL A 83 -4.10 3.86 -6.57
N SER A 84 -5.13 3.99 -7.41
CA SER A 84 -5.06 3.94 -8.86
C SER A 84 -5.70 5.19 -9.50
N ARG A 85 -5.13 5.63 -10.63
CA ARG A 85 -5.61 6.73 -11.46
C ARG A 85 -6.82 6.34 -12.34
N SER A 86 -7.11 5.03 -12.45
CA SER A 86 -8.17 4.43 -13.28
C SER A 86 -9.12 3.44 -12.59
N GLN A 87 -8.94 3.10 -11.30
CA GLN A 87 -9.80 2.18 -10.54
C GLN A 87 -10.12 2.74 -9.15
N ASP A 88 -11.31 2.44 -8.62
CA ASP A 88 -11.80 2.91 -7.33
C ASP A 88 -11.21 2.08 -6.13
N VAL A 89 -9.95 1.64 -6.25
CA VAL A 89 -9.21 0.89 -5.22
C VAL A 89 -8.74 1.85 -4.11
N LYS A 90 -9.28 1.69 -2.89
CA LYS A 90 -8.92 2.45 -1.67
C LYS A 90 -9.03 1.57 -0.44
N LEU A 91 -8.33 1.95 0.63
CA LEU A 91 -8.16 1.14 1.84
C LEU A 91 -9.51 0.81 2.52
N ARG A 92 -9.84 -0.48 2.65
CA ARG A 92 -11.07 -1.00 3.30
C ARG A 92 -10.73 -1.85 4.52
N ASP A 93 -11.62 -1.80 5.51
CA ASP A 93 -11.50 -2.51 6.79
C ASP A 93 -12.31 -3.83 6.78
N MET A 94 -11.60 -4.95 6.57
CA MET A 94 -12.11 -6.33 6.61
C MET A 94 -12.46 -6.83 8.03
N GLY A 1 -9.99 2.67 12.59
CA GLY A 1 -9.61 1.45 13.29
C GLY A 1 -8.72 0.57 12.42
N GLY A 2 -7.68 -0.01 13.03
CA GLY A 2 -6.70 -0.87 12.36
C GLY A 2 -7.16 -2.32 12.20
N GLY A 3 -6.21 -3.25 12.07
CA GLY A 3 -6.45 -4.67 11.80
C GLY A 3 -5.72 -5.21 10.56
N TRP A 4 -5.15 -4.33 9.73
CA TRP A 4 -4.52 -4.70 8.45
C TRP A 4 -3.02 -4.97 8.56
N TYR A 5 -2.46 -4.91 9.77
CA TYR A 5 -1.07 -5.27 10.02
C TYR A 5 -0.84 -6.78 10.23
N TYR A 6 0.00 -7.38 9.39
CA TYR A 6 0.36 -8.81 9.36
C TYR A 6 1.84 -9.08 9.70
N GLY A 7 2.68 -8.06 9.86
CA GLY A 7 4.04 -8.27 10.36
C GLY A 7 4.91 -9.11 9.40
N ARG A 8 5.52 -10.18 9.91
CA ARG A 8 6.34 -11.14 9.16
C ARG A 8 5.43 -12.05 8.33
N ILE A 9 5.14 -11.59 7.11
CA ILE A 9 4.43 -12.32 6.04
C ILE A 9 5.11 -12.01 4.71
N THR A 10 5.20 -13.01 3.85
CA THR A 10 5.77 -12.90 2.50
C THR A 10 4.68 -12.62 1.45
N ARG A 11 5.05 -12.25 0.22
CA ARG A 11 4.17 -12.03 -0.94
C ARG A 11 3.39 -13.29 -1.31
N ALA A 12 4.09 -14.43 -1.43
CA ALA A 12 3.48 -15.73 -1.70
C ALA A 12 2.40 -16.11 -0.67
N ASP A 13 2.61 -15.82 0.62
CA ASP A 13 1.54 -15.94 1.62
C ASP A 13 0.43 -14.93 1.38
N ALA A 14 0.78 -13.65 1.18
CA ALA A 14 -0.16 -12.55 0.97
C ALA A 14 -1.14 -12.84 -0.17
N GLU A 15 -0.67 -13.27 -1.33
CA GLU A 15 -1.48 -13.59 -2.52
C GLU A 15 -2.45 -14.75 -2.26
N LYS A 16 -2.08 -15.71 -1.40
CA LYS A 16 -2.86 -16.88 -1.01
C LYS A 16 -4.08 -16.48 -0.17
N LEU A 17 -3.85 -15.75 0.93
CA LEU A 17 -4.89 -15.27 1.85
C LEU A 17 -5.70 -14.07 1.34
N LEU A 18 -5.07 -13.12 0.64
CA LEU A 18 -5.69 -11.86 0.22
C LEU A 18 -6.62 -12.04 -0.99
N SER A 19 -6.29 -12.95 -1.91
CA SER A 19 -7.16 -13.28 -3.05
C SER A 19 -8.49 -13.94 -2.64
N ASN A 20 -8.61 -14.45 -1.40
CA ASN A 20 -9.86 -14.94 -0.79
C ASN A 20 -10.77 -13.82 -0.19
N LYS A 21 -10.30 -12.58 -0.11
CA LYS A 21 -11.09 -11.39 0.29
C LYS A 21 -11.84 -10.73 -0.88
N HIS A 22 -12.49 -9.60 -0.60
CA HIS A 22 -13.08 -8.68 -1.60
C HIS A 22 -12.00 -7.75 -2.20
N GLU A 23 -12.28 -7.14 -3.35
CA GLU A 23 -11.39 -6.15 -3.97
C GLU A 23 -11.30 -4.89 -3.07
N GLY A 24 -10.11 -4.31 -2.89
CA GLY A 24 -9.86 -3.22 -1.93
C GLY A 24 -9.70 -3.64 -0.47
N ALA A 25 -9.62 -4.94 -0.18
CA ALA A 25 -8.90 -5.45 1.00
C ALA A 25 -7.38 -5.28 0.85
N PHE A 26 -6.70 -4.97 1.96
CA PHE A 26 -5.26 -4.82 2.02
C PHE A 26 -4.63 -5.52 3.24
N LEU A 27 -3.31 -5.52 3.26
CA LEU A 27 -2.46 -5.95 4.37
C LEU A 27 -1.05 -5.32 4.28
N ILE A 28 -0.50 -4.96 5.42
CA ILE A 28 0.87 -4.48 5.62
C ILE A 28 1.73 -5.63 6.14
N ARG A 29 2.94 -5.79 5.56
CA ARG A 29 3.95 -6.82 5.87
C ARG A 29 5.38 -6.26 5.70
N ILE A 30 6.28 -6.71 6.56
CA ILE A 30 7.72 -6.37 6.56
C ILE A 30 8.51 -6.98 5.37
N SER A 31 9.59 -6.33 4.94
CA SER A 31 10.62 -6.84 4.01
C SER A 31 11.66 -7.60 4.82
N GLU A 32 11.41 -8.89 5.07
CA GLU A 32 12.27 -9.74 5.88
C GLU A 32 13.71 -9.83 5.33
N SER A 33 13.91 -9.82 4.01
CA SER A 33 15.22 -9.79 3.35
C SER A 33 15.97 -8.44 3.46
N SER A 34 15.32 -7.41 4.05
CA SER A 34 15.86 -6.07 4.31
C SER A 34 15.02 -5.32 5.36
N PRO A 35 15.15 -5.68 6.66
CA PRO A 35 14.24 -5.21 7.72
C PRO A 35 14.30 -3.69 7.99
N GLY A 36 13.19 -3.11 8.44
CA GLY A 36 12.99 -1.64 8.50
C GLY A 36 12.30 -1.08 7.26
N ASP A 37 12.21 -1.86 6.17
CA ASP A 37 11.37 -1.55 5.01
C ASP A 37 10.12 -2.45 4.94
N PHE A 38 9.02 -1.88 4.44
CA PHE A 38 7.67 -2.45 4.49
C PHE A 38 6.96 -2.41 3.12
N SER A 39 5.97 -3.27 2.96
CA SER A 39 5.11 -3.39 1.79
C SER A 39 3.63 -3.42 2.20
N LEU A 40 2.80 -2.68 1.46
CA LEU A 40 1.33 -2.80 1.42
C LEU A 40 0.96 -3.73 0.26
N SER A 41 0.15 -4.76 0.47
CA SER A 41 -0.47 -5.58 -0.59
C SER A 41 -1.99 -5.40 -0.60
N VAL A 42 -2.61 -5.52 -1.76
CA VAL A 42 -4.04 -5.27 -2.05
C VAL A 42 -4.63 -6.32 -3.00
N LYS A 43 -5.94 -6.61 -2.92
CA LYS A 43 -6.70 -7.28 -4.00
C LYS A 43 -7.28 -6.27 -4.99
N CYS A 44 -6.91 -6.41 -6.26
CA CYS A 44 -7.44 -5.75 -7.46
C CYS A 44 -8.34 -6.74 -8.25
N PRO A 45 -9.05 -6.30 -9.30
CA PRO A 45 -10.00 -7.16 -10.00
C PRO A 45 -9.34 -8.37 -10.68
N ASP A 46 -8.09 -8.25 -11.15
CA ASP A 46 -7.41 -9.31 -11.91
C ASP A 46 -6.51 -10.19 -11.02
N GLY A 47 -6.20 -9.72 -9.79
CA GLY A 47 -5.39 -10.44 -8.82
C GLY A 47 -4.85 -9.53 -7.70
N VAL A 48 -4.03 -10.10 -6.82
CA VAL A 48 -3.34 -9.43 -5.72
C VAL A 48 -2.05 -8.72 -6.20
N GLN A 49 -1.84 -7.47 -5.79
CA GLN A 49 -0.72 -6.62 -6.16
C GLN A 49 -0.11 -5.96 -4.91
N HIS A 50 1.09 -5.41 -5.06
CA HIS A 50 1.88 -4.82 -3.98
C HIS A 50 2.53 -3.49 -4.35
N PHE A 51 2.72 -2.69 -3.30
CA PHE A 51 3.43 -1.42 -3.23
C PHE A 51 4.44 -1.52 -2.09
N LYS A 52 5.68 -1.06 -2.32
CA LYS A 52 6.60 -0.74 -1.24
C LYS A 52 6.17 0.59 -0.61
N VAL A 53 6.05 0.61 0.72
CA VAL A 53 5.71 1.78 1.54
C VAL A 53 6.97 2.25 2.28
N LEU A 54 7.24 3.57 2.28
CA LEU A 54 8.57 4.10 2.61
C LEU A 54 8.52 5.45 3.34
N ARG A 55 9.65 5.87 3.91
CA ARG A 55 9.81 7.09 4.70
C ARG A 55 10.97 7.92 4.15
N ASP A 56 10.80 9.24 4.22
CA ASP A 56 11.87 10.24 4.12
C ASP A 56 12.83 10.20 5.33
N ALA A 57 13.92 10.97 5.26
CA ALA A 57 14.99 11.09 6.26
C ALA A 57 14.54 11.65 7.62
N GLN A 58 13.36 12.25 7.68
CA GLN A 58 12.69 12.68 8.91
C GLN A 58 11.91 11.55 9.63
N SER A 59 11.89 10.36 9.02
CA SER A 59 11.11 9.16 9.38
C SER A 59 9.59 9.35 9.16
N LYS A 60 9.21 10.18 8.18
CA LYS A 60 7.82 10.45 7.79
C LYS A 60 7.50 9.69 6.51
N PHE A 61 6.38 8.96 6.55
CA PHE A 61 5.99 8.01 5.51
C PHE A 61 5.25 8.68 4.34
N PHE A 62 5.44 8.11 3.15
CA PHE A 62 4.76 8.46 1.91
C PHE A 62 4.43 7.20 1.08
N LEU A 63 3.35 7.29 0.28
CA LEU A 63 2.92 6.28 -0.69
C LEU A 63 2.62 6.91 -2.06
N TRP A 64 1.45 7.54 -2.22
CA TRP A 64 0.94 7.98 -3.54
C TRP A 64 1.00 9.50 -3.77
N VAL A 65 0.37 10.30 -2.89
CA VAL A 65 0.33 11.77 -3.02
C VAL A 65 0.27 12.51 -1.67
N VAL A 66 0.03 11.80 -0.56
CA VAL A 66 -0.09 12.36 0.82
C VAL A 66 1.01 11.78 1.70
N LYS A 67 1.47 12.58 2.68
CA LYS A 67 2.54 12.29 3.64
C LYS A 67 2.01 12.17 5.08
N PHE A 68 2.55 11.25 5.87
CA PHE A 68 2.02 10.81 7.17
C PHE A 68 3.16 10.55 8.18
N ASN A 69 2.79 10.40 9.45
CA ASN A 69 3.76 10.18 10.54
C ASN A 69 4.33 8.76 10.63
N SER A 70 3.61 7.79 10.10
CA SER A 70 3.96 6.37 10.18
C SER A 70 3.16 5.61 9.12
N LEU A 71 3.48 4.33 8.95
CA LEU A 71 2.66 3.42 8.16
C LEU A 71 1.28 3.10 8.78
N ASN A 72 1.13 3.19 10.10
CA ASN A 72 -0.18 3.11 10.75
C ASN A 72 -1.03 4.36 10.43
N GLU A 73 -0.43 5.55 10.44
CA GLU A 73 -1.07 6.83 10.11
C GLU A 73 -1.52 6.88 8.64
N LEU A 74 -0.69 6.37 7.72
CA LEU A 74 -1.02 6.13 6.31
C LEU A 74 -2.28 5.27 6.20
N VAL A 75 -2.24 4.06 6.78
CA VAL A 75 -3.34 3.08 6.79
C VAL A 75 -4.65 3.65 7.34
N GLU A 76 -4.59 4.46 8.38
CA GLU A 76 -5.79 5.04 9.02
C GLU A 76 -6.41 6.18 8.22
N TYR A 77 -5.62 7.01 7.52
CA TYR A 77 -6.12 8.27 6.94
C TYR A 77 -6.01 8.43 5.42
N HIS A 78 -5.31 7.55 4.70
CA HIS A 78 -5.28 7.55 3.23
C HIS A 78 -6.60 6.99 2.62
N ARG A 79 -7.47 6.32 3.42
CA ARG A 79 -8.72 5.64 3.00
C ARG A 79 -9.71 6.49 2.20
N THR A 80 -9.63 7.81 2.32
CA THR A 80 -10.48 8.76 1.59
C THR A 80 -10.08 8.98 0.12
N ALA A 81 -8.99 8.36 -0.34
CA ALA A 81 -8.48 8.46 -1.70
C ALA A 81 -7.95 7.10 -2.15
N SER A 82 -7.69 6.99 -3.44
CA SER A 82 -7.17 5.75 -4.01
C SER A 82 -5.67 5.56 -3.70
N VAL A 83 -5.21 4.31 -3.83
CA VAL A 83 -3.79 3.94 -3.66
C VAL A 83 -2.97 4.01 -4.95
N SER A 84 -3.64 4.26 -6.08
CA SER A 84 -3.03 4.47 -7.41
C SER A 84 -3.85 5.49 -8.23
N ARG A 85 -3.27 5.99 -9.32
CA ARG A 85 -3.92 6.75 -10.43
C ARG A 85 -4.59 5.83 -11.47
N SER A 86 -4.17 4.57 -11.53
CA SER A 86 -4.61 3.59 -12.55
C SER A 86 -5.85 2.77 -12.12
N GLN A 87 -6.14 2.69 -10.81
CA GLN A 87 -7.21 1.86 -10.23
C GLN A 87 -7.93 2.56 -9.08
N ASP A 88 -9.21 2.25 -8.90
CA ASP A 88 -10.12 2.89 -7.93
C ASP A 88 -10.08 2.31 -6.50
N VAL A 89 -9.30 1.24 -6.24
CA VAL A 89 -9.17 0.62 -4.90
C VAL A 89 -8.65 1.59 -3.82
N LYS A 90 -9.17 1.42 -2.59
CA LYS A 90 -8.86 2.14 -1.36
C LYS A 90 -9.22 1.24 -0.18
N LEU A 91 -8.52 1.42 0.94
CA LEU A 91 -8.58 0.48 2.05
C LEU A 91 -10.02 0.41 2.59
N ARG A 92 -10.65 -0.77 2.48
CA ARG A 92 -12.08 -1.00 2.67
C ARG A 92 -12.35 -1.82 3.93
N ASP A 93 -13.36 -1.44 4.68
CA ASP A 93 -13.83 -2.12 5.90
C ASP A 93 -14.96 -3.11 5.53
N MET A 94 -14.62 -4.39 5.41
CA MET A 94 -15.54 -5.49 5.06
C MET A 94 -16.52 -5.87 6.20
N GLY A 1 -8.59 -9.95 10.28
CA GLY A 1 -8.45 -8.62 9.65
C GLY A 1 -7.25 -7.90 10.21
N GLY A 2 -7.30 -6.57 10.19
CA GLY A 2 -6.27 -5.67 10.69
C GLY A 2 -6.07 -4.38 9.88
N GLY A 3 -5.16 -3.53 10.38
CA GLY A 3 -4.78 -2.28 9.70
C GLY A 3 -3.83 -2.51 8.52
N TRP A 4 -3.36 -1.41 7.90
CA TRP A 4 -2.55 -1.45 6.67
C TRP A 4 -1.08 -1.89 6.84
N TYR A 5 -0.58 -2.08 8.06
CA TYR A 5 0.80 -2.50 8.38
C TYR A 5 0.74 -3.97 8.79
N TYR A 6 1.33 -4.85 7.98
CA TYR A 6 1.20 -6.31 8.05
C TYR A 6 2.42 -7.01 8.69
N GLY A 7 3.32 -6.24 9.33
CA GLY A 7 4.54 -6.75 9.98
C GLY A 7 5.63 -7.21 9.01
N ARG A 8 6.40 -8.22 9.39
CA ARG A 8 7.44 -8.84 8.55
C ARG A 8 6.78 -9.80 7.54
N ILE A 9 6.50 -9.28 6.34
CA ILE A 9 5.91 -10.01 5.19
C ILE A 9 6.83 -9.80 3.96
N THR A 10 6.51 -10.39 2.81
CA THR A 10 7.18 -10.21 1.53
C THR A 10 6.15 -9.98 0.42
N ARG A 11 6.57 -9.48 -0.74
CA ARG A 11 5.74 -9.30 -1.95
C ARG A 11 5.07 -10.59 -2.44
N ALA A 12 5.74 -11.74 -2.49
CA ALA A 12 5.13 -13.03 -2.84
C ALA A 12 3.98 -13.44 -1.90
N ASP A 13 4.13 -13.27 -0.59
CA ASP A 13 3.00 -13.43 0.32
C ASP A 13 1.94 -12.35 0.06
N ALA A 14 2.35 -11.07 -0.09
CA ALA A 14 1.47 -9.91 -0.23
C ALA A 14 0.44 -10.09 -1.36
N GLU A 15 0.89 -10.40 -2.57
CA GLU A 15 0.03 -10.70 -3.73
C GLU A 15 -0.96 -11.86 -3.48
N LYS A 16 -0.50 -12.94 -2.83
CA LYS A 16 -1.29 -14.14 -2.50
C LYS A 16 -2.51 -13.83 -1.61
N LEU A 17 -2.29 -13.20 -0.47
CA LEU A 17 -3.36 -12.81 0.46
C LEU A 17 -4.17 -11.62 -0.08
N LEU A 18 -3.55 -10.69 -0.81
CA LEU A 18 -4.20 -9.47 -1.29
C LEU A 18 -5.15 -9.72 -2.48
N SER A 19 -4.85 -10.73 -3.31
CA SER A 19 -5.77 -11.26 -4.34
C SER A 19 -7.03 -11.89 -3.74
N ASN A 20 -7.03 -12.24 -2.44
CA ASN A 20 -8.17 -12.81 -1.74
C ASN A 20 -8.95 -11.80 -0.85
N LYS A 21 -8.40 -10.61 -0.58
CA LYS A 21 -9.15 -9.46 -0.01
C LYS A 21 -10.09 -8.79 -1.05
N HIS A 22 -10.81 -7.76 -0.61
CA HIS A 22 -11.58 -6.88 -1.50
C HIS A 22 -10.70 -5.91 -2.30
N GLU A 23 -11.30 -5.27 -3.30
CA GLU A 23 -10.68 -4.16 -4.03
C GLU A 23 -10.53 -2.94 -3.11
N GLY A 24 -9.41 -2.22 -3.20
CA GLY A 24 -9.11 -1.12 -2.27
C GLY A 24 -8.73 -1.58 -0.85
N ALA A 25 -8.48 -2.87 -0.63
CA ALA A 25 -7.60 -3.34 0.45
C ALA A 25 -6.13 -3.08 0.07
N PHE A 26 -5.27 -2.82 1.07
CA PHE A 26 -3.85 -2.54 0.86
C PHE A 26 -3.02 -3.16 1.99
N LEU A 27 -1.73 -3.34 1.74
CA LEU A 27 -0.75 -3.66 2.78
C LEU A 27 0.61 -2.99 2.54
N ILE A 28 1.30 -2.72 3.65
CA ILE A 28 2.71 -2.38 3.78
C ILE A 28 3.37 -3.46 4.66
N ARG A 29 4.63 -3.83 4.38
CA ARG A 29 5.48 -4.66 5.27
C ARG A 29 6.75 -3.93 5.70
N ILE A 30 7.33 -4.40 6.79
CA ILE A 30 8.71 -4.18 7.25
C ILE A 30 9.62 -5.21 6.57
N SER A 31 10.73 -4.79 5.94
CA SER A 31 11.81 -5.70 5.55
C SER A 31 12.71 -6.04 6.73
N GLU A 32 13.16 -7.29 6.80
CA GLU A 32 14.09 -7.83 7.80
C GLU A 32 15.44 -7.06 7.83
N SER A 33 15.90 -6.57 6.67
CA SER A 33 17.08 -5.68 6.49
C SER A 33 16.81 -4.18 6.66
N SER A 34 15.55 -3.73 6.58
CA SER A 34 15.19 -2.31 6.57
C SER A 34 13.70 -2.08 6.86
N PRO A 35 13.32 -1.60 8.05
CA PRO A 35 12.00 -1.00 8.27
C PRO A 35 11.79 0.24 7.40
N GLY A 36 10.53 0.51 7.04
CA GLY A 36 10.10 1.70 6.32
C GLY A 36 10.48 1.73 4.84
N ASP A 37 10.99 0.62 4.30
CA ASP A 37 11.40 0.47 2.91
C ASP A 37 10.55 -0.63 2.27
N PHE A 38 9.58 -0.26 1.43
CA PHE A 38 8.72 -1.22 0.71
C PHE A 38 8.05 -0.62 -0.55
N SER A 39 6.91 -1.21 -0.91
CA SER A 39 5.96 -0.76 -1.91
C SER A 39 4.53 -1.02 -1.42
N LEU A 40 3.77 0.05 -1.27
CA LEU A 40 2.35 0.01 -0.96
C LEU A 40 1.66 -0.81 -2.05
N SER A 41 0.97 -1.86 -1.62
CA SER A 41 0.40 -2.89 -2.50
C SER A 41 -1.12 -2.87 -2.33
N VAL A 42 -1.89 -2.82 -3.42
CA VAL A 42 -3.35 -2.64 -3.47
C VAL A 42 -3.94 -3.66 -4.43
N LYS A 43 -5.11 -4.21 -4.13
CA LYS A 43 -5.88 -4.97 -5.13
C LYS A 43 -6.61 -4.01 -6.09
N CYS A 44 -6.30 -4.12 -7.37
CA CYS A 44 -6.99 -3.51 -8.51
C CYS A 44 -7.74 -4.61 -9.32
N PRO A 45 -8.57 -4.28 -10.31
CA PRO A 45 -9.46 -5.23 -10.97
C PRO A 45 -8.74 -6.30 -11.77
N ASP A 46 -7.67 -5.93 -12.48
CA ASP A 46 -6.82 -6.84 -13.27
C ASP A 46 -5.83 -7.66 -12.42
N GLY A 47 -5.50 -7.19 -11.21
CA GLY A 47 -4.58 -7.84 -10.28
C GLY A 47 -4.07 -6.92 -9.16
N VAL A 48 -3.00 -7.31 -8.48
CA VAL A 48 -2.32 -6.55 -7.42
C VAL A 48 -1.24 -5.65 -8.01
N GLN A 49 -1.25 -4.41 -7.54
CA GLN A 49 -0.44 -3.31 -8.04
C GLN A 49 0.43 -2.74 -6.91
N HIS A 50 1.61 -2.21 -7.27
CA HIS A 50 2.65 -1.75 -6.34
C HIS A 50 3.04 -0.28 -6.60
N PHE A 51 3.30 0.46 -5.52
CA PHE A 51 3.74 1.85 -5.48
C PHE A 51 4.81 2.01 -4.38
N LYS A 52 6.08 2.29 -4.72
CA LYS A 52 7.18 2.33 -3.75
C LYS A 52 6.92 3.34 -2.63
N VAL A 53 7.27 2.95 -1.41
CA VAL A 53 7.09 3.68 -0.16
C VAL A 53 8.40 3.65 0.61
N LEU A 54 8.80 4.82 1.10
CA LEU A 54 10.17 5.11 1.52
C LEU A 54 10.17 5.98 2.78
N ARG A 55 11.36 6.14 3.35
CA ARG A 55 11.70 7.19 4.31
C ARG A 55 13.03 7.87 3.96
N ASP A 56 13.11 9.14 4.33
CA ASP A 56 14.28 10.03 4.25
C ASP A 56 15.33 9.74 5.37
N ALA A 57 16.52 10.34 5.30
CA ALA A 57 17.56 10.34 6.34
C ALA A 57 17.12 10.96 7.69
N GLN A 58 16.01 11.72 7.74
CA GLN A 58 15.36 12.13 8.99
C GLN A 58 14.56 11.00 9.69
N SER A 59 14.36 9.86 9.01
CA SER A 59 13.48 8.74 9.37
C SER A 59 11.98 9.07 9.19
N LYS A 60 11.73 10.11 8.40
CA LYS A 60 10.40 10.61 8.06
C LYS A 60 9.97 10.03 6.71
N PHE A 61 8.81 9.40 6.68
CA PHE A 61 8.32 8.64 5.54
C PHE A 61 7.79 9.55 4.42
N PHE A 62 7.81 9.06 3.19
CA PHE A 62 7.03 9.61 2.07
C PHE A 62 6.57 8.52 1.08
N LEU A 63 5.42 8.78 0.46
CA LEU A 63 4.78 7.98 -0.60
C LEU A 63 4.80 8.65 -2.00
N TRP A 64 4.58 9.96 -2.07
CA TRP A 64 4.62 10.83 -3.24
C TRP A 64 5.87 11.74 -3.20
N VAL A 65 5.86 12.87 -2.47
CA VAL A 65 7.02 13.79 -2.31
C VAL A 65 7.16 14.28 -0.86
N VAL A 66 6.08 14.81 -0.30
CA VAL A 66 6.03 15.39 1.06
C VAL A 66 6.30 14.34 2.15
N LYS A 67 7.07 14.71 3.18
CA LYS A 67 7.48 13.88 4.33
C LYS A 67 6.48 14.02 5.49
N PHE A 68 6.21 12.89 6.15
CA PHE A 68 5.45 12.77 7.41
C PHE A 68 6.17 11.85 8.42
N ASN A 69 5.83 11.91 9.70
CA ASN A 69 6.51 11.23 10.80
C ASN A 69 6.28 9.71 10.84
N SER A 70 5.14 9.24 10.31
CA SER A 70 4.77 7.83 10.22
C SER A 70 3.76 7.59 9.10
N LEU A 71 3.69 6.35 8.61
CA LEU A 71 2.86 5.97 7.48
C LEU A 71 1.38 6.21 7.78
N ASN A 72 0.97 5.91 9.02
CA ASN A 72 -0.38 6.19 9.51
C ASN A 72 -0.74 7.68 9.44
N GLU A 73 0.22 8.61 9.66
CA GLU A 73 -0.07 10.05 9.69
C GLU A 73 -0.60 10.58 8.34
N LEU A 74 -0.14 10.03 7.21
CA LEU A 74 -0.73 10.28 5.88
C LEU A 74 -1.94 9.35 5.61
N VAL A 75 -1.74 8.03 5.70
CA VAL A 75 -2.73 6.97 5.37
C VAL A 75 -4.11 7.14 6.05
N GLU A 76 -4.15 7.62 7.29
CA GLU A 76 -5.38 7.87 8.03
C GLU A 76 -6.29 8.96 7.40
N TYR A 77 -5.74 9.87 6.60
CA TYR A 77 -6.44 10.94 5.85
C TYR A 77 -6.48 10.74 4.32
N HIS A 78 -5.47 10.08 3.74
CA HIS A 78 -5.30 9.86 2.29
C HIS A 78 -6.39 9.00 1.67
N ARG A 79 -7.08 8.21 2.51
CA ARG A 79 -8.35 7.54 2.20
C ARG A 79 -9.46 8.45 1.63
N THR A 80 -9.30 9.79 1.67
CA THR A 80 -10.28 10.77 1.17
C THR A 80 -10.39 10.81 -0.36
N ALA A 81 -9.37 10.32 -1.07
CA ALA A 81 -9.23 10.40 -2.53
C ALA A 81 -8.64 9.07 -3.09
N SER A 82 -8.89 8.76 -4.37
CA SER A 82 -8.31 7.61 -5.09
C SER A 82 -6.77 7.66 -5.22
N VAL A 83 -6.08 6.53 -5.06
CA VAL A 83 -4.59 6.44 -4.98
C VAL A 83 -3.88 6.47 -6.35
N SER A 84 -4.66 6.50 -7.44
CA SER A 84 -4.20 6.49 -8.84
C SER A 84 -5.04 7.43 -9.71
N ARG A 85 -4.48 7.90 -10.84
CA ARG A 85 -5.19 8.62 -11.90
C ARG A 85 -5.94 7.70 -12.90
N SER A 86 -5.71 6.39 -12.82
CA SER A 86 -6.22 5.37 -13.76
C SER A 86 -7.09 4.29 -13.08
N GLN A 87 -7.04 4.18 -11.75
CA GLN A 87 -7.82 3.27 -10.92
C GLN A 87 -8.40 4.06 -9.74
N ASP A 88 -9.66 3.77 -9.42
CA ASP A 88 -10.49 4.54 -8.48
C ASP A 88 -10.33 4.14 -7.00
N VAL A 89 -9.65 3.02 -6.71
CA VAL A 89 -9.43 2.46 -5.37
C VAL A 89 -8.88 3.45 -4.33
N LYS A 90 -9.31 3.30 -3.07
CA LYS A 90 -8.85 4.08 -1.92
C LYS A 90 -8.74 3.26 -0.64
N LEU A 91 -7.87 3.71 0.25
CA LEU A 91 -7.47 2.96 1.44
C LEU A 91 -8.67 2.67 2.36
N ARG A 92 -8.97 1.37 2.47
CA ARG A 92 -9.91 0.80 3.43
C ARG A 92 -9.28 -0.36 4.19
N ASP A 93 -9.77 -0.61 5.40
CA ASP A 93 -9.33 -1.69 6.28
C ASP A 93 -10.48 -2.66 6.60
N MET A 94 -10.17 -3.75 7.33
CA MET A 94 -11.04 -4.92 7.55
C MET A 94 -11.00 -5.42 9.01
N GLY A 1 -8.81 -7.75 10.82
CA GLY A 1 -7.92 -7.86 9.64
C GLY A 1 -6.57 -7.18 9.91
N GLY A 2 -5.55 -7.43 9.08
CA GLY A 2 -4.17 -6.97 9.27
C GLY A 2 -3.85 -5.58 8.71
N GLY A 3 -4.83 -4.91 8.08
CA GLY A 3 -4.66 -3.60 7.47
C GLY A 3 -3.92 -3.65 6.12
N TRP A 4 -3.55 -2.49 5.58
CA TRP A 4 -2.83 -2.33 4.29
C TRP A 4 -1.30 -2.41 4.41
N TYR A 5 -0.76 -2.37 5.63
CA TYR A 5 0.64 -2.66 5.87
C TYR A 5 0.92 -4.16 5.97
N TYR A 6 1.75 -4.68 5.07
CA TYR A 6 2.09 -6.10 4.93
C TYR A 6 3.56 -6.42 5.30
N GLY A 7 4.39 -5.46 5.71
CA GLY A 7 5.76 -5.76 6.12
C GLY A 7 6.63 -6.38 5.01
N ARG A 8 7.44 -7.39 5.34
CA ARG A 8 8.63 -7.90 4.58
C ARG A 8 8.34 -8.53 3.22
N ILE A 9 7.07 -8.57 2.83
CA ILE A 9 6.55 -9.17 1.60
C ILE A 9 7.24 -8.63 0.33
N THR A 10 7.55 -9.53 -0.60
CA THR A 10 8.12 -9.28 -1.93
C THR A 10 7.04 -9.05 -3.01
N ARG A 11 7.40 -8.56 -4.20
CA ARG A 11 6.50 -8.38 -5.35
C ARG A 11 5.79 -9.68 -5.78
N ALA A 12 6.51 -10.78 -5.92
CA ALA A 12 5.95 -12.07 -6.36
C ALA A 12 4.91 -12.65 -5.40
N ASP A 13 5.11 -12.53 -4.08
CA ASP A 13 4.02 -12.83 -3.16
C ASP A 13 2.84 -11.85 -3.35
N ALA A 14 3.10 -10.53 -3.39
CA ALA A 14 2.06 -9.51 -3.51
C ALA A 14 1.15 -9.73 -4.73
N GLU A 15 1.73 -9.96 -5.91
CA GLU A 15 1.02 -10.22 -7.17
C GLU A 15 0.07 -11.42 -7.04
N LYS A 16 0.46 -12.45 -6.28
CA LYS A 16 -0.30 -13.67 -6.04
C LYS A 16 -1.56 -13.40 -5.19
N LEU A 17 -1.34 -12.89 -3.98
CA LEU A 17 -2.39 -12.62 -3.00
C LEU A 17 -3.30 -11.44 -3.35
N LEU A 18 -2.82 -10.47 -4.15
CA LEU A 18 -3.54 -9.23 -4.45
C LEU A 18 -4.46 -9.40 -5.66
N SER A 19 -4.04 -10.12 -6.69
CA SER A 19 -4.85 -10.36 -7.89
C SER A 19 -6.13 -11.17 -7.62
N ASN A 20 -6.17 -11.88 -6.48
CA ASN A 20 -7.38 -12.54 -6.00
C ASN A 20 -8.47 -11.59 -5.46
N LYS A 21 -8.16 -10.30 -5.26
CA LYS A 21 -9.05 -9.32 -4.61
C LYS A 21 -9.80 -8.45 -5.63
N HIS A 22 -10.64 -7.55 -5.15
CA HIS A 22 -11.29 -6.49 -5.93
C HIS A 22 -10.33 -5.34 -6.28
N GLU A 23 -10.62 -4.61 -7.35
CA GLU A 23 -9.80 -3.49 -7.84
C GLU A 23 -9.78 -2.32 -6.83
N GLY A 24 -8.59 -1.85 -6.46
CA GLY A 24 -8.36 -0.80 -5.45
C GLY A 24 -8.23 -1.30 -4.00
N ALA A 25 -8.10 -2.60 -3.78
CA ALA A 25 -7.30 -3.15 -2.68
C ALA A 25 -5.80 -2.90 -2.96
N PHE A 26 -5.00 -2.65 -1.92
CA PHE A 26 -3.57 -2.39 -1.99
C PHE A 26 -2.82 -3.01 -0.80
N LEU A 27 -1.49 -3.04 -0.91
CA LEU A 27 -0.60 -3.29 0.21
C LEU A 27 0.72 -2.51 0.07
N ILE A 28 1.12 -1.90 1.17
CA ILE A 28 2.46 -1.35 1.45
C ILE A 28 3.35 -2.48 1.97
N ARG A 29 4.57 -2.57 1.44
CA ARG A 29 5.61 -3.55 1.80
C ARG A 29 7.03 -2.96 1.79
N ILE A 30 7.93 -3.59 2.54
CA ILE A 30 9.36 -3.26 2.71
C ILE A 30 10.26 -4.35 2.06
N SER A 31 11.37 -3.95 1.43
CA SER A 31 12.37 -4.84 0.78
C SER A 31 13.25 -5.58 1.79
N GLU A 32 13.01 -6.87 1.96
CA GLU A 32 13.60 -7.66 3.05
C GLU A 32 15.15 -7.72 3.03
N SER A 33 15.74 -7.82 1.84
CA SER A 33 17.20 -7.81 1.62
C SER A 33 17.82 -6.41 1.54
N SER A 34 16.98 -5.36 1.54
CA SER A 34 17.39 -3.96 1.35
C SER A 34 16.49 -2.99 2.15
N PRO A 35 16.45 -3.07 3.50
CA PRO A 35 15.51 -2.30 4.31
C PRO A 35 15.66 -0.80 4.16
N GLY A 36 14.52 -0.12 4.08
CA GLY A 36 14.43 1.29 3.76
C GLY A 36 13.98 1.56 2.32
N ASP A 37 13.95 0.55 1.45
CA ASP A 37 13.29 0.65 0.14
C ASP A 37 11.90 0.01 0.20
N PHE A 38 10.85 0.84 0.06
CA PHE A 38 9.45 0.43 0.22
C PHE A 38 8.71 0.47 -1.12
N SER A 39 7.58 -0.23 -1.16
CA SER A 39 6.66 -0.26 -2.30
C SER A 39 5.19 -0.28 -1.84
N LEU A 40 4.34 0.41 -2.59
CA LEU A 40 2.89 0.24 -2.64
C LEU A 40 2.52 -0.61 -3.86
N SER A 41 1.57 -1.54 -3.74
CA SER A 41 1.02 -2.34 -4.84
C SER A 41 -0.52 -2.35 -4.81
N VAL A 42 -1.17 -2.34 -5.98
CA VAL A 42 -2.63 -2.21 -6.21
C VAL A 42 -3.17 -3.34 -7.11
N LYS A 43 -4.43 -3.74 -6.87
CA LYS A 43 -5.23 -4.59 -7.76
C LYS A 43 -5.91 -3.71 -8.80
N CYS A 44 -5.65 -4.02 -10.07
CA CYS A 44 -6.17 -3.35 -11.26
C CYS A 44 -6.94 -4.34 -12.19
N PRO A 45 -7.64 -3.88 -13.25
CA PRO A 45 -8.49 -4.74 -14.10
C PRO A 45 -7.72 -5.78 -14.92
N ASP A 46 -6.45 -5.50 -15.26
CA ASP A 46 -5.56 -6.38 -16.04
C ASP A 46 -4.67 -7.30 -15.18
N GLY A 47 -4.63 -7.09 -13.86
CA GLY A 47 -3.78 -7.84 -12.92
C GLY A 47 -3.47 -7.10 -11.61
N VAL A 48 -2.18 -6.90 -11.34
CA VAL A 48 -1.61 -6.16 -10.20
C VAL A 48 -0.45 -5.29 -10.68
N GLN A 49 -0.35 -4.08 -10.11
CA GLN A 49 0.62 -3.06 -10.48
C GLN A 49 1.33 -2.55 -9.21
N HIS A 50 2.62 -2.25 -9.31
CA HIS A 50 3.49 -1.82 -8.23
C HIS A 50 4.05 -0.40 -8.48
N PHE A 51 4.29 0.28 -7.37
CA PHE A 51 4.88 1.60 -7.27
C PHE A 51 5.97 1.55 -6.18
N LYS A 52 7.18 2.02 -6.46
CA LYS A 52 8.19 2.31 -5.45
C LYS A 52 7.76 3.54 -4.65
N VAL A 53 8.02 3.57 -3.34
CA VAL A 53 7.69 4.68 -2.45
C VAL A 53 8.90 4.89 -1.53
N LEU A 54 9.44 6.12 -1.49
CA LEU A 54 10.79 6.42 -0.99
C LEU A 54 10.74 7.67 -0.10
N ARG A 55 11.85 8.03 0.54
CA ARG A 55 11.90 9.16 1.48
C ARG A 55 13.17 9.98 1.31
N ASP A 56 13.01 11.28 1.50
CA ASP A 56 14.05 12.28 1.49
C ASP A 56 15.04 12.04 2.66
N ALA A 57 16.16 12.77 2.73
CA ALA A 57 17.07 12.72 3.88
C ALA A 57 16.42 13.19 5.19
N GLN A 58 15.33 13.97 5.08
CA GLN A 58 14.49 14.41 6.21
C GLN A 58 13.59 13.28 6.76
N SER A 59 13.66 12.10 6.13
CA SER A 59 12.73 10.97 6.25
C SER A 59 11.26 11.34 5.99
N LYS A 60 11.04 12.27 5.04
CA LYS A 60 9.71 12.63 4.51
C LYS A 60 9.46 11.88 3.19
N PHE A 61 8.34 11.19 3.09
CA PHE A 61 8.02 10.21 2.06
C PHE A 61 7.40 10.86 0.82
N PHE A 62 7.68 10.32 -0.36
CA PHE A 62 7.18 10.82 -1.64
C PHE A 62 6.94 9.65 -2.60
N LEU A 63 6.09 9.87 -3.60
CA LEU A 63 5.90 8.95 -4.72
C LEU A 63 6.57 9.49 -6.00
N TRP A 64 6.14 10.65 -6.48
CA TRP A 64 6.66 11.33 -7.66
C TRP A 64 7.55 12.56 -7.33
N VAL A 65 6.98 13.61 -6.71
CA VAL A 65 7.61 14.92 -6.37
C VAL A 65 7.23 15.43 -4.97
N VAL A 66 5.94 15.36 -4.61
CA VAL A 66 5.36 15.86 -3.35
C VAL A 66 5.75 14.99 -2.15
N LYS A 67 6.21 15.61 -1.06
CA LYS A 67 6.60 15.00 0.22
C LYS A 67 5.49 15.05 1.29
N PHE A 68 5.37 13.97 2.06
CA PHE A 68 4.51 13.77 3.23
C PHE A 68 5.34 13.30 4.44
N ASN A 69 4.79 13.39 5.65
CA ASN A 69 5.49 13.09 6.90
C ASN A 69 5.57 11.59 7.24
N SER A 70 4.79 10.77 6.55
CA SER A 70 4.68 9.33 6.75
C SER A 70 4.06 8.66 5.54
N LEU A 71 4.33 7.35 5.37
CA LEU A 71 3.55 6.48 4.49
C LEU A 71 2.04 6.51 4.80
N ASN A 72 1.60 6.60 6.06
CA ASN A 72 0.18 6.73 6.38
C ASN A 72 -0.47 8.02 5.81
N GLU A 73 0.27 9.14 5.76
CA GLU A 73 -0.24 10.40 5.20
C GLU A 73 -0.26 10.42 3.67
N LEU A 74 0.77 9.84 3.06
CA LEU A 74 0.79 9.51 1.64
C LEU A 74 -0.43 8.65 1.25
N VAL A 75 -0.76 7.66 2.09
CA VAL A 75 -1.87 6.73 1.89
C VAL A 75 -3.22 7.45 2.00
N GLU A 76 -3.38 8.34 2.97
CA GLU A 76 -4.58 9.16 3.14
C GLU A 76 -4.88 10.07 1.93
N TYR A 77 -3.88 10.72 1.31
CA TYR A 77 -4.10 11.47 0.07
C TYR A 77 -4.41 10.58 -1.15
N HIS A 78 -3.92 9.34 -1.16
CA HIS A 78 -4.26 8.30 -2.15
C HIS A 78 -5.53 7.49 -1.78
N ARG A 79 -6.24 7.93 -0.73
CA ARG A 79 -7.57 7.48 -0.30
C ARG A 79 -8.63 8.55 -0.62
N THR A 80 -8.28 9.82 -0.41
CA THR A 80 -9.15 10.95 -0.76
C THR A 80 -9.21 11.22 -2.28
N ALA A 81 -8.19 10.82 -3.05
CA ALA A 81 -8.08 10.93 -4.52
C ALA A 81 -7.46 9.64 -5.09
N SER A 82 -7.81 9.29 -6.34
CA SER A 82 -7.37 8.08 -7.02
C SER A 82 -5.88 8.09 -7.40
N VAL A 83 -5.30 6.90 -7.46
CA VAL A 83 -3.90 6.62 -7.87
C VAL A 83 -3.71 6.58 -9.39
N SER A 84 -4.80 6.63 -10.15
CA SER A 84 -4.84 6.72 -11.60
C SER A 84 -5.79 7.84 -12.05
N ARG A 85 -5.61 8.34 -13.27
CA ARG A 85 -6.52 9.27 -13.95
C ARG A 85 -7.40 8.57 -15.01
N SER A 86 -7.15 7.29 -15.29
CA SER A 86 -7.91 6.45 -16.23
C SER A 86 -8.77 5.38 -15.54
N GLN A 87 -8.44 5.03 -14.29
CA GLN A 87 -9.20 4.10 -13.45
C GLN A 87 -9.54 4.77 -12.11
N ASP A 88 -10.68 4.42 -11.54
CA ASP A 88 -11.24 5.05 -10.32
C ASP A 88 -10.72 4.42 -9.01
N VAL A 89 -9.54 3.78 -9.04
CA VAL A 89 -8.93 3.08 -7.89
C VAL A 89 -8.28 4.04 -6.87
N LYS A 90 -8.62 3.85 -5.58
CA LYS A 90 -8.11 4.52 -4.36
C LYS A 90 -8.08 3.53 -3.19
N LEU A 91 -7.25 3.79 -2.18
CA LEU A 91 -6.96 2.85 -1.10
C LEU A 91 -8.20 2.56 -0.23
N ARG A 92 -8.68 1.32 -0.33
CA ARG A 92 -9.89 0.81 0.33
C ARG A 92 -9.69 -0.47 1.15
N ASP A 93 -10.13 -0.41 2.39
CA ASP A 93 -10.26 -1.52 3.34
C ASP A 93 -11.52 -1.35 4.22
N MET A 94 -12.58 -0.78 3.63
CA MET A 94 -13.74 -0.24 4.35
C MET A 94 -14.78 -1.30 4.76
N GLY A 1 -11.88 -10.83 11.32
CA GLY A 1 -11.78 -9.42 10.90
C GLY A 1 -10.75 -9.21 9.79
N GLY A 2 -10.10 -8.03 9.76
CA GLY A 2 -9.11 -7.65 8.76
C GLY A 2 -8.47 -6.28 9.06
N GLY A 3 -7.71 -5.74 8.11
CA GLY A 3 -6.94 -4.49 8.24
C GLY A 3 -5.66 -4.48 7.39
N TRP A 4 -5.20 -3.29 7.00
CA TRP A 4 -4.16 -3.05 6.00
C TRP A 4 -2.71 -3.32 6.50
N TYR A 5 -2.46 -3.40 7.81
CA TYR A 5 -1.09 -3.45 8.39
C TYR A 5 -0.62 -4.88 8.68
N TYR A 6 0.27 -5.35 7.81
CA TYR A 6 0.92 -6.65 7.80
C TYR A 6 1.65 -7.09 9.10
N GLY A 7 2.73 -6.39 9.48
CA GLY A 7 3.72 -6.79 10.51
C GLY A 7 4.99 -7.45 9.91
N ARG A 8 4.84 -8.55 9.17
CA ARG A 8 5.85 -9.13 8.24
C ARG A 8 5.14 -10.03 7.21
N ILE A 9 5.26 -9.64 5.95
CA ILE A 9 4.67 -10.28 4.76
C ILE A 9 5.67 -10.13 3.60
N THR A 10 5.90 -11.22 2.87
CA THR A 10 6.67 -11.28 1.60
C THR A 10 5.81 -10.89 0.40
N ARG A 11 6.42 -10.51 -0.74
CA ARG A 11 5.71 -10.23 -2.00
C ARG A 11 4.83 -11.43 -2.47
N ALA A 12 5.33 -12.67 -2.45
CA ALA A 12 4.59 -13.86 -2.91
C ALA A 12 3.31 -14.13 -2.13
N ASP A 13 3.31 -13.90 -0.81
CA ASP A 13 2.10 -13.89 0.01
C ASP A 13 1.23 -12.68 -0.31
N ALA A 14 1.80 -11.47 -0.32
CA ALA A 14 1.09 -10.22 -0.60
C ALA A 14 0.18 -10.29 -1.83
N GLU A 15 0.70 -10.79 -2.97
CA GLU A 15 -0.07 -11.00 -4.19
C GLU A 15 -1.23 -12.01 -3.98
N LYS A 16 -1.01 -13.09 -3.22
CA LYS A 16 -1.91 -14.24 -3.03
C LYS A 16 -3.14 -13.95 -2.15
N LEU A 17 -2.93 -13.34 -0.99
CA LEU A 17 -3.97 -12.87 -0.07
C LEU A 17 -4.77 -11.67 -0.58
N LEU A 18 -4.23 -10.95 -1.58
CA LEU A 18 -4.84 -9.77 -2.19
C LEU A 18 -5.61 -10.12 -3.47
N SER A 19 -5.16 -11.10 -4.26
CA SER A 19 -5.87 -11.58 -5.47
C SER A 19 -7.23 -12.23 -5.16
N ASN A 20 -7.48 -12.60 -3.90
CA ASN A 20 -8.79 -13.04 -3.37
C ASN A 20 -9.83 -11.90 -3.18
N LYS A 21 -9.40 -10.63 -3.13
CA LYS A 21 -10.20 -9.49 -2.68
C LYS A 21 -10.92 -8.75 -3.83
N HIS A 22 -11.87 -7.88 -3.49
CA HIS A 22 -12.43 -6.87 -4.39
C HIS A 22 -11.39 -5.80 -4.70
N GLU A 23 -11.61 -5.01 -5.75
CA GLU A 23 -10.72 -3.93 -6.15
C GLU A 23 -10.71 -2.75 -5.15
N GLY A 24 -9.51 -2.25 -4.85
CA GLY A 24 -9.24 -1.24 -3.83
C GLY A 24 -9.16 -1.79 -2.39
N ALA A 25 -9.02 -3.11 -2.23
CA ALA A 25 -8.28 -3.67 -1.10
C ALA A 25 -6.78 -3.33 -1.22
N PHE A 26 -6.13 -3.11 -0.07
CA PHE A 26 -4.69 -2.87 0.02
C PHE A 26 -4.08 -3.67 1.18
N LEU A 27 -2.76 -3.71 1.19
CA LEU A 27 -1.92 -3.95 2.35
C LEU A 27 -0.62 -3.17 2.17
N ILE A 28 0.04 -2.89 3.28
CA ILE A 28 1.44 -2.47 3.38
C ILE A 28 2.31 -3.73 3.59
N ARG A 29 3.61 -3.67 3.31
CA ARG A 29 4.61 -4.71 3.63
C ARG A 29 6.00 -4.09 3.79
N ILE A 30 6.81 -4.72 4.63
CA ILE A 30 8.24 -4.39 4.77
C ILE A 30 9.07 -5.11 3.68
N SER A 31 10.24 -4.56 3.34
CA SER A 31 11.32 -5.31 2.71
C SER A 31 11.98 -6.19 3.77
N GLU A 32 11.61 -7.46 3.83
CA GLU A 32 11.93 -8.39 4.95
C GLU A 32 13.43 -8.72 5.07
N SER A 33 14.16 -8.66 3.95
CA SER A 33 15.61 -8.78 3.87
C SER A 33 16.32 -7.41 4.01
N SER A 34 15.59 -6.30 4.16
CA SER A 34 16.13 -4.95 4.31
C SER A 34 15.15 -4.00 5.06
N PRO A 35 14.91 -4.23 6.36
CA PRO A 35 13.89 -3.52 7.13
C PRO A 35 14.12 -2.02 7.25
N GLY A 36 13.02 -1.26 7.35
CA GLY A 36 13.03 0.20 7.23
C GLY A 36 12.83 0.71 5.80
N ASP A 37 12.79 -0.19 4.81
CA ASP A 37 12.19 0.04 3.50
C ASP A 37 10.84 -0.68 3.40
N PHE A 38 9.87 -0.03 2.76
CA PHE A 38 8.48 -0.49 2.68
C PHE A 38 7.88 -0.39 1.25
N SER A 39 6.71 -1.03 1.10
CA SER A 39 5.86 -1.10 -0.11
C SER A 39 4.36 -1.20 0.25
N LEU A 40 3.50 -0.61 -0.59
CA LEU A 40 2.06 -0.80 -0.66
C LEU A 40 1.69 -1.71 -1.85
N SER A 41 0.78 -2.66 -1.63
CA SER A 41 0.14 -3.52 -2.65
C SER A 41 -1.36 -3.23 -2.70
N VAL A 42 -1.97 -3.28 -3.89
CA VAL A 42 -3.39 -2.97 -4.13
C VAL A 42 -4.03 -3.93 -5.14
N LYS A 43 -5.26 -4.37 -4.87
CA LYS A 43 -6.03 -5.24 -5.76
C LYS A 43 -6.57 -4.41 -6.94
N CYS A 44 -6.23 -4.81 -8.17
CA CYS A 44 -6.74 -4.23 -9.43
C CYS A 44 -7.62 -5.26 -10.20
N PRO A 45 -8.32 -4.90 -11.30
CA PRO A 45 -9.21 -5.80 -12.03
C PRO A 45 -8.43 -6.90 -12.77
N ASP A 46 -7.20 -6.60 -13.21
CA ASP A 46 -6.36 -7.53 -13.97
C ASP A 46 -5.36 -8.31 -13.09
N GLY A 47 -5.14 -7.91 -11.83
CA GLY A 47 -4.10 -8.50 -11.00
C GLY A 47 -3.82 -7.71 -9.72
N VAL A 48 -2.61 -7.83 -9.19
CA VAL A 48 -2.08 -7.04 -8.06
C VAL A 48 -0.93 -6.14 -8.52
N GLN A 49 -1.01 -4.86 -8.15
CA GLN A 49 -0.04 -3.80 -8.42
C GLN A 49 0.67 -3.32 -7.14
N HIS A 50 1.93 -2.95 -7.29
CA HIS A 50 2.85 -2.57 -6.22
C HIS A 50 3.42 -1.15 -6.40
N PHE A 51 3.60 -0.51 -5.25
CA PHE A 51 4.19 0.81 -5.07
C PHE A 51 5.28 0.75 -3.98
N LYS A 52 6.46 1.35 -4.22
CA LYS A 52 7.45 1.68 -3.19
C LYS A 52 6.92 2.76 -2.24
N VAL A 53 7.20 2.59 -0.95
CA VAL A 53 6.86 3.51 0.15
C VAL A 53 8.11 3.72 1.02
N LEU A 54 8.81 4.83 0.77
CA LEU A 54 10.17 5.12 1.26
C LEU A 54 10.27 6.59 1.70
N ARG A 55 11.29 6.93 2.50
CA ARG A 55 11.55 8.29 3.01
C ARG A 55 12.48 9.13 2.13
N ASP A 56 12.22 10.43 2.06
CA ASP A 56 13.10 11.42 1.41
C ASP A 56 14.29 11.82 2.29
N ALA A 57 15.12 12.76 1.82
CA ALA A 57 16.27 13.26 2.54
C ALA A 57 15.90 14.05 3.81
N GLN A 58 14.65 14.52 3.91
CA GLN A 58 14.05 15.14 5.09
C GLN A 58 13.48 14.10 6.07
N SER A 59 13.62 12.80 5.74
CA SER A 59 13.14 11.65 6.50
C SER A 59 11.61 11.65 6.67
N LYS A 60 10.88 12.13 5.65
CA LYS A 60 9.43 12.04 5.47
C LYS A 60 9.12 11.02 4.37
N PHE A 61 8.25 10.08 4.70
CA PHE A 61 7.80 8.98 3.84
C PHE A 61 6.85 9.46 2.73
N PHE A 62 6.95 8.86 1.56
CA PHE A 62 6.14 9.18 0.38
C PHE A 62 5.65 7.90 -0.34
N LEU A 63 4.53 8.05 -1.05
CA LEU A 63 3.84 7.03 -1.86
C LEU A 63 3.70 7.55 -3.30
N TRP A 64 2.99 8.68 -3.42
CA TRP A 64 2.74 9.40 -4.65
C TRP A 64 3.57 10.70 -4.65
N VAL A 65 2.97 11.82 -5.05
CA VAL A 65 3.55 13.17 -4.94
C VAL A 65 3.45 13.79 -3.53
N VAL A 66 2.44 13.36 -2.77
CA VAL A 66 2.25 13.62 -1.33
C VAL A 66 3.24 12.84 -0.43
N LYS A 67 3.71 13.50 0.65
CA LYS A 67 4.53 12.93 1.73
C LYS A 67 3.98 13.24 3.13
N PHE A 68 4.46 12.45 4.10
CA PHE A 68 3.88 12.18 5.42
C PHE A 68 4.96 11.69 6.41
N ASN A 69 4.66 11.66 7.71
CA ASN A 69 5.56 11.29 8.80
C ASN A 69 5.49 9.80 9.16
N SER A 70 4.36 9.15 8.91
CA SER A 70 4.17 7.74 9.27
C SER A 70 3.37 7.00 8.22
N LEU A 71 3.59 5.69 8.10
CA LEU A 71 2.84 4.82 7.21
C LEU A 71 1.33 4.91 7.49
N ASN A 72 0.95 4.99 8.78
CA ASN A 72 -0.45 5.02 9.19
C ASN A 72 -1.13 6.36 8.88
N GLU A 73 -0.31 7.42 8.84
CA GLU A 73 -0.75 8.78 8.57
C GLU A 73 -1.31 8.91 7.15
N LEU A 74 -0.66 8.25 6.18
CA LEU A 74 -1.16 8.08 4.82
C LEU A 74 -2.41 7.19 4.78
N VAL A 75 -2.31 5.95 5.31
CA VAL A 75 -3.30 4.87 5.13
C VAL A 75 -4.65 5.16 5.79
N GLU A 76 -4.64 5.92 6.88
CA GLU A 76 -5.84 6.37 7.57
C GLU A 76 -6.53 7.58 6.90
N TYR A 77 -5.81 8.35 6.08
CA TYR A 77 -6.27 9.59 5.48
C TYR A 77 -6.72 9.42 4.02
N HIS A 78 -5.97 8.65 3.22
CA HIS A 78 -6.06 8.67 1.75
C HIS A 78 -7.31 7.98 1.20
N ARG A 79 -8.12 7.32 2.05
CA ARG A 79 -9.29 6.51 1.66
C ARG A 79 -10.45 7.26 1.00
N THR A 80 -10.38 8.59 0.93
CA THR A 80 -11.32 9.47 0.23
C THR A 80 -10.93 9.76 -1.23
N ALA A 81 -9.80 9.28 -1.72
CA ALA A 81 -9.30 9.53 -3.06
C ALA A 81 -8.57 8.30 -3.64
N SER A 82 -8.46 8.27 -4.96
CA SER A 82 -7.73 7.20 -5.63
C SER A 82 -6.22 7.30 -5.45
N VAL A 83 -5.52 6.18 -5.67
CA VAL A 83 -4.05 6.09 -5.62
C VAL A 83 -3.36 6.25 -6.99
N SER A 84 -4.16 6.44 -8.06
CA SER A 84 -3.75 6.69 -9.43
C SER A 84 -4.78 7.58 -10.14
N ARG A 85 -4.33 8.52 -10.98
CA ARG A 85 -5.15 9.54 -11.67
C ARG A 85 -6.22 8.94 -12.60
N SER A 86 -5.98 7.73 -13.12
CA SER A 86 -6.82 7.04 -14.12
C SER A 86 -7.52 5.78 -13.62
N GLN A 87 -7.56 5.58 -12.30
CA GLN A 87 -8.09 4.38 -11.67
C GLN A 87 -9.08 4.67 -10.53
N ASP A 88 -9.96 3.71 -10.24
CA ASP A 88 -11.05 3.83 -9.24
C ASP A 88 -10.70 3.22 -7.86
N VAL A 89 -9.44 2.85 -7.64
CA VAL A 89 -8.97 2.18 -6.41
C VAL A 89 -8.66 3.21 -5.31
N LYS A 90 -9.50 3.19 -4.27
CA LYS A 90 -9.37 3.92 -2.98
C LYS A 90 -9.43 2.93 -1.82
N LEU A 91 -8.86 3.32 -0.68
CA LEU A 91 -8.51 2.38 0.39
C LEU A 91 -9.74 1.85 1.17
N ARG A 92 -10.08 0.59 0.92
CA ARG A 92 -11.24 -0.14 1.47
C ARG A 92 -10.83 -1.48 2.09
N ASP A 93 -11.73 -2.03 2.90
CA ASP A 93 -11.68 -3.42 3.38
C ASP A 93 -13.09 -4.04 3.28
N MET A 94 -13.21 -5.11 2.47
CA MET A 94 -14.44 -5.70 1.94
C MET A 94 -14.46 -7.22 2.18
N GLY A 1 -8.60 5.96 8.73
CA GLY A 1 -7.75 4.77 8.71
C GLY A 1 -7.85 4.06 7.38
N GLY A 2 -6.89 3.18 7.07
CA GLY A 2 -6.83 2.36 5.86
C GLY A 2 -5.47 1.69 5.64
N GLY A 3 -5.29 1.02 4.49
CA GLY A 3 -4.08 0.24 4.19
C GLY A 3 -4.03 -1.15 4.85
N TRP A 4 -2.92 -1.86 4.62
CA TRP A 4 -2.63 -3.18 5.19
C TRP A 4 -1.13 -3.32 5.43
N TYR A 5 -0.73 -3.23 6.71
CA TYR A 5 0.67 -3.12 7.14
C TYR A 5 1.28 -4.51 7.37
N TYR A 6 1.42 -5.22 6.25
CA TYR A 6 2.13 -6.48 5.97
C TYR A 6 3.02 -7.04 7.09
N GLY A 7 4.14 -6.37 7.40
CA GLY A 7 5.26 -6.88 8.22
C GLY A 7 6.51 -7.27 7.41
N ARG A 8 6.43 -8.23 6.48
CA ARG A 8 7.54 -8.69 5.61
C ARG A 8 7.10 -9.23 4.23
N ILE A 9 5.84 -9.06 3.85
CA ILE A 9 5.29 -9.53 2.56
C ILE A 9 6.18 -9.17 1.35
N THR A 10 6.41 -10.14 0.46
CA THR A 10 7.10 -9.98 -0.84
C THR A 10 6.15 -9.66 -2.00
N ARG A 11 6.67 -9.22 -3.15
CA ARG A 11 5.91 -8.95 -4.39
C ARG A 11 5.03 -10.14 -4.79
N ALA A 12 5.61 -11.34 -4.90
CA ALA A 12 4.91 -12.53 -5.33
C ALA A 12 3.70 -12.91 -4.46
N ASP A 13 3.88 -12.87 -3.14
CA ASP A 13 2.76 -12.98 -2.20
C ASP A 13 1.74 -11.85 -2.39
N ALA A 14 2.18 -10.60 -2.54
CA ALA A 14 1.30 -9.44 -2.62
C ALA A 14 0.34 -9.51 -3.82
N GLU A 15 0.83 -9.89 -4.99
CA GLU A 15 0.03 -10.14 -6.19
C GLU A 15 -0.97 -11.29 -6.00
N LYS A 16 -0.61 -12.26 -5.14
CA LYS A 16 -1.38 -13.46 -4.86
C LYS A 16 -2.57 -13.14 -3.95
N LEU A 17 -2.29 -12.66 -2.73
CA LEU A 17 -3.29 -12.39 -1.68
C LEU A 17 -4.24 -11.24 -2.06
N LEU A 18 -3.81 -10.31 -2.90
CA LEU A 18 -4.60 -9.13 -3.27
C LEU A 18 -5.68 -9.39 -4.32
N SER A 19 -5.46 -10.37 -5.18
CA SER A 19 -6.44 -10.87 -6.15
C SER A 19 -7.73 -11.41 -5.51
N ASN A 20 -7.67 -11.84 -4.24
CA ASN A 20 -8.80 -12.27 -3.43
C ASN A 20 -9.81 -11.16 -2.99
N LYS A 21 -9.55 -9.86 -3.24
CA LYS A 21 -10.45 -8.75 -2.85
C LYS A 21 -11.10 -8.06 -4.06
N HIS A 22 -11.82 -6.96 -3.82
CA HIS A 22 -12.32 -6.10 -4.88
C HIS A 22 -11.22 -5.16 -5.39
N GLU A 23 -11.49 -4.43 -6.47
CA GLU A 23 -10.59 -3.41 -6.98
C GLU A 23 -10.56 -2.18 -6.06
N GLY A 24 -9.39 -1.61 -5.83
CA GLY A 24 -9.18 -0.60 -4.79
C GLY A 24 -9.07 -1.19 -3.37
N ALA A 25 -8.92 -2.51 -3.22
CA ALA A 25 -8.16 -3.01 -2.08
C ALA A 25 -6.66 -2.72 -2.30
N PHE A 26 -5.93 -2.46 -1.21
CA PHE A 26 -4.49 -2.25 -1.17
C PHE A 26 -3.79 -2.99 -0.02
N LEU A 27 -2.45 -3.00 -0.07
CA LEU A 27 -1.51 -3.34 1.00
C LEU A 27 -0.18 -2.63 0.79
N ILE A 28 0.53 -2.42 1.89
CA ILE A 28 1.90 -1.96 1.90
C ILE A 28 2.82 -3.21 1.89
N ARG A 29 4.08 -3.06 1.48
CA ARG A 29 5.15 -4.07 1.60
C ARG A 29 6.54 -3.46 1.70
N ILE A 30 7.47 -4.24 2.26
CA ILE A 30 8.92 -3.94 2.32
C ILE A 30 9.67 -4.94 1.44
N SER A 31 10.88 -4.61 1.02
CA SER A 31 11.85 -5.63 0.60
C SER A 31 12.58 -6.18 1.82
N GLU A 32 12.17 -7.36 2.28
CA GLU A 32 12.71 -7.96 3.50
C GLU A 32 14.20 -8.33 3.40
N SER A 33 14.72 -8.61 2.19
CA SER A 33 16.15 -8.78 1.91
C SER A 33 16.95 -7.48 2.03
N SER A 34 16.28 -6.34 1.81
CA SER A 34 16.88 -5.03 1.65
C SER A 34 16.01 -3.91 2.29
N PRO A 35 15.92 -3.83 3.64
CA PRO A 35 15.01 -2.93 4.37
C PRO A 35 15.16 -1.42 4.08
N GLY A 36 14.07 -0.66 4.29
CA GLY A 36 14.05 0.80 4.10
C GLY A 36 13.48 1.27 2.74
N ASP A 37 13.24 0.33 1.82
CA ASP A 37 12.51 0.55 0.55
C ASP A 37 11.12 -0.10 0.63
N PHE A 38 10.07 0.65 0.27
CA PHE A 38 8.67 0.26 0.51
C PHE A 38 7.77 0.57 -0.70
N SER A 39 6.74 -0.25 -0.90
CA SER A 39 5.73 -0.07 -1.94
C SER A 39 4.31 -0.28 -1.41
N LEU A 40 3.39 0.56 -1.87
CA LEU A 40 1.95 0.32 -1.88
C LEU A 40 1.62 -0.55 -3.12
N SER A 41 0.75 -1.53 -2.97
CA SER A 41 0.23 -2.41 -4.04
C SER A 41 -1.30 -2.31 -4.04
N VAL A 42 -1.94 -2.40 -5.19
CA VAL A 42 -3.40 -2.28 -5.41
C VAL A 42 -3.91 -3.35 -6.38
N LYS A 43 -5.14 -3.82 -6.16
CA LYS A 43 -5.90 -4.64 -7.13
C LYS A 43 -6.58 -3.77 -8.21
N CYS A 44 -6.21 -3.97 -9.46
CA CYS A 44 -6.77 -3.33 -10.66
C CYS A 44 -7.82 -4.25 -11.36
N PRO A 45 -8.69 -3.75 -12.26
CA PRO A 45 -9.61 -4.65 -12.98
C PRO A 45 -8.82 -5.65 -13.85
N ASP A 46 -7.64 -5.25 -14.33
CA ASP A 46 -6.76 -6.10 -15.15
C ASP A 46 -5.74 -6.96 -14.37
N GLY A 47 -5.51 -6.71 -13.07
CA GLY A 47 -4.46 -7.40 -12.29
C GLY A 47 -4.09 -6.74 -10.95
N VAL A 48 -2.80 -6.62 -10.64
CA VAL A 48 -2.25 -5.98 -9.43
C VAL A 48 -1.09 -5.06 -9.84
N GLN A 49 -1.10 -3.82 -9.36
CA GLN A 49 -0.11 -2.79 -9.66
C GLN A 49 0.45 -2.11 -8.39
N HIS A 50 1.74 -1.76 -8.42
CA HIS A 50 2.45 -1.10 -7.30
C HIS A 50 2.78 0.39 -7.52
N PHE A 51 3.03 1.07 -6.39
CA PHE A 51 3.44 2.47 -6.19
C PHE A 51 4.54 2.52 -5.10
N LYS A 52 5.79 2.86 -5.44
CA LYS A 52 6.84 3.16 -4.45
C LYS A 52 6.38 4.27 -3.50
N VAL A 53 6.58 4.08 -2.19
CA VAL A 53 6.24 5.03 -1.11
C VAL A 53 7.45 5.21 -0.20
N LEU A 54 8.41 5.97 -0.72
CA LEU A 54 9.70 6.20 -0.08
C LEU A 54 9.70 7.50 0.75
N ARG A 55 10.78 7.71 1.51
CA ARG A 55 11.04 8.92 2.29
C ARG A 55 12.16 9.79 1.76
N ASP A 56 11.87 11.09 1.75
CA ASP A 56 12.74 12.21 1.39
C ASP A 56 13.84 12.46 2.44
N ALA A 57 14.78 13.38 2.16
CA ALA A 57 15.89 13.73 3.04
C ALA A 57 15.41 14.31 4.38
N GLN A 58 14.20 14.91 4.37
CA GLN A 58 13.46 15.43 5.51
C GLN A 58 12.76 14.34 6.38
N SER A 59 12.93 13.05 6.06
CA SER A 59 12.28 11.88 6.71
C SER A 59 10.74 11.90 6.59
N LYS A 60 10.23 12.61 5.57
CA LYS A 60 8.81 12.61 5.18
C LYS A 60 8.61 11.66 4.02
N PHE A 61 7.55 10.86 4.05
CA PHE A 61 7.15 9.95 2.98
C PHE A 61 6.40 10.67 1.86
N PHE A 62 6.47 10.12 0.65
CA PHE A 62 5.70 10.53 -0.53
C PHE A 62 5.40 9.31 -1.42
N LEU A 63 4.46 9.48 -2.35
CA LEU A 63 4.15 8.53 -3.43
C LEU A 63 4.45 9.16 -4.79
N TRP A 64 3.90 10.35 -5.07
CA TRP A 64 4.15 11.16 -6.26
C TRP A 64 5.17 12.30 -6.01
N VAL A 65 4.85 13.27 -5.15
CA VAL A 65 5.74 14.40 -4.76
C VAL A 65 5.34 15.06 -3.43
N VAL A 66 4.04 15.05 -3.11
CA VAL A 66 3.45 15.58 -1.87
C VAL A 66 3.84 14.76 -0.62
N LYS A 67 4.15 15.44 0.49
CA LYS A 67 4.91 14.93 1.65
C LYS A 67 4.09 14.83 2.95
N PHE A 68 4.30 13.76 3.70
CA PHE A 68 3.63 13.41 4.97
C PHE A 68 4.65 12.79 5.97
N ASN A 69 4.44 12.91 7.28
CA ASN A 69 5.32 12.42 8.34
C ASN A 69 5.27 10.90 8.59
N SER A 70 4.31 10.18 8.00
CA SER A 70 4.20 8.72 8.05
C SER A 70 3.48 8.14 6.84
N LEU A 71 3.73 6.87 6.54
CA LEU A 71 2.95 6.09 5.58
C LEU A 71 1.46 6.04 5.94
N ASN A 72 1.10 5.97 7.23
CA ASN A 72 -0.29 6.10 7.69
C ASN A 72 -0.98 7.38 7.14
N GLU A 73 -0.33 8.55 7.25
CA GLU A 73 -0.87 9.83 6.75
C GLU A 73 -1.00 9.92 5.21
N LEU A 74 -0.01 9.42 4.48
CA LEU A 74 -0.06 9.24 3.02
C LEU A 74 -1.26 8.39 2.56
N VAL A 75 -1.47 7.24 3.21
CA VAL A 75 -2.61 6.35 3.02
C VAL A 75 -3.95 7.03 3.33
N GLU A 76 -4.02 7.80 4.41
CA GLU A 76 -5.22 8.55 4.81
C GLU A 76 -5.61 9.61 3.78
N TYR A 77 -4.64 10.27 3.12
CA TYR A 77 -4.91 11.22 2.03
C TYR A 77 -5.52 10.54 0.80
N HIS A 78 -5.03 9.35 0.46
CA HIS A 78 -5.51 8.53 -0.66
C HIS A 78 -6.72 7.62 -0.30
N ARG A 79 -7.35 7.83 0.86
CA ARG A 79 -8.78 7.53 1.10
C ARG A 79 -9.69 8.49 0.31
N THR A 80 -9.28 9.75 0.17
CA THR A 80 -10.08 10.85 -0.41
C THR A 80 -9.71 11.16 -1.86
N ALA A 81 -8.43 11.01 -2.23
CA ALA A 81 -7.91 11.20 -3.57
C ALA A 81 -7.61 9.87 -4.29
N SER A 82 -7.65 9.84 -5.63
CA SER A 82 -7.32 8.63 -6.39
C SER A 82 -5.81 8.39 -6.52
N VAL A 83 -5.36 7.13 -6.50
CA VAL A 83 -3.92 6.73 -6.56
C VAL A 83 -3.33 6.89 -7.97
N SER A 84 -4.21 6.97 -8.97
CA SER A 84 -3.90 7.10 -10.38
C SER A 84 -4.55 8.37 -10.96
N ARG A 85 -3.97 8.86 -12.07
CA ARG A 85 -4.52 9.89 -12.96
C ARG A 85 -5.41 9.36 -14.09
N SER A 86 -5.56 8.04 -14.26
CA SER A 86 -6.37 7.40 -15.33
C SER A 86 -7.36 6.33 -14.86
N GLN A 87 -7.45 6.08 -13.56
CA GLN A 87 -8.35 5.13 -12.89
C GLN A 87 -8.85 5.75 -11.59
N ASP A 88 -10.07 5.40 -11.18
CA ASP A 88 -10.77 5.99 -10.03
C ASP A 88 -10.65 5.13 -8.75
N VAL A 89 -9.67 4.21 -8.68
CA VAL A 89 -9.29 3.45 -7.46
C VAL A 89 -8.69 4.37 -6.37
N LYS A 90 -9.17 4.20 -5.13
CA LYS A 90 -8.77 4.85 -3.86
C LYS A 90 -8.86 3.87 -2.70
N LEU A 91 -8.04 4.07 -1.66
CA LEU A 91 -7.92 3.22 -0.47
C LEU A 91 -9.29 2.89 0.13
N ARG A 92 -9.63 1.59 0.15
CA ARG A 92 -10.66 1.01 1.02
C ARG A 92 -10.08 0.67 2.40
N ASP A 93 -10.96 0.56 3.40
CA ASP A 93 -10.72 -0.01 4.75
C ASP A 93 -11.62 -1.23 5.05
N MET A 94 -12.09 -1.93 4.00
CA MET A 94 -13.12 -2.97 4.07
C MET A 94 -12.61 -4.42 4.15
N GLY A 1 -8.70 1.13 14.47
CA GLY A 1 -8.31 1.44 13.08
C GLY A 1 -7.19 0.50 12.66
N GLY A 2 -6.46 0.85 11.60
CA GLY A 2 -5.38 0.07 11.00
C GLY A 2 -5.88 -1.22 10.32
N GLY A 3 -5.02 -2.23 10.23
CA GLY A 3 -5.34 -3.57 9.69
C GLY A 3 -5.22 -3.70 8.17
N TRP A 4 -5.10 -2.59 7.45
CA TRP A 4 -4.77 -2.57 6.03
C TRP A 4 -3.27 -2.79 5.77
N TYR A 5 -2.39 -2.62 6.77
CA TYR A 5 -0.99 -3.04 6.66
C TYR A 5 -0.89 -4.52 7.05
N TYR A 6 -0.15 -5.34 6.30
CA TYR A 6 0.16 -6.71 6.75
C TYR A 6 1.43 -6.76 7.62
N GLY A 7 2.40 -5.89 7.30
CA GLY A 7 3.82 -6.03 7.64
C GLY A 7 4.65 -6.56 6.46
N ARG A 8 5.43 -7.64 6.69
CA ARG A 8 6.57 -8.11 5.87
C ARG A 8 6.24 -8.85 4.56
N ILE A 9 5.07 -8.59 3.95
CA ILE A 9 4.53 -9.39 2.83
C ILE A 9 5.16 -9.04 1.47
N THR A 10 5.37 -10.06 0.64
CA THR A 10 5.89 -9.92 -0.73
C THR A 10 4.83 -9.51 -1.78
N ARG A 11 5.24 -9.17 -3.01
CA ARG A 11 4.35 -9.01 -4.17
C ARG A 11 3.62 -10.32 -4.59
N ALA A 12 4.26 -11.50 -4.61
CA ALA A 12 3.65 -12.78 -5.07
C ALA A 12 2.53 -13.35 -4.18
N ASP A 13 2.60 -13.14 -2.85
CA ASP A 13 1.43 -13.29 -1.96
C ASP A 13 0.34 -12.24 -2.27
N ALA A 14 0.73 -10.97 -2.43
CA ALA A 14 -0.21 -9.87 -2.67
C ALA A 14 -1.09 -10.06 -3.91
N GLU A 15 -0.49 -10.42 -5.06
CA GLU A 15 -1.20 -10.74 -6.31
C GLU A 15 -2.24 -11.85 -6.11
N LYS A 16 -1.99 -12.78 -5.18
CA LYS A 16 -2.76 -14.00 -4.91
C LYS A 16 -3.97 -13.74 -4.01
N LEU A 17 -3.72 -13.21 -2.80
CA LEU A 17 -4.75 -12.89 -1.83
C LEU A 17 -5.65 -11.73 -2.30
N LEU A 18 -5.06 -10.76 -3.00
CA LEU A 18 -5.77 -9.58 -3.50
C LEU A 18 -6.60 -9.83 -4.76
N SER A 19 -6.20 -10.78 -5.65
CA SER A 19 -7.09 -11.24 -6.75
C SER A 19 -8.45 -11.76 -6.26
N ASN A 20 -8.55 -12.36 -5.07
CA ASN A 20 -9.83 -12.84 -4.52
C ASN A 20 -10.81 -11.74 -4.04
N LYS A 21 -10.36 -10.48 -3.91
CA LYS A 21 -11.19 -9.36 -3.42
C LYS A 21 -12.01 -8.72 -4.56
N HIS A 22 -13.02 -7.91 -4.20
CA HIS A 22 -13.57 -6.85 -5.08
C HIS A 22 -12.59 -5.70 -5.36
N GLU A 23 -12.94 -4.83 -6.32
CA GLU A 23 -12.11 -3.75 -6.84
C GLU A 23 -11.99 -2.55 -5.88
N GLY A 24 -10.79 -1.98 -5.79
CA GLY A 24 -10.45 -0.92 -4.83
C GLY A 24 -9.94 -1.45 -3.48
N ALA A 25 -10.05 -2.75 -3.24
CA ALA A 25 -9.41 -3.39 -2.09
C ALA A 25 -7.89 -3.16 -2.16
N PHE A 26 -7.25 -2.90 -1.02
CA PHE A 26 -5.79 -2.74 -0.94
C PHE A 26 -5.19 -3.25 0.38
N LEU A 27 -3.86 -3.15 0.41
CA LEU A 27 -2.98 -3.45 1.53
C LEU A 27 -1.66 -2.65 1.42
N ILE A 28 -0.97 -2.47 2.55
CA ILE A 28 0.38 -1.91 2.62
C ILE A 28 1.36 -2.94 3.19
N ARG A 29 2.54 -3.05 2.56
CA ARG A 29 3.65 -3.95 2.93
C ARG A 29 5.01 -3.24 2.97
N ILE A 30 5.91 -3.72 3.83
CA ILE A 30 7.33 -3.34 3.89
C ILE A 30 8.23 -4.29 3.10
N SER A 31 9.29 -3.75 2.52
CA SER A 31 10.34 -4.50 1.82
C SER A 31 11.16 -5.28 2.86
N GLU A 32 10.81 -6.53 3.13
CA GLU A 32 11.36 -7.31 4.25
C GLU A 32 12.85 -7.63 4.12
N SER A 33 13.37 -7.72 2.89
CA SER A 33 14.78 -7.92 2.62
C SER A 33 15.58 -6.60 2.63
N SER A 34 14.89 -5.46 2.68
CA SER A 34 15.50 -4.12 2.66
C SER A 34 14.62 -3.04 3.34
N PRO A 35 14.52 -3.04 4.68
CA PRO A 35 13.54 -2.26 5.42
C PRO A 35 13.57 -0.74 5.17
N GLY A 36 12.40 -0.13 5.34
CA GLY A 36 12.20 1.31 5.22
C GLY A 36 11.60 1.78 3.89
N ASP A 37 11.69 0.99 2.81
CA ASP A 37 10.92 1.12 1.56
C ASP A 37 9.63 0.27 1.63
N PHE A 38 8.51 0.84 1.18
CA PHE A 38 7.16 0.26 1.27
C PHE A 38 6.45 0.18 -0.10
N SER A 39 5.33 -0.55 -0.17
CA SER A 39 4.52 -0.79 -1.38
C SER A 39 3.02 -0.90 -1.06
N LEU A 40 2.20 -0.35 -1.96
CA LEU A 40 0.75 -0.50 -2.04
C LEU A 40 0.42 -1.42 -3.20
N SER A 41 -0.52 -2.34 -2.99
CA SER A 41 -1.17 -3.06 -4.10
C SER A 41 -2.70 -2.92 -4.06
N VAL A 42 -3.34 -2.76 -5.22
CA VAL A 42 -4.80 -2.57 -5.37
C VAL A 42 -5.38 -3.62 -6.32
N LYS A 43 -6.64 -4.01 -6.10
CA LYS A 43 -7.43 -4.83 -7.02
C LYS A 43 -8.12 -3.95 -8.08
N CYS A 44 -7.86 -4.23 -9.35
CA CYS A 44 -8.42 -3.63 -10.57
C CYS A 44 -9.33 -4.64 -11.32
N PRO A 45 -10.03 -4.26 -12.41
CA PRO A 45 -10.94 -5.15 -13.13
C PRO A 45 -10.27 -6.29 -13.90
N ASP A 46 -9.02 -6.09 -14.34
CA ASP A 46 -8.19 -7.03 -15.10
C ASP A 46 -7.17 -7.83 -14.25
N GLY A 47 -6.97 -7.46 -12.99
CA GLY A 47 -5.99 -8.07 -12.07
C GLY A 47 -5.59 -7.17 -10.90
N VAL A 48 -4.40 -7.44 -10.35
CA VAL A 48 -3.76 -6.65 -9.29
C VAL A 48 -2.67 -5.74 -9.88
N GLN A 49 -2.63 -4.48 -9.43
CA GLN A 49 -1.70 -3.44 -9.87
C GLN A 49 -0.97 -2.84 -8.65
N HIS A 50 0.27 -2.40 -8.88
CA HIS A 50 1.28 -2.21 -7.84
C HIS A 50 1.90 -0.81 -7.87
N PHE A 51 2.18 -0.29 -6.68
CA PHE A 51 2.82 1.01 -6.46
C PHE A 51 3.88 0.99 -5.34
N LYS A 52 5.11 1.45 -5.63
CA LYS A 52 6.10 1.80 -4.60
C LYS A 52 5.69 3.09 -3.90
N VAL A 53 5.78 3.09 -2.57
CA VAL A 53 5.50 4.22 -1.68
C VAL A 53 6.68 4.40 -0.72
N LEU A 54 7.28 5.59 -0.78
CA LEU A 54 8.63 5.87 -0.27
C LEU A 54 8.71 7.20 0.50
N ARG A 55 9.91 7.62 0.95
CA ARG A 55 10.12 8.74 1.88
C ARG A 55 11.07 9.83 1.35
N ASP A 56 10.81 11.05 1.80
CA ASP A 56 11.69 12.21 1.74
C ASP A 56 12.87 12.05 2.74
N ALA A 57 13.95 12.81 2.59
CA ALA A 57 15.08 12.90 3.53
C ALA A 57 14.65 13.27 4.96
N GLN A 58 13.45 13.84 5.13
CA GLN A 58 12.80 14.08 6.42
C GLN A 58 12.03 12.86 6.99
N SER A 59 12.08 11.68 6.34
CA SER A 59 11.24 10.49 6.63
C SER A 59 9.73 10.82 6.59
N LYS A 60 9.35 11.71 5.67
CA LYS A 60 7.96 12.01 5.29
C LYS A 60 7.58 11.24 4.04
N PHE A 61 6.50 10.47 4.10
CA PHE A 61 6.10 9.57 3.02
C PHE A 61 5.34 10.27 1.90
N PHE A 62 5.55 9.85 0.65
CA PHE A 62 4.85 10.37 -0.53
C PHE A 62 4.70 9.34 -1.67
N LEU A 63 3.73 9.60 -2.56
CA LEU A 63 3.46 8.88 -3.81
C LEU A 63 3.41 9.88 -5.00
N TRP A 64 2.59 10.92 -4.86
CA TRP A 64 2.53 12.13 -5.71
C TRP A 64 3.38 13.30 -5.12
N VAL A 65 3.04 14.56 -5.42
CA VAL A 65 3.78 15.76 -4.95
C VAL A 65 3.56 16.08 -3.46
N VAL A 66 2.35 15.83 -2.92
CA VAL A 66 2.00 16.00 -1.49
C VAL A 66 2.64 14.90 -0.63
N LYS A 67 3.21 15.28 0.51
CA LYS A 67 3.90 14.39 1.47
C LYS A 67 3.37 14.54 2.90
N PHE A 68 3.39 13.44 3.67
CA PHE A 68 2.77 13.30 5.00
C PHE A 68 3.72 12.64 6.02
N ASN A 69 3.41 12.70 7.32
CA ASN A 69 4.31 12.19 8.36
C ASN A 69 4.38 10.65 8.43
N SER A 70 3.34 9.96 7.94
CA SER A 70 3.16 8.51 8.05
C SER A 70 2.42 7.97 6.84
N LEU A 71 2.60 6.68 6.57
CA LEU A 71 1.87 5.92 5.57
C LEU A 71 0.36 5.97 5.85
N ASN A 72 -0.04 5.99 7.12
CA ASN A 72 -1.43 6.18 7.55
C ASN A 72 -2.02 7.53 7.11
N GLU A 73 -1.29 8.63 7.32
CA GLU A 73 -1.71 9.97 6.85
C GLU A 73 -1.83 10.03 5.32
N LEU A 74 -0.85 9.46 4.60
CA LEU A 74 -0.90 9.34 3.14
C LEU A 74 -2.14 8.57 2.65
N VAL A 75 -2.40 7.37 3.19
CA VAL A 75 -3.55 6.53 2.79
C VAL A 75 -4.87 7.22 3.09
N GLU A 76 -4.98 7.83 4.26
CA GLU A 76 -6.19 8.46 4.79
C GLU A 76 -6.61 9.73 4.03
N TYR A 77 -5.70 10.36 3.27
CA TYR A 77 -6.05 11.41 2.30
C TYR A 77 -6.13 10.92 0.84
N HIS A 78 -5.22 10.05 0.38
CA HIS A 78 -5.17 9.60 -1.02
C HIS A 78 -6.35 8.74 -1.45
N ARG A 79 -6.98 8.05 -0.50
CA ARG A 79 -8.31 7.44 -0.64
C ARG A 79 -9.41 8.39 -1.17
N THR A 80 -9.26 9.71 -1.04
CA THR A 80 -10.27 10.70 -1.48
C THR A 80 -10.33 10.91 -3.01
N ALA A 81 -9.37 10.37 -3.75
CA ALA A 81 -9.29 10.34 -5.22
C ALA A 81 -8.95 8.92 -5.73
N SER A 82 -8.81 8.75 -7.04
CA SER A 82 -8.34 7.50 -7.62
C SER A 82 -6.81 7.30 -7.45
N VAL A 83 -6.36 6.05 -7.62
CA VAL A 83 -4.92 5.69 -7.57
C VAL A 83 -4.08 6.24 -8.75
N SER A 84 -4.75 6.64 -9.83
CA SER A 84 -4.21 7.32 -11.01
C SER A 84 -5.34 8.08 -11.74
N ARG A 85 -5.04 9.20 -12.41
CA ARG A 85 -6.02 10.10 -13.07
C ARG A 85 -6.74 9.48 -14.28
N SER A 86 -6.20 8.41 -14.86
CA SER A 86 -6.80 7.64 -15.96
C SER A 86 -7.63 6.42 -15.49
N GLN A 87 -7.79 6.24 -14.17
CA GLN A 87 -8.48 5.09 -13.55
C GLN A 87 -9.57 5.49 -12.56
N ASP A 88 -10.58 4.62 -12.39
CA ASP A 88 -11.71 4.79 -11.46
C ASP A 88 -11.54 3.98 -10.16
N VAL A 89 -10.44 3.23 -10.03
CA VAL A 89 -10.10 2.49 -8.82
C VAL A 89 -9.59 3.44 -7.71
N LYS A 90 -10.07 3.27 -6.48
CA LYS A 90 -9.78 4.10 -5.30
C LYS A 90 -9.64 3.20 -4.07
N LEU A 91 -8.87 3.66 -3.09
CA LEU A 91 -8.57 2.87 -1.90
C LEU A 91 -9.85 2.65 -1.06
N ARG A 92 -10.20 1.38 -0.79
CA ARG A 92 -11.15 0.94 0.25
C ARG A 92 -10.73 -0.37 0.93
N ASP A 93 -11.32 -0.68 2.08
CA ASP A 93 -11.21 -1.98 2.77
C ASP A 93 -12.15 -3.06 2.17
N MET A 94 -11.90 -4.34 2.48
CA MET A 94 -12.66 -5.49 1.98
C MET A 94 -14.03 -5.69 2.66
N GLY A 1 -12.94 -7.95 13.07
CA GLY A 1 -12.44 -7.52 11.76
C GLY A 1 -10.93 -7.52 11.77
N GLY A 2 -10.33 -7.61 10.59
CA GLY A 2 -8.89 -7.62 10.35
C GLY A 2 -8.26 -6.22 10.30
N GLY A 3 -7.23 -6.05 9.46
CA GLY A 3 -6.54 -4.78 9.23
C GLY A 3 -5.56 -4.84 8.05
N TRP A 4 -5.12 -3.68 7.55
CA TRP A 4 -4.26 -3.58 6.37
C TRP A 4 -2.83 -4.08 6.56
N TYR A 5 -2.30 -4.15 7.79
CA TYR A 5 -0.89 -4.52 8.01
C TYR A 5 -0.69 -6.03 7.96
N TYR A 6 0.07 -6.52 6.99
CA TYR A 6 0.38 -7.94 6.78
C TYR A 6 1.86 -8.29 7.06
N GLY A 7 2.76 -7.30 7.13
CA GLY A 7 4.14 -7.48 7.61
C GLY A 7 5.01 -8.33 6.69
N ARG A 8 5.64 -9.38 7.24
CA ARG A 8 6.64 -10.29 6.66
C ARG A 8 6.26 -10.86 5.28
N ILE A 9 4.97 -10.98 4.98
CA ILE A 9 4.37 -11.52 3.74
C ILE A 9 5.04 -11.02 2.45
N THR A 10 5.25 -11.92 1.51
CA THR A 10 5.80 -11.68 0.17
C THR A 10 4.73 -11.34 -0.89
N ARG A 11 5.15 -10.82 -2.05
CA ARG A 11 4.30 -10.58 -3.23
C ARG A 11 3.57 -11.84 -3.73
N ALA A 12 4.27 -12.96 -3.89
CA ALA A 12 3.69 -14.21 -4.38
C ALA A 12 2.52 -14.69 -3.49
N ASP A 13 2.70 -14.62 -2.16
CA ASP A 13 1.61 -14.79 -1.18
C ASP A 13 0.53 -13.71 -1.38
N ALA A 14 0.88 -12.43 -1.38
CA ALA A 14 -0.05 -11.30 -1.54
C ALA A 14 -1.01 -11.44 -2.73
N GLU A 15 -0.54 -11.72 -3.95
CA GLU A 15 -1.36 -12.01 -5.13
C GLU A 15 -2.36 -13.15 -4.87
N LYS A 16 -1.91 -14.23 -4.23
CA LYS A 16 -2.70 -15.45 -3.95
C LYS A 16 -3.91 -15.16 -3.08
N LEU A 17 -3.70 -14.53 -1.93
CA LEU A 17 -4.75 -14.24 -0.95
C LEU A 17 -5.57 -12.97 -1.21
N LEU A 18 -5.10 -12.06 -2.06
CA LEU A 18 -5.71 -10.73 -2.24
C LEU A 18 -6.69 -10.70 -3.42
N SER A 19 -6.42 -11.50 -4.47
CA SER A 19 -7.33 -11.77 -5.61
C SER A 19 -8.62 -12.49 -5.16
N ASN A 20 -8.67 -13.08 -3.96
CA ASN A 20 -9.87 -13.77 -3.45
C ASN A 20 -11.02 -12.80 -3.12
N LYS A 21 -10.68 -11.54 -2.78
CA LYS A 21 -11.59 -10.49 -2.30
C LYS A 21 -12.10 -9.58 -3.43
N HIS A 22 -12.90 -8.57 -3.07
CA HIS A 22 -13.29 -7.46 -3.94
C HIS A 22 -12.11 -6.52 -4.28
N GLU A 23 -12.24 -5.76 -5.36
CA GLU A 23 -11.30 -4.73 -5.78
C GLU A 23 -11.36 -3.51 -4.84
N GLY A 24 -10.19 -3.01 -4.48
CA GLY A 24 -9.99 -1.99 -3.45
C GLY A 24 -9.82 -2.53 -2.03
N ALA A 25 -9.72 -3.84 -1.82
CA ALA A 25 -8.95 -4.35 -0.69
C ALA A 25 -7.44 -4.21 -0.93
N PHE A 26 -6.72 -3.91 0.16
CA PHE A 26 -5.26 -3.76 0.18
C PHE A 26 -4.60 -4.48 1.38
N LEU A 27 -3.27 -4.58 1.32
CA LEU A 27 -2.36 -5.00 2.37
C LEU A 27 -1.02 -4.24 2.29
N ILE A 28 -0.42 -3.91 3.44
CA ILE A 28 0.91 -3.31 3.62
C ILE A 28 1.88 -4.43 4.04
N ARG A 29 3.04 -4.51 3.40
CA ARG A 29 4.06 -5.56 3.62
C ARG A 29 5.50 -5.01 3.58
N ILE A 30 6.41 -5.70 4.27
CA ILE A 30 7.83 -5.35 4.43
C ILE A 30 8.75 -6.26 3.59
N SER A 31 9.93 -5.75 3.25
CA SER A 31 11.01 -6.57 2.71
C SER A 31 11.74 -7.33 3.81
N GLU A 32 11.55 -8.64 3.83
CA GLU A 32 12.17 -9.50 4.83
C GLU A 32 13.72 -9.47 4.78
N SER A 33 14.29 -9.22 3.60
CA SER A 33 15.74 -9.09 3.37
C SER A 33 16.30 -7.66 3.51
N SER A 34 15.46 -6.66 3.77
CA SER A 34 15.86 -5.26 3.97
C SER A 34 14.83 -4.50 4.83
N PRO A 35 14.75 -4.77 6.16
CA PRO A 35 13.75 -4.16 7.03
C PRO A 35 13.81 -2.63 7.00
N GLY A 36 12.62 -2.02 6.99
CA GLY A 36 12.43 -0.58 6.80
C GLY A 36 12.08 -0.18 5.36
N ASP A 37 12.25 -1.08 4.39
CA ASP A 37 11.70 -0.97 3.04
C ASP A 37 10.34 -1.69 2.93
N PHE A 38 9.33 -1.01 2.39
CA PHE A 38 7.93 -1.48 2.33
C PHE A 38 7.26 -1.33 0.95
N SER A 39 6.12 -2.00 0.79
CA SER A 39 5.17 -1.86 -0.33
C SER A 39 3.70 -2.15 0.06
N LEU A 40 2.79 -1.40 -0.56
CA LEU A 40 1.33 -1.58 -0.58
C LEU A 40 0.95 -2.50 -1.77
N SER A 41 0.02 -3.44 -1.59
CA SER A 41 -0.64 -4.21 -2.67
C SER A 41 -2.16 -4.09 -2.62
N VAL A 42 -2.81 -4.20 -3.78
CA VAL A 42 -4.24 -3.96 -4.03
C VAL A 42 -4.83 -4.96 -5.04
N LYS A 43 -6.09 -5.37 -4.84
CA LYS A 43 -6.86 -5.99 -5.91
C LYS A 43 -7.48 -4.90 -6.80
N CYS A 44 -7.15 -4.97 -8.07
CA CYS A 44 -7.73 -4.25 -9.19
C CYS A 44 -8.72 -5.19 -9.94
N PRO A 45 -9.47 -4.71 -10.95
CA PRO A 45 -10.52 -5.54 -11.54
C PRO A 45 -10.00 -6.55 -12.58
N ASP A 46 -8.75 -6.41 -13.02
CA ASP A 46 -8.02 -7.34 -13.89
C ASP A 46 -6.97 -8.21 -13.17
N GLY A 47 -6.56 -7.86 -11.95
CA GLY A 47 -5.55 -8.60 -11.17
C GLY A 47 -5.09 -7.92 -9.87
N VAL A 48 -4.08 -8.49 -9.20
CA VAL A 48 -3.41 -7.88 -8.03
C VAL A 48 -2.15 -7.11 -8.44
N GLN A 49 -2.05 -5.88 -7.97
CA GLN A 49 -1.03 -4.87 -8.28
C GLN A 49 -0.33 -4.40 -6.99
N HIS A 50 0.95 -4.03 -7.11
CA HIS A 50 1.81 -3.54 -6.03
C HIS A 50 2.29 -2.10 -6.28
N PHE A 51 2.61 -1.38 -5.21
CA PHE A 51 3.04 0.02 -5.11
C PHE A 51 4.16 0.13 -4.05
N LYS A 52 5.40 0.44 -4.46
CA LYS A 52 6.50 0.69 -3.52
C LYS A 52 6.22 2.02 -2.81
N VAL A 53 6.10 1.98 -1.49
CA VAL A 53 5.78 3.16 -0.69
C VAL A 53 7.08 3.74 -0.14
N LEU A 54 7.16 5.06 -0.10
CA LEU A 54 8.41 5.81 0.01
C LEU A 54 8.31 6.86 1.13
N ARG A 55 9.42 7.49 1.51
CA ARG A 55 9.48 8.62 2.45
C ARG A 55 10.21 9.81 1.86
N ASP A 56 9.77 11.01 2.19
CA ASP A 56 10.40 12.27 1.83
C ASP A 56 11.68 12.52 2.66
N ALA A 57 12.40 13.59 2.36
CA ALA A 57 13.56 14.12 3.08
C ALA A 57 13.23 14.61 4.50
N GLN A 58 11.96 14.97 4.72
CA GLN A 58 11.34 15.32 6.01
C GLN A 58 10.92 14.08 6.85
N SER A 59 11.23 12.86 6.39
CA SER A 59 10.92 11.57 7.03
C SER A 59 9.42 11.30 7.21
N LYS A 60 8.63 11.80 6.25
CA LYS A 60 7.18 11.63 6.14
C LYS A 60 6.89 10.72 4.94
N PHE A 61 6.12 9.66 5.15
CA PHE A 61 5.83 8.64 4.15
C PHE A 61 4.81 9.13 3.11
N PHE A 62 4.98 8.73 1.85
CA PHE A 62 4.08 9.00 0.73
C PHE A 62 4.01 7.84 -0.29
N LEU A 63 3.15 8.03 -1.31
CA LEU A 63 3.11 7.25 -2.56
C LEU A 63 3.10 8.16 -3.82
N TRP A 64 2.06 9.00 -3.99
CA TRP A 64 1.91 9.91 -5.13
C TRP A 64 2.20 11.37 -4.79
N VAL A 65 1.43 12.00 -3.90
CA VAL A 65 1.52 13.43 -3.58
C VAL A 65 1.44 13.69 -2.07
N VAL A 66 0.35 13.27 -1.42
CA VAL A 66 0.16 13.47 0.03
C VAL A 66 1.20 12.71 0.86
N LYS A 67 1.59 13.29 2.01
CA LYS A 67 2.59 12.74 2.94
C LYS A 67 2.21 12.87 4.43
N PHE A 68 2.56 11.86 5.24
CA PHE A 68 2.16 11.71 6.65
C PHE A 68 3.28 11.06 7.50
N ASN A 69 3.15 11.05 8.83
CA ASN A 69 4.24 10.64 9.75
C ASN A 69 4.53 9.14 9.72
N SER A 70 3.58 8.33 9.26
CA SER A 70 3.70 6.87 9.17
C SER A 70 2.86 6.32 8.01
N LEU A 71 3.09 5.08 7.59
CA LEU A 71 2.26 4.41 6.59
C LEU A 71 0.84 4.17 7.11
N ASN A 72 0.68 3.92 8.40
CA ASN A 72 -0.64 3.81 9.03
C ASN A 72 -1.44 5.12 8.93
N GLU A 73 -0.79 6.27 9.16
CA GLU A 73 -1.40 7.59 8.97
C GLU A 73 -1.68 7.90 7.49
N LEU A 74 -0.75 7.59 6.57
CA LEU A 74 -0.95 7.64 5.12
C LEU A 74 -2.21 6.87 4.68
N VAL A 75 -2.37 5.61 5.12
CA VAL A 75 -3.57 4.78 4.86
C VAL A 75 -4.85 5.43 5.40
N GLU A 76 -4.79 6.07 6.56
CA GLU A 76 -5.96 6.70 7.21
C GLU A 76 -6.52 7.90 6.42
N TYR A 77 -5.71 8.53 5.56
CA TYR A 77 -6.10 9.72 4.79
C TYR A 77 -6.05 9.59 3.25
N HIS A 78 -5.23 8.68 2.70
CA HIS A 78 -5.13 8.39 1.26
C HIS A 78 -6.34 7.62 0.73
N ARG A 79 -7.21 7.10 1.59
CA ARG A 79 -8.58 6.68 1.25
C ARG A 79 -9.45 7.78 0.60
N THR A 80 -9.03 9.04 0.68
CA THR A 80 -9.73 10.18 0.04
C THR A 80 -9.58 10.21 -1.49
N ALA A 81 -8.59 9.51 -2.06
CA ALA A 81 -8.18 9.59 -3.47
C ALA A 81 -7.84 8.21 -4.04
N SER A 82 -7.80 8.08 -5.36
CA SER A 82 -7.41 6.86 -6.06
C SER A 82 -5.91 6.57 -5.93
N VAL A 83 -5.55 5.28 -5.98
CA VAL A 83 -4.15 4.83 -5.89
C VAL A 83 -3.46 4.73 -7.25
N SER A 84 -4.17 5.07 -8.33
CA SER A 84 -3.73 5.00 -9.72
C SER A 84 -4.36 6.13 -10.53
N ARG A 85 -3.70 6.52 -11.63
CA ARG A 85 -4.21 7.44 -12.67
C ARG A 85 -5.14 6.78 -13.69
N SER A 86 -5.14 5.44 -13.77
CA SER A 86 -5.93 4.63 -14.73
C SER A 86 -6.98 3.71 -14.07
N GLN A 87 -7.12 3.73 -12.74
CA GLN A 87 -8.16 3.00 -11.98
C GLN A 87 -8.66 3.87 -10.81
N ASP A 88 -9.95 3.83 -10.46
CA ASP A 88 -10.57 4.69 -9.43
C ASP A 88 -10.57 4.02 -8.04
N VAL A 89 -9.80 2.93 -7.92
CA VAL A 89 -9.62 2.11 -6.73
C VAL A 89 -8.96 2.89 -5.56
N LYS A 90 -9.46 2.73 -4.33
CA LYS A 90 -9.02 3.45 -3.10
C LYS A 90 -9.19 2.61 -1.81
N LEU A 91 -8.41 2.89 -0.76
CA LEU A 91 -8.31 2.08 0.46
C LEU A 91 -9.69 1.85 1.11
N ARG A 92 -10.18 0.59 1.12
CA ARG A 92 -11.41 0.18 1.83
C ARG A 92 -11.15 -0.11 3.31
N ASP A 93 -12.13 0.21 4.15
CA ASP A 93 -12.11 0.07 5.60
C ASP A 93 -12.79 -1.25 6.08
N MET A 94 -13.04 -2.18 5.14
CA MET A 94 -13.79 -3.44 5.33
C MET A 94 -12.95 -4.57 5.94
N GLY A 1 -3.90 -6.34 20.02
CA GLY A 1 -3.38 -5.41 19.02
C GLY A 1 -3.19 -6.14 17.70
N GLY A 2 -3.10 -5.40 16.59
CA GLY A 2 -2.79 -5.93 15.27
C GLY A 2 -2.76 -4.83 14.21
N GLY A 3 -2.64 -5.22 12.94
CA GLY A 3 -2.53 -4.31 11.80
C GLY A 3 -2.19 -5.01 10.48
N TRP A 4 -1.93 -4.21 9.44
CA TRP A 4 -1.60 -4.66 8.08
C TRP A 4 -0.19 -5.22 7.87
N TYR A 5 0.75 -4.91 8.76
CA TYR A 5 2.14 -5.37 8.72
C TYR A 5 2.22 -6.84 9.17
N TYR A 6 2.67 -7.75 8.31
CA TYR A 6 2.94 -9.13 8.73
C TYR A 6 4.22 -9.24 9.57
N GLY A 7 5.24 -8.52 9.11
CA GLY A 7 6.65 -8.77 9.42
C GLY A 7 7.46 -9.03 8.14
N ARG A 8 8.36 -10.01 8.19
CA ARG A 8 9.41 -10.33 7.19
C ARG A 8 8.97 -10.99 5.88
N ILE A 9 7.67 -11.19 5.68
CA ILE A 9 7.09 -11.95 4.55
C ILE A 9 7.60 -11.50 3.16
N THR A 10 7.74 -12.44 2.23
CA THR A 10 8.15 -12.30 0.83
C THR A 10 7.00 -11.99 -0.14
N ARG A 11 7.33 -11.47 -1.32
CA ARG A 11 6.38 -11.21 -2.42
C ARG A 11 5.62 -12.47 -2.85
N ALA A 12 6.33 -13.59 -3.05
CA ALA A 12 5.70 -14.85 -3.47
C ALA A 12 4.74 -15.48 -2.45
N ASP A 13 4.91 -15.30 -1.14
CA ASP A 13 3.85 -15.62 -0.17
C ASP A 13 2.65 -14.69 -0.36
N ALA A 14 2.90 -13.37 -0.44
CA ALA A 14 1.90 -12.32 -0.59
C ALA A 14 0.92 -12.64 -1.71
N GLU A 15 1.46 -12.98 -2.88
CA GLU A 15 0.71 -13.30 -4.09
C GLU A 15 -0.25 -14.48 -3.89
N LYS A 16 0.07 -15.40 -2.97
CA LYS A 16 -0.68 -16.61 -2.63
C LYS A 16 -1.81 -16.27 -1.66
N LEU A 17 -1.47 -15.79 -0.47
CA LEU A 17 -2.40 -15.51 0.63
C LEU A 17 -3.40 -14.40 0.28
N LEU A 18 -2.97 -13.40 -0.50
CA LEU A 18 -3.77 -12.25 -0.91
C LEU A 18 -4.73 -12.54 -2.08
N SER A 19 -4.40 -13.45 -3.00
CA SER A 19 -5.33 -13.89 -4.07
C SER A 19 -6.61 -14.54 -3.54
N ASN A 20 -6.63 -14.99 -2.29
CA ASN A 20 -7.84 -15.47 -1.61
C ASN A 20 -8.87 -14.35 -1.28
N LYS A 21 -8.43 -13.08 -1.24
CA LYS A 21 -9.22 -11.91 -0.83
C LYS A 21 -9.92 -11.21 -2.01
N HIS A 22 -10.82 -10.27 -1.68
CA HIS A 22 -11.40 -9.30 -2.61
C HIS A 22 -10.42 -8.17 -2.92
N GLU A 23 -10.73 -7.40 -3.94
CA GLU A 23 -9.93 -6.28 -4.41
C GLU A 23 -9.84 -5.15 -3.37
N GLY A 24 -8.66 -4.54 -3.21
CA GLY A 24 -8.40 -3.53 -2.17
C GLY A 24 -8.12 -4.09 -0.77
N ALA A 25 -7.95 -5.40 -0.62
CA ALA A 25 -7.18 -5.97 0.48
C ALA A 25 -5.69 -5.71 0.25
N PHE A 26 -4.94 -5.42 1.31
CA PHE A 26 -3.50 -5.24 1.27
C PHE A 26 -2.82 -5.78 2.53
N LEU A 27 -1.49 -5.67 2.52
CA LEU A 27 -0.56 -5.91 3.60
C LEU A 27 0.75 -5.14 3.37
N ILE A 28 1.53 -5.00 4.45
CA ILE A 28 2.84 -4.34 4.50
C ILE A 28 3.88 -5.38 4.94
N ARG A 29 5.06 -5.35 4.32
CA ARG A 29 6.18 -6.28 4.49
C ARG A 29 7.52 -5.53 4.55
N ILE A 30 8.49 -6.12 5.24
CA ILE A 30 9.90 -5.67 5.25
C ILE A 30 10.75 -6.64 4.41
N SER A 31 11.76 -6.13 3.72
CA SER A 31 12.89 -6.92 3.20
C SER A 31 13.84 -7.27 4.36
N GLU A 32 13.58 -8.36 5.07
CA GLU A 32 14.41 -8.80 6.22
C GLU A 32 15.91 -9.01 5.88
N SER A 33 16.26 -9.41 4.66
CA SER A 33 17.67 -9.55 4.23
C SER A 33 18.34 -8.20 3.84
N SER A 34 17.59 -7.09 3.87
CA SER A 34 18.03 -5.73 3.52
C SER A 34 17.08 -4.66 4.15
N PRO A 35 17.06 -4.56 5.50
CA PRO A 35 16.05 -3.80 6.23
C PRO A 35 16.15 -2.29 6.00
N GLY A 36 14.99 -1.64 6.07
CA GLY A 36 14.82 -0.26 5.66
C GLY A 36 14.08 -0.12 4.31
N ASP A 37 14.08 -1.20 3.50
CA ASP A 37 13.26 -1.36 2.29
C ASP A 37 12.00 -2.19 2.60
N PHE A 38 10.83 -1.59 2.36
CA PHE A 38 9.51 -2.14 2.66
C PHE A 38 8.64 -2.19 1.40
N SER A 39 7.49 -2.86 1.48
CA SER A 39 6.47 -2.84 0.43
C SER A 39 5.05 -2.91 1.01
N LEU A 40 4.16 -2.12 0.41
CA LEU A 40 2.71 -2.31 0.40
C LEU A 40 2.35 -3.21 -0.81
N SER A 41 1.47 -4.20 -0.64
CA SER A 41 0.99 -5.05 -1.76
C SER A 41 -0.52 -5.28 -1.66
N VAL A 42 -1.21 -5.36 -2.80
CA VAL A 42 -2.68 -5.27 -2.97
C VAL A 42 -3.24 -6.41 -3.81
N LYS A 43 -4.47 -6.84 -3.53
CA LYS A 43 -5.31 -7.62 -4.47
C LYS A 43 -5.96 -6.67 -5.49
N CYS A 44 -5.59 -6.81 -6.76
CA CYS A 44 -6.07 -6.02 -7.89
C CYS A 44 -6.90 -6.88 -8.87
N PRO A 45 -7.61 -6.27 -9.85
CA PRO A 45 -8.62 -6.97 -10.66
C PRO A 45 -7.99 -7.92 -11.69
N ASP A 46 -6.70 -7.76 -11.97
CA ASP A 46 -5.92 -8.63 -12.86
C ASP A 46 -4.93 -9.57 -12.13
N GLY A 47 -4.75 -9.41 -10.80
CA GLY A 47 -3.77 -10.18 -10.00
C GLY A 47 -3.38 -9.45 -8.71
N VAL A 48 -2.41 -9.98 -7.95
CA VAL A 48 -1.75 -9.27 -6.83
C VAL A 48 -0.59 -8.43 -7.36
N GLN A 49 -0.56 -7.15 -6.99
CA GLN A 49 0.43 -6.15 -7.41
C GLN A 49 1.16 -5.59 -6.20
N HIS A 50 2.39 -5.11 -6.40
CA HIS A 50 3.22 -4.49 -5.37
C HIS A 50 3.51 -3.02 -5.62
N PHE A 51 3.73 -2.29 -4.54
CA PHE A 51 4.25 -0.93 -4.46
C PHE A 51 5.45 -0.88 -3.50
N LYS A 52 6.59 -0.31 -3.91
CA LYS A 52 7.69 -0.05 -2.97
C LYS A 52 7.32 1.12 -2.04
N VAL A 53 7.68 1.01 -0.77
CA VAL A 53 7.50 2.06 0.25
C VAL A 53 8.76 2.13 1.13
N LEU A 54 9.17 3.31 1.55
CA LEU A 54 10.50 3.55 2.11
C LEU A 54 10.41 4.43 3.35
N ARG A 55 11.51 4.49 4.08
CA ARG A 55 11.69 5.37 5.23
C ARG A 55 13.08 5.98 5.22
N ASP A 56 13.13 7.25 5.59
CA ASP A 56 14.33 8.06 5.82
C ASP A 56 15.03 7.70 7.15
N ALA A 57 16.31 8.06 7.26
CA ALA A 57 17.16 7.88 8.45
C ALA A 57 16.69 8.70 9.67
N GLN A 58 15.79 9.65 9.45
CA GLN A 58 15.02 10.36 10.47
C GLN A 58 13.83 9.55 11.05
N SER A 59 13.53 8.38 10.46
CA SER A 59 12.44 7.43 10.81
C SER A 59 11.04 7.89 10.39
N LYS A 60 10.98 8.69 9.32
CA LYS A 60 9.75 9.13 8.63
C LYS A 60 9.58 8.42 7.27
N PHE A 61 8.34 8.10 6.92
CA PHE A 61 7.94 7.23 5.81
C PHE A 61 7.46 8.03 4.60
N PHE A 62 7.79 7.52 3.42
CA PHE A 62 7.59 8.23 2.15
C PHE A 62 7.42 7.29 0.94
N LEU A 63 6.64 7.77 -0.01
CA LEU A 63 6.38 7.22 -1.36
C LEU A 63 6.67 8.32 -2.40
N TRP A 64 6.52 8.00 -3.69
CA TRP A 64 6.76 8.94 -4.78
C TRP A 64 5.76 10.12 -4.84
N VAL A 65 4.57 9.96 -4.26
CA VAL A 65 3.48 10.97 -4.26
C VAL A 65 3.39 11.77 -2.94
N VAL A 66 3.58 11.11 -1.79
CA VAL A 66 3.30 11.67 -0.46
C VAL A 66 4.28 11.15 0.62
N LYS A 67 4.42 11.87 1.75
CA LYS A 67 5.23 11.49 2.92
C LYS A 67 4.60 11.89 4.25
N PHE A 68 4.90 11.11 5.28
CA PHE A 68 4.36 11.19 6.64
C PHE A 68 5.40 10.76 7.71
N ASN A 69 5.18 11.12 8.97
CA ASN A 69 6.05 10.77 10.10
C ASN A 69 5.86 9.32 10.61
N SER A 70 4.85 8.60 10.10
CA SER A 70 4.62 7.18 10.41
C SER A 70 3.99 6.44 9.23
N LEU A 71 4.27 5.14 9.13
CA LEU A 71 3.57 4.25 8.21
C LEU A 71 2.06 4.18 8.48
N ASN A 72 1.58 4.29 9.72
CA ASN A 72 0.16 4.34 10.07
C ASN A 72 -0.58 5.51 9.38
N GLU A 73 0.07 6.68 9.28
CA GLU A 73 -0.40 7.87 8.55
C GLU A 73 -0.43 7.62 7.03
N LEU A 74 0.64 7.07 6.46
CA LEU A 74 0.74 6.68 5.04
C LEU A 74 -0.31 5.63 4.64
N VAL A 75 -0.54 4.63 5.49
CA VAL A 75 -1.60 3.61 5.36
C VAL A 75 -2.99 4.22 5.45
N GLU A 76 -3.24 5.16 6.37
CA GLU A 76 -4.52 5.87 6.49
C GLU A 76 -4.81 6.80 5.29
N TYR A 77 -3.79 7.39 4.66
CA TYR A 77 -3.88 8.16 3.42
C TYR A 77 -4.26 7.29 2.20
N HIS A 78 -3.64 6.11 2.06
CA HIS A 78 -3.98 5.07 1.07
C HIS A 78 -5.22 4.24 1.46
N ARG A 79 -5.76 4.42 2.68
CA ARG A 79 -7.13 4.05 3.06
C ARG A 79 -8.17 5.11 2.64
N THR A 80 -7.83 6.39 2.75
CA THR A 80 -8.71 7.54 2.43
C THR A 80 -8.88 7.81 0.92
N ALA A 81 -7.89 7.47 0.12
CA ALA A 81 -7.77 7.78 -1.30
C ALA A 81 -7.13 6.62 -2.09
N SER A 82 -7.49 6.48 -3.37
CA SER A 82 -7.04 5.38 -4.25
C SER A 82 -5.52 5.33 -4.49
N VAL A 83 -4.94 4.13 -4.55
CA VAL A 83 -3.48 3.87 -4.50
C VAL A 83 -2.70 4.07 -5.81
N SER A 84 -3.37 4.10 -6.97
CA SER A 84 -2.75 4.18 -8.32
C SER A 84 -3.75 4.71 -9.35
N ARG A 85 -3.25 5.18 -10.50
CA ARG A 85 -4.06 5.86 -11.51
C ARG A 85 -4.99 4.97 -12.35
N SER A 86 -4.79 3.65 -12.39
CA SER A 86 -5.52 2.75 -13.29
C SER A 86 -6.53 1.83 -12.59
N GLN A 87 -6.74 1.99 -11.27
CA GLN A 87 -7.62 1.15 -10.46
C GLN A 87 -8.08 1.92 -9.22
N ASP A 88 -9.32 1.68 -8.82
CA ASP A 88 -10.03 2.47 -7.79
C ASP A 88 -9.68 2.05 -6.35
N VAL A 89 -8.92 0.95 -6.16
CA VAL A 89 -8.67 0.31 -4.87
C VAL A 89 -8.01 1.23 -3.83
N LYS A 90 -8.47 1.10 -2.58
CA LYS A 90 -7.95 1.73 -1.35
C LYS A 90 -8.01 0.71 -0.21
N LEU A 91 -7.15 0.81 0.80
CA LEU A 91 -7.07 -0.15 1.91
C LEU A 91 -8.44 -0.23 2.60
N ARG A 92 -9.05 -1.42 2.66
CA ARG A 92 -10.42 -1.62 3.19
C ARG A 92 -10.49 -2.65 4.31
N ASP A 93 -11.15 -2.28 5.41
CA ASP A 93 -11.51 -3.15 6.55
C ASP A 93 -13.03 -3.30 6.70
N MET A 94 -13.75 -3.22 5.56
CA MET A 94 -15.20 -3.45 5.45
C MET A 94 -15.61 -4.93 5.59
N GLY A 1 -3.76 -1.25 14.85
CA GLY A 1 -3.64 -0.17 13.86
C GLY A 1 -4.49 -0.44 12.64
N GLY A 2 -4.19 0.19 11.52
CA GLY A 2 -4.84 -0.03 10.22
C GLY A 2 -4.66 -1.46 9.68
N GLY A 3 -5.68 -2.04 9.06
CA GLY A 3 -5.68 -3.41 8.54
C GLY A 3 -4.92 -3.64 7.23
N TRP A 4 -4.58 -2.59 6.49
CA TRP A 4 -3.89 -2.65 5.20
C TRP A 4 -2.51 -3.36 5.27
N TYR A 5 -1.71 -3.06 6.30
CA TYR A 5 -0.35 -3.60 6.46
C TYR A 5 -0.39 -5.05 6.96
N TYR A 6 0.07 -6.01 6.14
CA TYR A 6 0.20 -7.40 6.60
C TYR A 6 1.34 -7.66 7.60
N GLY A 7 2.42 -6.86 7.55
CA GLY A 7 3.75 -7.32 7.93
C GLY A 7 4.60 -7.76 6.70
N ARG A 8 5.37 -8.85 6.86
CA ARG A 8 6.30 -9.44 5.87
C ARG A 8 5.58 -10.46 4.96
N ILE A 9 5.14 -10.01 3.79
CA ILE A 9 4.54 -10.82 2.72
C ILE A 9 5.21 -10.54 1.36
N THR A 10 5.37 -11.55 0.51
CA THR A 10 5.88 -11.43 -0.86
C THR A 10 4.82 -11.10 -1.94
N ARG A 11 5.26 -10.61 -3.10
CA ARG A 11 4.48 -10.34 -4.33
C ARG A 11 3.63 -11.53 -4.78
N ALA A 12 4.21 -12.73 -4.76
CA ALA A 12 3.54 -13.93 -5.26
C ALA A 12 2.37 -14.37 -4.36
N ASP A 13 2.44 -14.09 -3.06
CA ASP A 13 1.25 -14.18 -2.20
C ASP A 13 0.26 -13.06 -2.52
N ALA A 14 0.76 -11.82 -2.59
CA ALA A 14 -0.02 -10.61 -2.82
C ALA A 14 -0.96 -10.75 -4.04
N GLU A 15 -0.42 -11.12 -5.20
CA GLU A 15 -1.17 -11.27 -6.45
C GLU A 15 -2.21 -12.41 -6.40
N LYS A 16 -2.01 -13.40 -5.51
CA LYS A 16 -2.88 -14.55 -5.25
C LYS A 16 -4.05 -14.20 -4.33
N LEU A 17 -3.78 -13.65 -3.15
CA LEU A 17 -4.81 -13.27 -2.18
C LEU A 17 -5.68 -12.09 -2.65
N LEU A 18 -5.07 -11.10 -3.28
CA LEU A 18 -5.73 -9.88 -3.73
C LEU A 18 -6.64 -10.08 -4.96
N SER A 19 -6.26 -10.98 -5.88
CA SER A 19 -7.13 -11.35 -7.02
C SER A 19 -8.44 -12.00 -6.58
N ASN A 20 -8.53 -12.51 -5.34
CA ASN A 20 -9.74 -13.09 -4.77
C ASN A 20 -10.78 -12.05 -4.26
N LYS A 21 -10.52 -10.74 -4.39
CA LYS A 21 -11.36 -9.65 -3.86
C LYS A 21 -12.09 -8.90 -4.98
N HIS A 22 -12.73 -7.79 -4.65
CA HIS A 22 -13.20 -6.74 -5.58
C HIS A 22 -12.10 -5.71 -5.91
N GLU A 23 -12.28 -4.90 -6.97
CA GLU A 23 -11.35 -3.82 -7.38
C GLU A 23 -11.34 -2.66 -6.36
N GLY A 24 -10.17 -2.08 -6.13
CA GLY A 24 -9.90 -1.13 -5.04
C GLY A 24 -9.77 -1.75 -3.64
N ALA A 25 -9.64 -3.08 -3.53
CA ALA A 25 -9.00 -3.71 -2.38
C ALA A 25 -7.47 -3.53 -2.44
N PHE A 26 -6.81 -3.43 -1.29
CA PHE A 26 -5.37 -3.21 -1.17
C PHE A 26 -4.76 -3.79 0.11
N LEU A 27 -3.44 -3.83 0.10
CA LEU A 27 -2.57 -4.10 1.23
C LEU A 27 -1.21 -3.39 1.07
N ILE A 28 -0.46 -3.29 2.18
CA ILE A 28 0.87 -2.72 2.32
C ILE A 28 1.83 -3.78 2.88
N ARG A 29 3.01 -3.97 2.29
CA ARG A 29 4.09 -4.89 2.71
C ARG A 29 5.46 -4.18 2.83
N ILE A 30 6.32 -4.69 3.72
CA ILE A 30 7.72 -4.27 3.93
C ILE A 30 8.68 -4.82 2.86
N SER A 31 9.63 -3.99 2.41
CA SER A 31 10.80 -4.39 1.60
C SER A 31 11.86 -5.00 2.51
N GLU A 32 11.88 -6.33 2.63
CA GLU A 32 12.68 -7.04 3.65
C GLU A 32 14.19 -6.81 3.47
N SER A 33 14.64 -6.61 2.23
CA SER A 33 16.04 -6.38 1.87
C SER A 33 16.52 -4.96 2.21
N SER A 34 15.60 -4.05 2.53
CA SER A 34 15.80 -2.63 2.83
C SER A 34 14.66 -2.12 3.76
N PRO A 35 14.59 -2.59 5.03
CA PRO A 35 13.55 -2.21 5.98
C PRO A 35 13.47 -0.68 6.17
N GLY A 36 12.27 -0.18 6.44
CA GLY A 36 11.88 1.23 6.35
C GLY A 36 11.23 1.62 5.01
N ASP A 37 11.40 0.81 3.97
CA ASP A 37 10.78 1.00 2.65
C ASP A 37 9.70 -0.07 2.39
N PHE A 38 8.67 0.25 1.59
CA PHE A 38 7.41 -0.49 1.52
C PHE A 38 6.92 -0.60 0.06
N SER A 39 5.97 -1.49 -0.22
CA SER A 39 5.16 -1.44 -1.44
C SER A 39 3.71 -1.80 -1.13
N LEU A 40 2.87 -1.22 -1.97
CA LEU A 40 1.43 -1.35 -2.06
C LEU A 40 1.09 -2.20 -3.28
N SER A 41 0.03 -2.99 -3.19
CA SER A 41 -0.64 -3.61 -4.34
C SER A 41 -2.14 -3.49 -4.20
N VAL A 42 -2.80 -3.30 -5.35
CA VAL A 42 -4.25 -3.10 -5.50
C VAL A 42 -4.79 -4.08 -6.53
N LYS A 43 -6.07 -4.43 -6.45
CA LYS A 43 -6.81 -4.98 -7.59
C LYS A 43 -7.44 -3.90 -8.47
N CYS A 44 -7.19 -4.00 -9.77
CA CYS A 44 -7.95 -3.34 -10.84
C CYS A 44 -8.75 -4.40 -11.63
N PRO A 45 -9.65 -3.99 -12.54
CA PRO A 45 -10.55 -4.90 -13.25
C PRO A 45 -9.83 -5.94 -14.16
N ASP A 46 -8.66 -5.61 -14.73
CA ASP A 46 -7.86 -6.52 -15.57
C ASP A 46 -6.89 -7.39 -14.75
N GLY A 47 -6.60 -6.99 -13.50
CA GLY A 47 -5.68 -7.73 -12.63
C GLY A 47 -5.06 -6.90 -11.49
N VAL A 48 -4.12 -7.51 -10.76
CA VAL A 48 -3.38 -6.89 -9.65
C VAL A 48 -2.14 -6.16 -10.14
N GLN A 49 -1.96 -4.91 -9.68
CA GLN A 49 -0.80 -4.06 -9.94
C GLN A 49 -0.17 -3.55 -8.63
N HIS A 50 1.03 -2.96 -8.70
CA HIS A 50 1.88 -2.58 -7.55
C HIS A 50 2.48 -1.16 -7.68
N PHE A 51 2.68 -0.50 -6.53
CA PHE A 51 3.38 0.78 -6.36
C PHE A 51 4.34 0.73 -5.15
N LYS A 52 5.61 1.07 -5.36
CA LYS A 52 6.59 1.28 -4.27
C LYS A 52 6.28 2.56 -3.50
N VAL A 53 6.29 2.49 -2.17
CA VAL A 53 5.99 3.61 -1.27
C VAL A 53 7.09 3.71 -0.20
N LEU A 54 7.76 4.86 -0.14
CA LEU A 54 8.93 5.11 0.71
C LEU A 54 9.01 6.57 1.17
N ARG A 55 10.07 6.87 1.95
CA ARG A 55 10.35 8.16 2.58
C ARG A 55 11.68 8.80 2.13
N ASP A 56 11.64 10.12 1.98
CA ASP A 56 12.77 10.98 1.64
C ASP A 56 13.78 11.14 2.80
N ALA A 57 14.91 11.79 2.54
CA ALA A 57 15.93 12.18 3.55
C ALA A 57 15.35 13.06 4.67
N GLN A 58 14.19 13.70 4.45
CA GLN A 58 13.45 14.45 5.48
C GLN A 58 12.68 13.57 6.50
N SER A 59 12.65 12.25 6.30
CA SER A 59 11.78 11.25 6.97
C SER A 59 10.29 11.53 6.76
N LYS A 60 9.96 11.82 5.50
CA LYS A 60 8.63 12.17 4.99
C LYS A 60 8.30 11.27 3.79
N PHE A 61 7.18 10.55 3.82
CA PHE A 61 6.66 9.65 2.77
C PHE A 61 6.05 10.34 1.52
N PHE A 62 6.23 9.75 0.34
CA PHE A 62 5.76 10.24 -0.97
C PHE A 62 5.30 9.09 -1.89
N LEU A 63 4.30 9.36 -2.74
CA LEU A 63 3.83 8.48 -3.81
C LEU A 63 3.26 9.28 -4.99
N TRP A 64 2.31 10.17 -4.69
CA TRP A 64 1.42 10.78 -5.69
C TRP A 64 1.83 12.21 -6.03
N VAL A 65 1.17 13.20 -5.41
CA VAL A 65 1.53 14.63 -5.59
C VAL A 65 1.82 15.35 -4.28
N VAL A 66 1.53 14.70 -3.15
CA VAL A 66 1.52 15.30 -1.81
C VAL A 66 2.25 14.39 -0.82
N LYS A 67 2.90 14.97 0.19
CA LYS A 67 3.82 14.31 1.14
C LYS A 67 3.35 14.43 2.59
N PHE A 68 3.60 13.36 3.34
CA PHE A 68 3.20 13.21 4.75
C PHE A 68 4.28 12.54 5.62
N ASN A 69 4.19 12.62 6.95
CA ASN A 69 5.20 12.12 7.90
C ASN A 69 5.12 10.60 8.16
N SER A 70 4.08 9.95 7.63
CA SER A 70 3.85 8.51 7.69
C SER A 70 3.12 7.97 6.46
N LEU A 71 3.42 6.72 6.05
CA LEU A 71 2.60 5.96 5.10
C LEU A 71 1.14 5.82 5.55
N ASN A 72 0.84 5.83 6.85
CA ASN A 72 -0.55 5.82 7.33
C ASN A 72 -1.33 7.08 6.92
N GLU A 73 -0.68 8.26 6.99
CA GLU A 73 -1.23 9.55 6.55
C GLU A 73 -1.38 9.61 5.00
N LEU A 74 -0.42 9.06 4.24
CA LEU A 74 -0.48 8.90 2.77
C LEU A 74 -1.59 7.96 2.28
N VAL A 75 -1.78 6.83 2.96
CA VAL A 75 -2.90 5.89 2.77
C VAL A 75 -4.24 6.57 3.12
N GLU A 76 -4.27 7.44 4.13
CA GLU A 76 -5.47 8.20 4.52
C GLU A 76 -5.92 9.24 3.47
N TYR A 77 -4.98 9.76 2.67
CA TYR A 77 -5.27 10.54 1.46
C TYR A 77 -5.88 9.68 0.33
N HIS A 78 -5.31 8.50 0.08
CA HIS A 78 -5.78 7.54 -0.95
C HIS A 78 -7.01 6.71 -0.55
N ARG A 79 -7.53 6.92 0.67
CA ARG A 79 -8.90 6.60 1.10
C ARG A 79 -9.96 7.49 0.42
N THR A 80 -9.62 8.74 0.09
CA THR A 80 -10.57 9.75 -0.44
C THR A 80 -10.20 10.25 -1.86
N ALA A 81 -8.99 9.98 -2.37
CA ALA A 81 -8.55 10.25 -3.75
C ALA A 81 -8.27 8.96 -4.54
N SER A 82 -8.37 9.00 -5.87
CA SER A 82 -7.95 7.89 -6.73
C SER A 82 -6.45 7.70 -6.82
N VAL A 83 -6.03 6.44 -6.95
CA VAL A 83 -4.61 6.06 -6.93
C VAL A 83 -3.97 6.04 -8.32
N SER A 84 -4.70 6.42 -9.36
CA SER A 84 -4.31 6.30 -10.76
C SER A 84 -5.03 7.34 -11.62
N ARG A 85 -4.41 7.75 -12.72
CA ARG A 85 -4.99 8.61 -13.76
C ARG A 85 -5.97 7.85 -14.68
N SER A 86 -5.92 6.52 -14.73
CA SER A 86 -6.70 5.65 -15.64
C SER A 86 -7.66 4.66 -14.95
N GLN A 87 -7.64 4.61 -13.60
CA GLN A 87 -8.50 3.78 -12.75
C GLN A 87 -9.02 4.61 -11.58
N ASP A 88 -10.30 4.47 -11.20
CA ASP A 88 -10.95 5.33 -10.19
C ASP A 88 -10.86 4.73 -8.76
N VAL A 89 -10.08 3.66 -8.63
CA VAL A 89 -9.93 2.89 -7.38
C VAL A 89 -9.25 3.70 -6.27
N LYS A 90 -9.75 3.49 -5.06
CA LYS A 90 -9.33 4.09 -3.78
C LYS A 90 -9.49 3.06 -2.66
N LEU A 91 -8.84 3.25 -1.51
CA LEU A 91 -8.72 2.21 -0.47
C LEU A 91 -10.06 1.89 0.21
N ARG A 92 -10.57 0.68 -0.01
CA ARG A 92 -11.78 0.09 0.61
C ARG A 92 -11.58 -1.39 0.96
N ASP A 93 -12.38 -1.85 1.92
CA ASP A 93 -12.35 -3.20 2.47
C ASP A 93 -13.67 -3.96 2.16
N MET A 94 -13.67 -5.26 2.48
CA MET A 94 -14.77 -6.22 2.31
C MET A 94 -15.89 -6.13 3.37
N GLY A 1 -11.75 -4.32 7.15
CA GLY A 1 -10.77 -3.52 7.89
C GLY A 1 -9.44 -3.45 7.17
N GLY A 2 -8.78 -2.29 7.14
CA GLY A 2 -7.51 -2.08 6.44
C GLY A 2 -6.31 -2.90 6.98
N GLY A 3 -5.49 -3.44 6.08
CA GLY A 3 -4.38 -4.37 6.39
C GLY A 3 -3.26 -4.42 5.33
N TRP A 4 -3.03 -3.33 4.62
CA TRP A 4 -2.07 -3.23 3.51
C TRP A 4 -0.59 -3.46 3.89
N TYR A 5 -0.18 -3.11 5.11
CA TYR A 5 1.20 -3.23 5.59
C TYR A 5 1.56 -4.69 5.92
N TYR A 6 2.19 -5.39 4.97
CA TYR A 6 2.12 -6.87 4.93
C TYR A 6 3.21 -7.66 5.70
N GLY A 7 4.29 -7.06 6.20
CA GLY A 7 5.27 -7.74 7.08
C GLY A 7 6.65 -8.10 6.46
N ARG A 8 6.76 -8.98 5.45
CA ARG A 8 8.04 -9.24 4.70
C ARG A 8 7.91 -9.50 3.19
N ILE A 9 6.70 -9.30 2.65
CA ILE A 9 6.32 -9.59 1.24
C ILE A 9 7.25 -8.95 0.19
N THR A 10 7.57 -9.73 -0.84
CA THR A 10 8.28 -9.28 -2.06
C THR A 10 7.32 -8.96 -3.21
N ARG A 11 7.76 -8.30 -4.28
CA ARG A 11 6.93 -8.02 -5.48
C ARG A 11 6.35 -9.29 -6.13
N ALA A 12 7.17 -10.34 -6.28
CA ALA A 12 6.75 -11.62 -6.85
C ALA A 12 5.62 -12.31 -6.05
N ASP A 13 5.71 -12.28 -4.73
CA ASP A 13 4.60 -12.69 -3.85
C ASP A 13 3.43 -11.71 -3.94
N ALA A 14 3.65 -10.39 -3.97
CA ALA A 14 2.60 -9.38 -4.09
C ALA A 14 1.69 -9.65 -5.31
N GLU A 15 2.28 -9.88 -6.47
CA GLU A 15 1.58 -10.23 -7.72
C GLU A 15 0.83 -11.57 -7.68
N LYS A 16 1.21 -12.48 -6.78
CA LYS A 16 0.67 -13.84 -6.59
C LYS A 16 -0.64 -13.78 -5.80
N LEU A 17 -0.58 -13.20 -4.61
CA LEU A 17 -1.69 -13.06 -3.64
C LEU A 17 -2.70 -11.93 -3.94
N LEU A 18 -2.25 -10.79 -4.47
CA LEU A 18 -3.08 -9.59 -4.73
C LEU A 18 -4.01 -9.76 -5.94
N SER A 19 -3.52 -10.46 -6.97
CA SER A 19 -4.29 -10.85 -8.15
C SER A 19 -5.56 -11.66 -7.80
N ASN A 20 -5.55 -12.33 -6.64
CA ASN A 20 -6.65 -13.12 -6.07
C ASN A 20 -7.78 -12.25 -5.46
N LYS A 21 -7.58 -10.93 -5.31
CA LYS A 21 -8.49 -9.99 -4.61
C LYS A 21 -9.25 -9.08 -5.57
N HIS A 22 -10.02 -8.16 -5.03
CA HIS A 22 -10.72 -7.09 -5.74
C HIS A 22 -9.76 -6.09 -6.39
N GLU A 23 -10.27 -5.34 -7.36
CA GLU A 23 -9.55 -4.24 -7.96
C GLU A 23 -9.54 -3.02 -7.02
N GLY A 24 -8.42 -2.32 -6.97
CA GLY A 24 -8.14 -1.31 -5.95
C GLY A 24 -7.93 -1.88 -4.53
N ALA A 25 -7.70 -3.19 -4.39
CA ALA A 25 -6.88 -3.74 -3.31
C ALA A 25 -5.40 -3.35 -3.48
N PHE A 26 -4.72 -3.02 -2.38
CA PHE A 26 -3.31 -2.65 -2.30
C PHE A 26 -2.62 -3.38 -1.13
N LEU A 27 -1.29 -3.38 -1.17
CA LEU A 27 -0.38 -3.71 -0.07
C LEU A 27 0.88 -2.81 -0.14
N ILE A 28 1.49 -2.56 1.02
CA ILE A 28 2.70 -1.78 1.22
C ILE A 28 3.68 -2.77 1.81
N ARG A 29 4.80 -3.02 1.12
CA ARG A 29 5.88 -3.78 1.73
C ARG A 29 7.30 -3.43 1.32
N ILE A 30 8.27 -4.27 1.71
CA ILE A 30 9.69 -3.94 1.95
C ILE A 30 10.61 -4.70 0.98
N SER A 31 11.81 -4.17 0.76
CA SER A 31 12.93 -4.89 0.13
C SER A 31 13.54 -5.88 1.12
N GLU A 32 12.95 -7.09 1.24
CA GLU A 32 13.31 -8.06 2.29
C GLU A 32 14.79 -8.48 2.26
N SER A 33 15.38 -8.52 1.07
CA SER A 33 16.81 -8.81 0.87
C SER A 33 17.74 -7.66 1.29
N SER A 34 17.21 -6.45 1.47
CA SER A 34 17.96 -5.27 1.88
C SER A 34 17.06 -4.20 2.57
N PRO A 35 16.62 -4.40 3.84
CA PRO A 35 15.53 -3.64 4.44
C PRO A 35 15.70 -2.10 4.59
N GLY A 36 14.57 -1.39 4.72
CA GLY A 36 14.51 0.09 4.83
C GLY A 36 14.11 0.84 3.55
N ASP A 37 13.91 0.14 2.43
CA ASP A 37 13.32 0.66 1.17
C ASP A 37 12.04 -0.13 0.83
N PHE A 38 10.99 0.55 0.36
CA PHE A 38 9.62 0.02 0.31
C PHE A 38 8.94 0.13 -1.09
N SER A 39 7.87 -0.63 -1.30
CA SER A 39 7.03 -0.69 -2.52
C SER A 39 5.54 -0.81 -2.19
N LEU A 40 4.71 0.00 -2.82
CA LEU A 40 3.27 -0.23 -2.97
C LEU A 40 3.04 -1.25 -4.10
N SER A 41 2.04 -2.13 -3.96
CA SER A 41 1.42 -2.86 -5.05
C SER A 41 -0.10 -2.69 -5.04
N VAL A 42 -0.75 -2.71 -6.22
CA VAL A 42 -2.20 -2.61 -6.43
C VAL A 42 -2.68 -3.57 -7.52
N LYS A 43 -3.91 -4.10 -7.41
CA LYS A 43 -4.63 -4.76 -8.51
C LYS A 43 -5.33 -3.73 -9.40
N CYS A 44 -4.94 -3.71 -10.67
CA CYS A 44 -5.62 -3.05 -11.80
C CYS A 44 -6.41 -4.11 -12.61
N PRO A 45 -7.26 -3.73 -13.59
CA PRO A 45 -8.08 -4.68 -14.34
C PRO A 45 -7.24 -5.68 -15.14
N ASP A 46 -6.15 -5.21 -15.77
CA ASP A 46 -5.27 -6.06 -16.59
C ASP A 46 -4.26 -6.89 -15.79
N GLY A 47 -4.03 -6.55 -14.50
CA GLY A 47 -3.14 -7.27 -13.59
C GLY A 47 -2.63 -6.40 -12.44
N VAL A 48 -1.74 -6.96 -11.63
CA VAL A 48 -1.11 -6.32 -10.47
C VAL A 48 0.11 -5.52 -10.88
N GLN A 49 0.20 -4.28 -10.40
CA GLN A 49 1.25 -3.31 -10.70
C GLN A 49 2.03 -2.91 -9.45
N HIS A 50 3.24 -2.39 -9.68
CA HIS A 50 4.27 -2.06 -8.69
C HIS A 50 4.61 -0.56 -8.71
N PHE A 51 4.76 0.03 -7.53
CA PHE A 51 5.20 1.42 -7.37
C PHE A 51 6.15 1.46 -6.17
N LYS A 52 7.47 1.56 -6.42
CA LYS A 52 8.41 1.88 -5.35
C LYS A 52 8.02 3.18 -4.61
N VAL A 53 8.18 3.22 -3.29
CA VAL A 53 7.85 4.36 -2.42
C VAL A 53 9.02 4.69 -1.49
N LEU A 54 9.55 5.91 -1.62
CA LEU A 54 10.89 6.30 -1.19
C LEU A 54 10.88 7.66 -0.48
N ARG A 55 12.05 8.08 0.06
CA ARG A 55 12.21 9.28 0.90
C ARG A 55 13.39 10.18 0.48
N ASP A 56 13.10 11.46 0.37
CA ASP A 56 13.97 12.55 -0.08
C ASP A 56 14.95 13.04 1.01
N ALA A 57 15.95 13.83 0.63
CA ALA A 57 16.98 14.44 1.49
C ALA A 57 16.39 15.33 2.60
N GLN A 58 15.13 15.73 2.43
CA GLN A 58 14.29 16.41 3.43
C GLN A 58 13.79 15.51 4.57
N SER A 59 14.04 14.19 4.52
CA SER A 59 13.54 13.17 5.43
C SER A 59 12.01 13.02 5.39
N LYS A 60 11.44 13.07 4.18
CA LYS A 60 10.01 12.92 3.89
C LYS A 60 9.80 11.92 2.73
N PHE A 61 8.89 10.98 2.94
CA PHE A 61 8.42 10.02 1.94
C PHE A 61 7.58 10.72 0.87
N PHE A 62 7.74 10.27 -0.37
CA PHE A 62 7.02 10.71 -1.57
C PHE A 62 6.63 9.53 -2.48
N LEU A 63 5.54 9.70 -3.26
CA LEU A 63 5.18 8.83 -4.39
C LEU A 63 5.05 9.62 -5.71
N TRP A 64 4.31 10.73 -5.69
CA TRP A 64 4.22 11.72 -6.77
C TRP A 64 4.94 13.03 -6.38
N VAL A 65 4.40 14.22 -6.69
CA VAL A 65 5.03 15.52 -6.33
C VAL A 65 4.93 15.82 -4.82
N VAL A 66 3.84 15.37 -4.19
CA VAL A 66 3.57 15.51 -2.75
C VAL A 66 4.44 14.58 -1.91
N LYS A 67 4.86 15.08 -0.74
CA LYS A 67 5.66 14.41 0.29
C LYS A 67 5.25 14.78 1.72
N PHE A 68 5.34 13.82 2.62
CA PHE A 68 5.05 13.92 4.07
C PHE A 68 6.07 13.08 4.85
N ASN A 69 6.13 13.23 6.17
CA ASN A 69 7.09 12.54 7.05
C ASN A 69 6.93 11.00 7.09
N SER A 70 5.81 10.44 6.60
CA SER A 70 5.55 8.99 6.53
C SER A 70 4.78 8.62 5.26
N LEU A 71 4.84 7.34 4.84
CA LEU A 71 3.95 6.82 3.80
C LEU A 71 2.49 6.77 4.25
N ASN A 72 2.21 6.76 5.57
CA ASN A 72 0.85 6.79 6.08
C ASN A 72 0.14 8.11 5.79
N GLU A 73 0.87 9.22 5.83
CA GLU A 73 0.33 10.52 5.42
C GLU A 73 0.07 10.65 3.90
N LEU A 74 0.86 10.02 3.02
CA LEU A 74 0.51 9.83 1.60
C LEU A 74 -0.77 8.99 1.41
N VAL A 75 -0.79 7.80 2.03
CA VAL A 75 -1.84 6.78 1.89
C VAL A 75 -3.22 7.26 2.38
N GLU A 76 -3.28 8.15 3.37
CA GLU A 76 -4.52 8.78 3.88
C GLU A 76 -5.28 9.58 2.81
N TYR A 77 -4.61 10.08 1.77
CA TYR A 77 -5.28 10.67 0.60
C TYR A 77 -5.62 9.59 -0.46
N HIS A 78 -4.73 8.60 -0.64
CA HIS A 78 -4.82 7.49 -1.62
C HIS A 78 -5.99 6.53 -1.43
N ARG A 79 -6.66 6.58 -0.27
CA ARG A 79 -7.93 5.86 0.04
C ARG A 79 -9.21 6.58 -0.40
N THR A 80 -9.09 7.84 -0.84
CA THR A 80 -10.22 8.69 -1.26
C THR A 80 -10.04 9.24 -2.67
N ALA A 81 -8.81 9.51 -3.07
CA ALA A 81 -8.47 10.02 -4.39
C ALA A 81 -7.66 8.97 -5.15
N SER A 82 -7.79 8.98 -6.48
CA SER A 82 -7.17 7.97 -7.32
C SER A 82 -5.64 8.06 -7.25
N VAL A 83 -4.98 6.90 -7.21
CA VAL A 83 -3.52 6.76 -7.07
C VAL A 83 -2.76 7.06 -8.36
N SER A 84 -3.49 7.15 -9.47
CA SER A 84 -3.01 7.46 -10.81
C SER A 84 -3.85 8.55 -11.51
N ARG A 85 -3.32 9.16 -12.57
CA ARG A 85 -4.01 10.03 -13.54
C ARG A 85 -4.67 9.26 -14.69
N SER A 86 -4.32 7.98 -14.85
CA SER A 86 -4.73 7.08 -15.94
C SER A 86 -5.58 5.87 -15.53
N GLN A 87 -5.82 5.68 -14.23
CA GLN A 87 -6.66 4.62 -13.64
C GLN A 87 -7.34 5.18 -12.39
N ASP A 88 -8.60 4.79 -12.15
CA ASP A 88 -9.48 5.34 -11.12
C ASP A 88 -9.45 4.57 -9.78
N VAL A 89 -8.47 3.67 -9.58
CA VAL A 89 -8.24 2.89 -8.34
C VAL A 89 -7.78 3.77 -7.14
N LYS A 90 -8.29 3.46 -5.93
CA LYS A 90 -7.96 4.02 -4.59
C LYS A 90 -8.06 2.93 -3.53
N LEU A 91 -7.37 3.04 -2.39
CA LEU A 91 -7.30 1.97 -1.36
C LEU A 91 -8.71 1.64 -0.84
N ARG A 92 -9.14 0.40 -1.12
CA ARG A 92 -10.47 -0.20 -0.91
C ARG A 92 -10.68 -0.98 0.40
N ASP A 93 -11.76 -0.68 1.12
CA ASP A 93 -12.24 -1.42 2.30
C ASP A 93 -13.77 -1.64 2.24
N MET A 94 -14.32 -1.79 1.02
CA MET A 94 -15.78 -1.82 0.70
C MET A 94 -16.16 -2.63 -0.54
#